data_3VGX
# 
_entry.id   3VGX 
# 
_audit_conform.dict_name       mmcif_pdbx.dic 
_audit_conform.dict_version    5.398 
_audit_conform.dict_location   http://mmcif.pdb.org/dictionaries/ascii/mmcif_pdbx.dic 
# 
loop_
_database_2.database_id 
_database_2.database_code 
_database_2.pdbx_database_accession 
_database_2.pdbx_DOI 
PDB   3VGX         pdb_00003vgx 10.2210/pdb3vgx/pdb 
RCSB  RCSB095030   ?            ?                   
WWPDB D_1000095030 ?            ?                   
# 
loop_
_pdbx_audit_revision_history.ordinal 
_pdbx_audit_revision_history.data_content_type 
_pdbx_audit_revision_history.major_revision 
_pdbx_audit_revision_history.minor_revision 
_pdbx_audit_revision_history.revision_date 
1 'Structure model' 1 0 2012-04-25 
2 'Structure model' 1 1 2013-06-26 
3 'Structure model' 1 2 2023-11-08 
4 'Structure model' 1 3 2024-11-06 
# 
_pdbx_audit_revision_details.ordinal             1 
_pdbx_audit_revision_details.revision_ordinal    1 
_pdbx_audit_revision_details.data_content_type   'Structure model' 
_pdbx_audit_revision_details.provider            repository 
_pdbx_audit_revision_details.type                'Initial release' 
_pdbx_audit_revision_details.description         ? 
_pdbx_audit_revision_details.details             ? 
# 
loop_
_pdbx_audit_revision_group.ordinal 
_pdbx_audit_revision_group.revision_ordinal 
_pdbx_audit_revision_group.data_content_type 
_pdbx_audit_revision_group.group 
1 2 'Structure model' 'Database references'    
2 3 'Structure model' 'Data collection'        
3 3 'Structure model' 'Database references'    
4 3 'Structure model' 'Derived calculations'   
5 3 'Structure model' 'Refinement description' 
6 4 'Structure model' 'Structure summary'      
# 
loop_
_pdbx_audit_revision_category.ordinal 
_pdbx_audit_revision_category.revision_ordinal 
_pdbx_audit_revision_category.data_content_type 
_pdbx_audit_revision_category.category 
1  3 'Structure model' chem_comp_atom                
2  3 'Structure model' chem_comp_bond                
3  3 'Structure model' database_2                    
4  3 'Structure model' pdbx_initial_refinement_model 
5  3 'Structure model' pdbx_struct_special_symmetry  
6  3 'Structure model' struct_conn                   
7  3 'Structure model' struct_ref_seq_dif            
8  3 'Structure model' struct_site                   
9  4 'Structure model' pdbx_entry_details            
10 4 'Structure model' pdbx_modification_feature     
# 
loop_
_pdbx_audit_revision_item.ordinal 
_pdbx_audit_revision_item.revision_ordinal 
_pdbx_audit_revision_item.data_content_type 
_pdbx_audit_revision_item.item 
1 3 'Structure model' '_database_2.pdbx_DOI'                
2 3 'Structure model' '_database_2.pdbx_database_accession' 
3 3 'Structure model' '_struct_conn.pdbx_leaving_atom_flag' 
4 3 'Structure model' '_struct_ref_seq_dif.details'         
5 3 'Structure model' '_struct_site.pdbx_auth_asym_id'      
6 3 'Structure model' '_struct_site.pdbx_auth_comp_id'      
7 3 'Structure model' '_struct_site.pdbx_auth_seq_id'       
# 
_pdbx_database_status.status_code                     REL 
_pdbx_database_status.entry_id                        3VGX 
_pdbx_database_status.recvd_initial_deposition_date   2011-08-22 
_pdbx_database_status.deposit_site                    PDBJ 
_pdbx_database_status.process_site                    PDBJ 
_pdbx_database_status.status_code_sf                  REL 
_pdbx_database_status.status_code_mr                  ? 
_pdbx_database_status.SG_entry                        ? 
_pdbx_database_status.status_code_cs                  ? 
_pdbx_database_status.methods_development_category    ? 
_pdbx_database_status.pdb_format_compatible           Y 
_pdbx_database_status.status_code_nmr_data            ? 
# 
loop_
_pdbx_database_related.db_name 
_pdbx_database_related.db_id 
_pdbx_database_related.details 
_pdbx_database_related.content_type 
PDB 3VGY . unspecified 
PDB 3VH7 . unspecified 
# 
loop_
_audit_author.name 
_audit_author.pdbx_ordinal 
'Yao, X.'           1 
'Waltersperger, S.' 2 
'Wang, M.'          3 
'Cui, S.'           4 
# 
_citation.id                        primary 
_citation.title                     
'Discovery of critical residues for viral entry and inhibition through structural Insight of HIV-1 fusion inhibitor CP621-652.' 
_citation.journal_abbrev            J.Biol.Chem. 
_citation.journal_volume            287 
_citation.page_first                20281 
_citation.page_last                 20289 
_citation.year                      2012 
_citation.journal_id_ASTM           JBCHA3 
_citation.country                   US 
_citation.journal_id_ISSN           0021-9258 
_citation.journal_id_CSD            0071 
_citation.book_publisher            ? 
_citation.pdbx_database_id_PubMed   22511760 
_citation.pdbx_database_id_DOI      10.1074/jbc.M112.354126 
# 
loop_
_citation_author.citation_id 
_citation_author.name 
_citation_author.ordinal 
_citation_author.identifier_ORCID 
primary 'Chong, H.'         1 ? 
primary 'Yao, X.'           2 ? 
primary 'Qiu, Z.'           3 ? 
primary 'Qin, B.'           4 ? 
primary 'Han, R.'           5 ? 
primary 'Waltersperger, S.' 6 ? 
primary 'Wang, M.'          7 ? 
primary 'Cui, S.'           8 ? 
primary 'He, Y.'            9 ? 
# 
loop_
_entity.id 
_entity.type 
_entity.src_method 
_entity.pdbx_description 
_entity.formula_weight 
_entity.pdbx_number_of_molecules 
_entity.pdbx_ec 
_entity.pdbx_mutation 
_entity.pdbx_fragment 
_entity.details 
1 polymer     syn 'Envelope glycoprotein gp160' 4515.291 1  ? ? 'NHR (UNP RESIDIES 553-590)' ? 
2 polymer     syn 'Envelope glycoprotein gp160' 4026.382 1  ? ? 'CHR (UNP RESIDIES 621-652)' ? 
3 non-polymer syn 'ACETIC ACID'                 60.052   1  ? ? ?                            ? 
4 non-polymer syn GLYCEROL                      92.094   1  ? ? ?                            ? 
5 water       nat water                         18.015   87 ? ? ?                            ? 
# 
loop_
_entity_name_com.entity_id 
_entity_name_com.name 
1 'Env polyprotein, Surface protein gp120, SU, Glycoprotein 120, gp120, Transmembrane protein gp41, TM, Glycoprotein 41, gp41' 
2 'Env polyprotein, Surface protein gp120, SU, Glycoprotein 120, gp120, Transmembrane protein gp41, TM, Glycoprotein 41, gp41' 
# 
loop_
_entity_poly.entity_id 
_entity_poly.type 
_entity_poly.nstd_linkage 
_entity_poly.nstd_monomer 
_entity_poly.pdbx_seq_one_letter_code 
_entity_poly.pdbx_seq_one_letter_code_can 
_entity_poly.pdbx_strand_id 
_entity_poly.pdbx_target_identifier 
1 'polypeptide(L)' no yes '(ACE)NNLLRAIEAQQHLLQLTVWGIKQLQARILAVERYLKDQ(NH2)' XNNLLRAIEAQQHLLQLTVWGIKQLQARILAVERYLKDQX C ? 
2 'polypeptide(L)' no no  QIWNNMTWMEWDREINNYTSLIHSLIEESQNQ                   QIWNNMTWMEWDREINNYTSLIHSLIEESQNQ         D ? 
# 
loop_
_pdbx_entity_nonpoly.entity_id 
_pdbx_entity_nonpoly.name 
_pdbx_entity_nonpoly.comp_id 
3 'ACETIC ACID' ACY 
4 GLYCEROL      GOL 
5 water         HOH 
# 
loop_
_entity_poly_seq.entity_id 
_entity_poly_seq.num 
_entity_poly_seq.mon_id 
_entity_poly_seq.hetero 
1 1  ACE n 
1 2  ASN n 
1 3  ASN n 
1 4  LEU n 
1 5  LEU n 
1 6  ARG n 
1 7  ALA n 
1 8  ILE n 
1 9  GLU n 
1 10 ALA n 
1 11 GLN n 
1 12 GLN n 
1 13 HIS n 
1 14 LEU n 
1 15 LEU n 
1 16 GLN n 
1 17 LEU n 
1 18 THR n 
1 19 VAL n 
1 20 TRP n 
1 21 GLY n 
1 22 ILE n 
1 23 LYS n 
1 24 GLN n 
1 25 LEU n 
1 26 GLN n 
1 27 ALA n 
1 28 ARG n 
1 29 ILE n 
1 30 LEU n 
1 31 ALA n 
1 32 VAL n 
1 33 GLU n 
1 34 ARG n 
1 35 TYR n 
1 36 LEU n 
1 37 LYS n 
1 38 ASP n 
1 39 GLN n 
1 40 NH2 n 
2 1  GLN n 
2 2  ILE n 
2 3  TRP n 
2 4  ASN n 
2 5  ASN n 
2 6  MET n 
2 7  THR n 
2 8  TRP n 
2 9  MET n 
2 10 GLU n 
2 11 TRP n 
2 12 ASP n 
2 13 ARG n 
2 14 GLU n 
2 15 ILE n 
2 16 ASN n 
2 17 ASN n 
2 18 TYR n 
2 19 THR n 
2 20 SER n 
2 21 LEU n 
2 22 ILE n 
2 23 HIS n 
2 24 SER n 
2 25 LEU n 
2 26 ILE n 
2 27 GLU n 
2 28 GLU n 
2 29 SER n 
2 30 GLN n 
2 31 ASN n 
2 32 GLN n 
# 
loop_
_pdbx_entity_src_syn.entity_id 
_pdbx_entity_src_syn.pdbx_src_id 
_pdbx_entity_src_syn.pdbx_alt_source_flag 
_pdbx_entity_src_syn.pdbx_beg_seq_num 
_pdbx_entity_src_syn.pdbx_end_seq_num 
_pdbx_entity_src_syn.organism_scientific 
_pdbx_entity_src_syn.organism_common_name 
_pdbx_entity_src_syn.ncbi_taxonomy_id 
_pdbx_entity_src_syn.details 
1 1 sample ? ? 'Human immunodeficiency virus type 1' HIV-1 11676 'This sequence occurs naturally in humans.' 
2 1 sample ? ? 'Human immunodeficiency virus type 1' HIV-1 11676 'This sequence occurs naturally in humans.' 
# 
loop_
_chem_comp.id 
_chem_comp.type 
_chem_comp.mon_nstd_flag 
_chem_comp.name 
_chem_comp.pdbx_synonyms 
_chem_comp.formula 
_chem_comp.formula_weight 
ACE non-polymer         . 'ACETYL GROUP'  ?                               'C2 H4 O'        44.053  
ACY non-polymer         . 'ACETIC ACID'   ?                               'C2 H4 O2'       60.052  
ALA 'L-peptide linking' y ALANINE         ?                               'C3 H7 N O2'     89.093  
ARG 'L-peptide linking' y ARGININE        ?                               'C6 H15 N4 O2 1' 175.209 
ASN 'L-peptide linking' y ASPARAGINE      ?                               'C4 H8 N2 O3'    132.118 
ASP 'L-peptide linking' y 'ASPARTIC ACID' ?                               'C4 H7 N O4'     133.103 
GLN 'L-peptide linking' y GLUTAMINE       ?                               'C5 H10 N2 O3'   146.144 
GLU 'L-peptide linking' y 'GLUTAMIC ACID' ?                               'C5 H9 N O4'     147.129 
GLY 'peptide linking'   y GLYCINE         ?                               'C2 H5 N O2'     75.067  
GOL non-polymer         . GLYCEROL        'GLYCERIN; PROPANE-1,2,3-TRIOL' 'C3 H8 O3'       92.094  
HIS 'L-peptide linking' y HISTIDINE       ?                               'C6 H10 N3 O2 1' 156.162 
HOH non-polymer         . WATER           ?                               'H2 O'           18.015  
ILE 'L-peptide linking' y ISOLEUCINE      ?                               'C6 H13 N O2'    131.173 
LEU 'L-peptide linking' y LEUCINE         ?                               'C6 H13 N O2'    131.173 
LYS 'L-peptide linking' y LYSINE          ?                               'C6 H15 N2 O2 1' 147.195 
MET 'L-peptide linking' y METHIONINE      ?                               'C5 H11 N O2 S'  149.211 
NH2 non-polymer         . 'AMINO GROUP'   ?                               'H2 N'           16.023  
SER 'L-peptide linking' y SERINE          ?                               'C3 H7 N O3'     105.093 
THR 'L-peptide linking' y THREONINE       ?                               'C4 H9 N O3'     119.119 
TRP 'L-peptide linking' y TRYPTOPHAN      ?                               'C11 H12 N2 O2'  204.225 
TYR 'L-peptide linking' y TYROSINE        ?                               'C9 H11 N O3'    181.189 
VAL 'L-peptide linking' y VALINE          ?                               'C5 H11 N O2'    117.146 
# 
loop_
_pdbx_poly_seq_scheme.asym_id 
_pdbx_poly_seq_scheme.entity_id 
_pdbx_poly_seq_scheme.seq_id 
_pdbx_poly_seq_scheme.mon_id 
_pdbx_poly_seq_scheme.ndb_seq_num 
_pdbx_poly_seq_scheme.pdb_seq_num 
_pdbx_poly_seq_scheme.auth_seq_num 
_pdbx_poly_seq_scheme.pdb_mon_id 
_pdbx_poly_seq_scheme.auth_mon_id 
_pdbx_poly_seq_scheme.pdb_strand_id 
_pdbx_poly_seq_scheme.pdb_ins_code 
_pdbx_poly_seq_scheme.hetero 
A 1 1  ACE 1  552 552 ACE ACE C . n 
A 1 2  ASN 2  553 553 ASN ASN C . n 
A 1 3  ASN 3  554 554 ASN ASN C . n 
A 1 4  LEU 4  555 555 LEU LEU C . n 
A 1 5  LEU 5  556 556 LEU LEU C . n 
A 1 6  ARG 6  557 557 ARG ARG C . n 
A 1 7  ALA 7  558 558 ALA ALA C . n 
A 1 8  ILE 8  559 559 ILE ILE C . n 
A 1 9  GLU 9  560 560 GLU GLU C . n 
A 1 10 ALA 10 561 561 ALA ALA C . n 
A 1 11 GLN 11 562 562 GLN GLN C . n 
A 1 12 GLN 12 563 563 GLN GLN C . n 
A 1 13 HIS 13 564 564 HIS HIS C . n 
A 1 14 LEU 14 565 565 LEU LEU C . n 
A 1 15 LEU 15 566 566 LEU LEU C . n 
A 1 16 GLN 16 567 567 GLN GLN C . n 
A 1 17 LEU 17 568 568 LEU LEU C . n 
A 1 18 THR 18 569 569 THR THR C . n 
A 1 19 VAL 19 570 570 VAL VAL C . n 
A 1 20 TRP 20 571 571 TRP TRP C . n 
A 1 21 GLY 21 572 572 GLY GLY C . n 
A 1 22 ILE 22 573 573 ILE ILE C . n 
A 1 23 LYS 23 574 574 LYS LYS C . n 
A 1 24 GLN 24 575 575 GLN GLN C . n 
A 1 25 LEU 25 576 576 LEU LEU C . n 
A 1 26 GLN 26 577 577 GLN GLN C . n 
A 1 27 ALA 27 578 578 ALA ALA C . n 
A 1 28 ARG 28 579 579 ARG ARG C . n 
A 1 29 ILE 29 580 580 ILE ILE C . n 
A 1 30 LEU 30 581 581 LEU LEU C . n 
A 1 31 ALA 31 582 582 ALA ALA C . n 
A 1 32 VAL 32 583 583 VAL VAL C . n 
A 1 33 GLU 33 584 584 GLU GLU C . n 
A 1 34 ARG 34 585 585 ARG ARG C . n 
A 1 35 TYR 35 586 586 TYR TYR C . n 
A 1 36 LEU 36 587 587 LEU LEU C . n 
A 1 37 LYS 37 588 588 LYS LYS C . n 
A 1 38 ASP 38 589 589 ASP ASP C . n 
A 1 39 GLN 39 590 590 GLN GLN C . n 
A 1 40 NH2 40 591 591 NH2 NH2 C . n 
B 2 1  GLN 1  621 ?   ?   ?   D . n 
B 2 2  ILE 2  622 ?   ?   ?   D . n 
B 2 3  TRP 3  623 ?   ?   ?   D . n 
B 2 4  ASN 4  624 624 ASN ASN D . n 
B 2 5  ASN 5  625 625 ASN ASN D . n 
B 2 6  MET 6  626 626 MET MET D . n 
B 2 7  THR 7  627 627 THR THR D . n 
B 2 8  TRP 8  628 628 TRP TRP D . n 
B 2 9  MET 9  629 629 MET MET D . n 
B 2 10 GLU 10 630 630 GLU GLU D . n 
B 2 11 TRP 11 631 631 TRP TRP D . n 
B 2 12 ASP 12 632 632 ASP ASP D . n 
B 2 13 ARG 13 633 633 ARG ARG D . n 
B 2 14 GLU 14 634 634 GLU GLU D . n 
B 2 15 ILE 15 635 635 ILE ILE D . n 
B 2 16 ASN 16 636 636 ASN ASN D . n 
B 2 17 ASN 17 637 637 ASN ASN D . n 
B 2 18 TYR 18 638 638 TYR TYR D . n 
B 2 19 THR 19 639 639 THR THR D . n 
B 2 20 SER 20 640 640 SER SER D . n 
B 2 21 LEU 21 641 641 LEU LEU D . n 
B 2 22 ILE 22 642 642 ILE ILE D . n 
B 2 23 HIS 23 643 643 HIS HIS D . n 
B 2 24 SER 24 644 644 SER SER D . n 
B 2 25 LEU 25 645 645 LEU LEU D . n 
B 2 26 ILE 26 646 646 ILE ILE D . n 
B 2 27 GLU 27 647 647 GLU GLU D . n 
B 2 28 GLU 28 648 648 GLU GLU D . n 
B 2 29 SER 29 649 649 SER SER D . n 
B 2 30 GLN 30 650 650 GLN GLN D . n 
B 2 31 ASN 31 651 651 ASN ASN D . n 
B 2 32 GLN 32 652 ?   ?   ?   D . n 
# 
loop_
_pdbx_nonpoly_scheme.asym_id 
_pdbx_nonpoly_scheme.entity_id 
_pdbx_nonpoly_scheme.mon_id 
_pdbx_nonpoly_scheme.ndb_seq_num 
_pdbx_nonpoly_scheme.pdb_seq_num 
_pdbx_nonpoly_scheme.auth_seq_num 
_pdbx_nonpoly_scheme.pdb_mon_id 
_pdbx_nonpoly_scheme.auth_mon_id 
_pdbx_nonpoly_scheme.pdb_strand_id 
_pdbx_nonpoly_scheme.pdb_ins_code 
C 3 ACY 1  601 1  ACY ACY C . 
D 4 GOL 1  602 1  GOL GOL C . 
E 5 HOH 1  701 1  HOH HOH C . 
E 5 HOH 2  702 2  HOH HOH C . 
E 5 HOH 3  703 3  HOH HOH C . 
E 5 HOH 4  704 4  HOH HOH C . 
E 5 HOH 5  705 5  HOH HOH C . 
E 5 HOH 6  706 6  HOH HOH C . 
E 5 HOH 7  707 7  HOH HOH C . 
E 5 HOH 8  708 8  HOH HOH C . 
E 5 HOH 9  709 9  HOH HOH C . 
E 5 HOH 10 710 10 HOH HOH C . 
E 5 HOH 11 711 11 HOH HOH C . 
E 5 HOH 12 712 12 HOH HOH C . 
E 5 HOH 13 713 13 HOH HOH C . 
E 5 HOH 14 714 16 HOH HOH C . 
E 5 HOH 15 715 17 HOH HOH C . 
E 5 HOH 16 716 18 HOH HOH C . 
E 5 HOH 17 717 19 HOH HOH C . 
E 5 HOH 18 718 20 HOH HOH C . 
E 5 HOH 19 719 21 HOH HOH C . 
E 5 HOH 20 720 22 HOH HOH C . 
E 5 HOH 21 721 24 HOH HOH C . 
E 5 HOH 22 722 25 HOH HOH C . 
E 5 HOH 23 723 26 HOH HOH C . 
E 5 HOH 24 724 27 HOH HOH C . 
E 5 HOH 25 725 28 HOH HOH C . 
E 5 HOH 26 726 29 HOH HOH C . 
E 5 HOH 27 727 30 HOH HOH C . 
E 5 HOH 28 728 32 HOH HOH C . 
E 5 HOH 29 729 34 HOH HOH C . 
E 5 HOH 30 730 36 HOH HOH C . 
E 5 HOH 31 731 37 HOH HOH C . 
E 5 HOH 32 732 38 HOH HOH C . 
E 5 HOH 33 733 39 HOH HOH C . 
E 5 HOH 34 734 40 HOH HOH C . 
E 5 HOH 35 735 41 HOH HOH C . 
E 5 HOH 36 736 44 HOH HOH C . 
E 5 HOH 37 737 46 HOH HOH C . 
E 5 HOH 38 738 47 HOH HOH C . 
E 5 HOH 39 739 48 HOH HOH C . 
E 5 HOH 40 740 49 HOH HOH C . 
E 5 HOH 41 741 51 HOH HOH C . 
E 5 HOH 42 742 52 HOH HOH C . 
E 5 HOH 43 743 53 HOH HOH C . 
E 5 HOH 44 744 54 HOH HOH C . 
E 5 HOH 45 745 55 HOH HOH C . 
E 5 HOH 46 746 56 HOH HOH C . 
E 5 HOH 47 747 57 HOH HOH C . 
E 5 HOH 48 748 58 HOH HOH C . 
E 5 HOH 49 749 59 HOH HOH C . 
E 5 HOH 50 750 60 HOH HOH C . 
E 5 HOH 51 751 61 HOH HOH C . 
E 5 HOH 52 752 62 HOH HOH C . 
E 5 HOH 53 753 66 HOH HOH C . 
E 5 HOH 54 754 69 HOH HOH C . 
E 5 HOH 55 755 72 HOH HOH C . 
E 5 HOH 56 756 74 HOH HOH C . 
E 5 HOH 57 757 76 HOH HOH C . 
E 5 HOH 58 758 77 HOH HOH C . 
E 5 HOH 59 759 82 HOH HOH C . 
E 5 HOH 60 760 83 HOH HOH C . 
E 5 HOH 61 761 84 HOH HOH C . 
E 5 HOH 62 762 85 HOH HOH C . 
F 5 HOH 1  701 14 HOH HOH D . 
F 5 HOH 2  702 15 HOH HOH D . 
F 5 HOH 3  703 23 HOH HOH D . 
F 5 HOH 4  704 31 HOH HOH D . 
F 5 HOH 5  705 33 HOH HOH D . 
F 5 HOH 6  706 35 HOH HOH D . 
F 5 HOH 7  707 42 HOH HOH D . 
F 5 HOH 8  708 43 HOH HOH D . 
F 5 HOH 9  709 45 HOH HOH D . 
F 5 HOH 10 710 50 HOH HOH D . 
F 5 HOH 11 711 63 HOH HOH D . 
F 5 HOH 12 712 64 HOH HOH D . 
F 5 HOH 13 713 65 HOH HOH D . 
F 5 HOH 14 714 67 HOH HOH D . 
F 5 HOH 15 715 68 HOH HOH D . 
F 5 HOH 16 716 70 HOH HOH D . 
F 5 HOH 17 717 71 HOH HOH D . 
F 5 HOH 18 718 73 HOH HOH D . 
F 5 HOH 19 719 75 HOH HOH D . 
F 5 HOH 20 720 78 HOH HOH D . 
F 5 HOH 21 721 79 HOH HOH D . 
F 5 HOH 22 722 80 HOH HOH D . 
F 5 HOH 23 723 81 HOH HOH D . 
F 5 HOH 24 724 86 HOH HOH D . 
F 5 HOH 25 725 87 HOH HOH D . 
# 
loop_
_software.name 
_software.classification 
_software.version 
_software.citation_id 
_software.pdbx_ordinal 
CrystalClear 'data collection' .                            ? 1 
PHASER       phasing           .                            ? 2 
PHENIX       refinement        '(phenix.refine: 1.6.1_357)' ? 3 
d*TREK       'data reduction'  .                            ? 4 
d*TREK       'data scaling'    .                            ? 5 
# 
_cell.entry_id           3VGX 
_cell.length_a           44.967 
_cell.length_b           44.967 
_cell.length_c           209.237 
_cell.angle_alpha        90.00 
_cell.angle_beta         90.00 
_cell.angle_gamma        120.00 
_cell.Z_PDB              18 
_cell.pdbx_unique_axis   ? 
_cell.length_a_esd       ? 
_cell.length_b_esd       ? 
_cell.length_c_esd       ? 
_cell.angle_alpha_esd    ? 
_cell.angle_beta_esd     ? 
_cell.angle_gamma_esd    ? 
# 
_symmetry.entry_id                         3VGX 
_symmetry.space_group_name_H-M             'H 3 2' 
_symmetry.pdbx_full_space_group_name_H-M   ? 
_symmetry.cell_setting                     ? 
_symmetry.Int_Tables_number                155 
_symmetry.space_group_name_Hall            ? 
# 
_exptl.entry_id          3VGX 
_exptl.method            'X-RAY DIFFRACTION' 
_exptl.crystals_number   1 
# 
_exptl_crystal.id                    1 
_exptl_crystal.density_meas          ? 
_exptl_crystal.density_Matthews      2.39 
_exptl_crystal.density_percent_sol   48.53 
_exptl_crystal.description           ? 
_exptl_crystal.F_000                 ? 
_exptl_crystal.preparation           ? 
# 
_exptl_crystal_grow.crystal_id      1 
_exptl_crystal_grow.method          'VAPOR DIFFUSION' 
_exptl_crystal_grow.temp            295 
_exptl_crystal_grow.temp_details    ? 
_exptl_crystal_grow.pH              8.5 
_exptl_crystal_grow.pdbx_details    
'0.05M Tris HCl, 0.05M Potassium, 0.01M Magnesium chloride, 15% (w/v) PEG 6000, pH 8.5, VAPOR DIFFUSION, temperature 295K' 
_exptl_crystal_grow.pdbx_pH_range   . 
# 
_diffrn.id                     1 
_diffrn.ambient_temp           100 
_diffrn.ambient_temp_details   ? 
_diffrn.crystal_id             1 
# 
_diffrn_detector.diffrn_id              1 
_diffrn_detector.detector               CCD 
_diffrn_detector.type                   'RIGAKU SATURN 944' 
_diffrn_detector.pdbx_collection_date   2011-07-14 
_diffrn_detector.details                ? 
# 
_diffrn_radiation.diffrn_id                        1 
_diffrn_radiation.wavelength_id                    1 
_diffrn_radiation.pdbx_monochromatic_or_laue_m_l   M 
_diffrn_radiation.monochromator                    'Osmic VariMax optic' 
_diffrn_radiation.pdbx_diffrn_protocol             'SINGLE WAVELENGTH' 
_diffrn_radiation.pdbx_scattering_type             x-ray 
# 
_diffrn_radiation_wavelength.id           1 
_diffrn_radiation_wavelength.wavelength   1.54 
_diffrn_radiation_wavelength.wt           1.0 
# 
_diffrn_source.diffrn_id                   1 
_diffrn_source.source                      'ROTATING ANODE' 
_diffrn_source.type                        'RIGAKU MICROMAX-007 HF' 
_diffrn_source.pdbx_synchrotron_site       ? 
_diffrn_source.pdbx_synchrotron_beamline   ? 
_diffrn_source.pdbx_wavelength             ? 
_diffrn_source.pdbx_wavelength_list        1.54 
# 
_reflns.entry_id                     3VGX 
_reflns.observed_criterion_sigma_I   3.0 
_reflns.observed_criterion_sigma_F   3.0 
_reflns.d_resolution_low             23.711 
_reflns.d_resolution_high            1.739 
_reflns.number_obs                   8601 
_reflns.number_all                   8804 
_reflns.percent_possible_obs         99.8 
_reflns.pdbx_Rmerge_I_obs            0.034 
_reflns.pdbx_Rsym_value              0.037 
_reflns.pdbx_netI_over_sigmaI        33.0 
_reflns.B_iso_Wilson_estimate        ? 
_reflns.pdbx_redundancy              6.51 
_reflns.R_free_details               ? 
_reflns.limit_h_max                  ? 
_reflns.limit_h_min                  ? 
_reflns.limit_k_max                  ? 
_reflns.limit_k_min                  ? 
_reflns.limit_l_max                  ? 
_reflns.limit_l_min                  ? 
_reflns.observed_criterion_F_max     ? 
_reflns.observed_criterion_F_min     ? 
_reflns.pdbx_chi_squared             ? 
_reflns.pdbx_scaling_rejects         ? 
_reflns.pdbx_ordinal                 1 
_reflns.pdbx_diffrn_id               1 
# 
_reflns_shell.d_res_high                  1.74 
_reflns_shell.d_res_low                   1.80 
_reflns_shell.percent_possible_all        98.7 
_reflns_shell.Rmerge_I_obs                0.179 
_reflns_shell.pdbx_Rsym_value             0.207 
_reflns_shell.meanI_over_sigI_obs         5.6 
_reflns_shell.pdbx_redundancy             3.84 
_reflns_shell.percent_possible_obs        ? 
_reflns_shell.number_unique_all           ? 
_reflns_shell.number_measured_all         ? 
_reflns_shell.number_measured_obs         ? 
_reflns_shell.number_unique_obs           ? 
_reflns_shell.pdbx_chi_squared            ? 
_reflns_shell.pdbx_rejects                ? 
_reflns_shell.pdbx_netI_over_sigmaI_obs   ? 
_reflns_shell.number_possible             ? 
_reflns_shell.Rmerge_F_all                ? 
_reflns_shell.Rmerge_F_obs                ? 
_reflns_shell.Rmerge_I_all                ? 
_reflns_shell.meanI_over_sigI_all         ? 
_reflns_shell.pdbx_Rrim_I_all             ? 
_reflns_shell.pdbx_Rpim_I_all             ? 
_reflns_shell.pdbx_ordinal                1 
_reflns_shell.pdbx_diffrn_id              1 
# 
_refine.entry_id                                 3VGX 
_refine.ls_number_reflns_obs                     8595 
_refine.ls_number_reflns_all                     ? 
_refine.pdbx_ls_sigma_I                          ? 
_refine.pdbx_ls_sigma_F                          0.06 
_refine.pdbx_data_cutoff_high_absF               ? 
_refine.pdbx_data_cutoff_low_absF                ? 
_refine.pdbx_data_cutoff_high_rms_absF           ? 
_refine.ls_d_res_low                             23.711 
_refine.ls_d_res_high                            1.74 
_refine.ls_percent_reflns_obs                    97.44 
_refine.ls_R_factor_obs                          0.1923 
_refine.ls_R_factor_all                          ? 
_refine.ls_R_factor_R_work                       0.1921 
_refine.ls_R_factor_R_free                       0.1968 
_refine.ls_R_factor_R_free_error                 ? 
_refine.ls_R_factor_R_free_error_details         ? 
_refine.ls_percent_reflns_R_free                 4.78 
_refine.ls_number_reflns_R_free                  411 
_refine.ls_number_parameters                     ? 
_refine.ls_number_restraints                     ? 
_refine.occupancy_min                            ? 
_refine.occupancy_max                            ? 
_refine.correlation_coeff_Fo_to_Fc               ? 
_refine.correlation_coeff_Fo_to_Fc_free          ? 
_refine.B_iso_mean                               ? 
_refine.aniso_B[1][1]                            1.5435 
_refine.aniso_B[2][2]                            1.5435 
_refine.aniso_B[3][3]                            -3.0869 
_refine.aniso_B[1][2]                            -0.0000 
_refine.aniso_B[1][3]                            -0.0000 
_refine.aniso_B[2][3]                            -0.0000 
_refine.solvent_model_details                    'FLAT BULK SOLVENT MODEL' 
_refine.solvent_model_param_ksol                 0.463 
_refine.solvent_model_param_bsol                 61.247 
_refine.pdbx_solvent_vdw_probe_radii             1.11 
_refine.pdbx_solvent_ion_probe_radii             ? 
_refine.pdbx_solvent_shrinkage_radii             0.90 
_refine.pdbx_ls_cross_valid_method               THROUGHOUT 
_refine.details                                  ? 
_refine.pdbx_starting_model                      'PDB ID 3F4Y' 
_refine.pdbx_method_to_determine_struct          'MOLECULAR REPLACEMENT' 
_refine.pdbx_isotropic_thermal_model             ? 
_refine.pdbx_stereochemistry_target_values       ML 
_refine.pdbx_stereochem_target_val_spec_case     ? 
_refine.pdbx_R_Free_selection_details            RANDOM 
_refine.pdbx_overall_ESU_R_Free                  ? 
_refine.overall_SU_ML                            0.22 
_refine.pdbx_overall_phase_error                 19.80 
_refine.overall_SU_B                             ? 
_refine.overall_SU_R_Cruickshank_DPI             ? 
_refine.ls_redundancy_reflns_obs                 ? 
_refine.B_iso_min                                ? 
_refine.B_iso_max                                ? 
_refine.overall_SU_R_free                        ? 
_refine.pdbx_overall_ESU_R                       ? 
_refine.ls_wR_factor_R_free                      ? 
_refine.ls_wR_factor_R_work                      ? 
_refine.overall_FOM_free_R_set                   ? 
_refine.overall_FOM_work_R_set                   ? 
_refine.pdbx_diffrn_id                           1 
_refine.pdbx_refine_id                           'X-RAY DIFFRACTION' 
_refine.pdbx_TLS_residual_ADP_flag               ? 
_refine.pdbx_overall_SU_R_free_Cruickshank_DPI   ? 
_refine.pdbx_overall_SU_R_Blow_DPI               ? 
_refine.pdbx_overall_SU_R_free_Blow_DPI          ? 
# 
_refine_hist.pdbx_refine_id                   'X-RAY DIFFRACTION' 
_refine_hist.cycle_id                         LAST 
_refine_hist.pdbx_number_atoms_protein        562 
_refine_hist.pdbx_number_atoms_nucleic_acid   0 
_refine_hist.pdbx_number_atoms_ligand         10 
_refine_hist.number_atoms_solvent             87 
_refine_hist.number_atoms_total               659 
_refine_hist.d_res_high                       1.74 
_refine_hist.d_res_low                        23.711 
# 
loop_
_refine_ls_restr.type 
_refine_ls_restr.dev_ideal 
_refine_ls_restr.dev_ideal_target 
_refine_ls_restr.weight 
_refine_ls_restr.number 
_refine_ls_restr.pdbx_refine_id 
_refine_ls_restr.pdbx_restraint_function 
f_bond_d           0.005  ? ? 605 'X-RAY DIFFRACTION' ? 
f_angle_d          0.832  ? ? 824 'X-RAY DIFFRACTION' ? 
f_dihedral_angle_d 14.652 ? ? 233 'X-RAY DIFFRACTION' ? 
f_chiral_restr     0.051  ? ? 92  'X-RAY DIFFRACTION' ? 
f_plane_restr      0.003  ? ? 107 'X-RAY DIFFRACTION' ? 
# 
loop_
_refine_ls_shell.pdbx_refine_id 
_refine_ls_shell.pdbx_total_number_of_bins_used 
_refine_ls_shell.d_res_high 
_refine_ls_shell.d_res_low 
_refine_ls_shell.number_reflns_R_work 
_refine_ls_shell.R_factor_R_work 
_refine_ls_shell.percent_reflns_obs 
_refine_ls_shell.R_factor_R_free 
_refine_ls_shell.R_factor_R_free_error 
_refine_ls_shell.percent_reflns_R_free 
_refine_ls_shell.number_reflns_R_free 
_refine_ls_shell.number_reflns_all 
_refine_ls_shell.R_factor_all 
_refine_ls_shell.redundancy_reflns_obs 
_refine_ls_shell.number_reflns_obs 
'X-RAY DIFFRACTION' 3 1.7393 1.9908  2576 0.2063 94.00 0.2537 . . 118 . . . . 
'X-RAY DIFFRACTION' 3 1.9908 2.5078  2730 0.1633 99.00 0.1872 . . 151 . . . . 
'X-RAY DIFFRACTION' 3 2.5078 23.7135 2878 0.1948 99.00 0.1858 . . 142 . . . . 
# 
_struct.entry_id                  3VGX 
_struct.title                     'Structure of gp41 T21/Cp621-652' 
_struct.pdbx_model_details        ? 
_struct.pdbx_CASP_flag            ? 
_struct.pdbx_model_type_details   ? 
# 
_struct_keywords.entry_id        3VGX 
_struct_keywords.pdbx_keywords   'MEMBRANE PROTEIN' 
_struct_keywords.text            '6-helix bundle, membrane fusion, MEMBRANE PROTEIN' 
# 
loop_
_struct_asym.id 
_struct_asym.pdbx_blank_PDB_chainid_flag 
_struct_asym.pdbx_modified 
_struct_asym.entity_id 
_struct_asym.details 
A N N 1 ? 
B N N 2 ? 
C N N 3 ? 
D N N 4 ? 
E N N 5 ? 
F N N 5 ? 
# 
loop_
_struct_ref.id 
_struct_ref.db_name 
_struct_ref.db_code 
_struct_ref.pdbx_db_accession 
_struct_ref.entity_id 
_struct_ref.pdbx_seq_one_letter_code 
_struct_ref.pdbx_align_begin 
_struct_ref.pdbx_db_isoform 
1 UNP ENV_HV1B1 P03375 1 NNLLRAIEAQQHLLQLTVWGIKQLQARILAVERYLKDQ 558 ? 
2 UNP ENV_HV1B1 P03375 2 QIWNNMTWMEWDREINNYTSLIHSLIEESQNQ       626 ? 
# 
loop_
_struct_ref_seq.align_id 
_struct_ref_seq.ref_id 
_struct_ref_seq.pdbx_PDB_id_code 
_struct_ref_seq.pdbx_strand_id 
_struct_ref_seq.seq_align_beg 
_struct_ref_seq.pdbx_seq_align_beg_ins_code 
_struct_ref_seq.seq_align_end 
_struct_ref_seq.pdbx_seq_align_end_ins_code 
_struct_ref_seq.pdbx_db_accession 
_struct_ref_seq.db_align_beg 
_struct_ref_seq.pdbx_db_align_beg_ins_code 
_struct_ref_seq.db_align_end 
_struct_ref_seq.pdbx_db_align_end_ins_code 
_struct_ref_seq.pdbx_auth_seq_align_beg 
_struct_ref_seq.pdbx_auth_seq_align_end 
1 1 3VGX C 2 ? 39 ? P03375 553 ? 590 ? 553 590 
2 2 3VGX D 1 ? 32 ? P03375 621 ? 652 ? 621 652 
# 
loop_
_struct_ref_seq_dif.align_id 
_struct_ref_seq_dif.pdbx_pdb_id_code 
_struct_ref_seq_dif.mon_id 
_struct_ref_seq_dif.pdbx_pdb_strand_id 
_struct_ref_seq_dif.seq_num 
_struct_ref_seq_dif.pdbx_pdb_ins_code 
_struct_ref_seq_dif.pdbx_seq_db_name 
_struct_ref_seq_dif.pdbx_seq_db_accession_code 
_struct_ref_seq_dif.db_mon_id 
_struct_ref_seq_dif.pdbx_seq_db_seq_num 
_struct_ref_seq_dif.details 
_struct_ref_seq_dif.pdbx_auth_seq_num 
_struct_ref_seq_dif.pdbx_ordinal 
1 3VGX ACE C 1  ? UNP P03375 ? ? acetylation 552 1 
1 3VGX NH2 C 40 ? UNP P03375 ? ? amidation   591 2 
# 
_pdbx_struct_assembly.id                   1 
_pdbx_struct_assembly.details              author_and_software_defined_assembly 
_pdbx_struct_assembly.method_details       PISA 
_pdbx_struct_assembly.oligomeric_details   hexameric 
_pdbx_struct_assembly.oligomeric_count     6 
# 
loop_
_pdbx_struct_assembly_prop.biol_id 
_pdbx_struct_assembly_prop.type 
_pdbx_struct_assembly_prop.value 
_pdbx_struct_assembly_prop.details 
1 'ABSA (A^2)' 10550 ? 
1 MORE         -93   ? 
1 'SSA (A^2)'  11000 ? 
# 
_pdbx_struct_assembly_gen.assembly_id       1 
_pdbx_struct_assembly_gen.oper_expression   1,2,3 
_pdbx_struct_assembly_gen.asym_id_list      A,B,C,D,E,F 
# 
loop_
_pdbx_struct_oper_list.id 
_pdbx_struct_oper_list.type 
_pdbx_struct_oper_list.name 
_pdbx_struct_oper_list.symmetry_operation 
_pdbx_struct_oper_list.matrix[1][1] 
_pdbx_struct_oper_list.matrix[1][2] 
_pdbx_struct_oper_list.matrix[1][3] 
_pdbx_struct_oper_list.vector[1] 
_pdbx_struct_oper_list.matrix[2][1] 
_pdbx_struct_oper_list.matrix[2][2] 
_pdbx_struct_oper_list.matrix[2][3] 
_pdbx_struct_oper_list.vector[2] 
_pdbx_struct_oper_list.matrix[3][1] 
_pdbx_struct_oper_list.matrix[3][2] 
_pdbx_struct_oper_list.matrix[3][3] 
_pdbx_struct_oper_list.vector[3] 
1 'identity operation'         1_555 x,y,z       1.0000000000  0.0000000000 0.0000000000  0.0000000000  0.0000000000 1.0000000000 0.0000000000 0.0000000000  0.0000000000  0.0000000000 1.0000000000  0.0000000000   
2 'crystal symmetry operation' 2_545 -y,x-y-1,z  -0.3285484613 0.6684754654 -0.6672304405 6.3533419892  0.2548057700 0.7429871529 0.6189055746 0.6787786828  0.9094668373  0.0333263080 -0.4144386916 -11.5807705931 
3 'crystal symmetry operation' 3_655 -x+y+1,-x,z -0.3285484613 0.2548057700 0.9094668373  12.4467508144 0.6684754654 0.7429871529 0.0333263080 -4.3654327562 -0.6672304405 0.6189055746 -0.4144386916 -0.9804761491 
# 
_struct_biol.id        1 
_struct_biol.details   ? 
# 
_struct_conf.conf_type_id            HELX_P 
_struct_conf.id                      HELX_P1 
_struct_conf.pdbx_PDB_helix_id       2 
_struct_conf.beg_label_comp_id       THR 
_struct_conf.beg_label_asym_id       B 
_struct_conf.beg_label_seq_id        7 
_struct_conf.pdbx_beg_PDB_ins_code   ? 
_struct_conf.end_label_comp_id       ASN 
_struct_conf.end_label_asym_id       B 
_struct_conf.end_label_seq_id        31 
_struct_conf.pdbx_end_PDB_ins_code   ? 
_struct_conf.beg_auth_comp_id        THR 
_struct_conf.beg_auth_asym_id        D 
_struct_conf.beg_auth_seq_id         627 
_struct_conf.end_auth_comp_id        ASN 
_struct_conf.end_auth_asym_id        D 
_struct_conf.end_auth_seq_id         651 
_struct_conf.pdbx_PDB_helix_class    1 
_struct_conf.details                 ? 
_struct_conf.pdbx_PDB_helix_length   25 
# 
_struct_conf_type.id          HELX_P 
_struct_conf_type.criteria    ? 
_struct_conf_type.reference   ? 
# 
loop_
_struct_conn.id 
_struct_conn.conn_type_id 
_struct_conn.pdbx_leaving_atom_flag 
_struct_conn.pdbx_PDB_id 
_struct_conn.ptnr1_label_asym_id 
_struct_conn.ptnr1_label_comp_id 
_struct_conn.ptnr1_label_seq_id 
_struct_conn.ptnr1_label_atom_id 
_struct_conn.pdbx_ptnr1_label_alt_id 
_struct_conn.pdbx_ptnr1_PDB_ins_code 
_struct_conn.pdbx_ptnr1_standard_comp_id 
_struct_conn.ptnr1_symmetry 
_struct_conn.ptnr2_label_asym_id 
_struct_conn.ptnr2_label_comp_id 
_struct_conn.ptnr2_label_seq_id 
_struct_conn.ptnr2_label_atom_id 
_struct_conn.pdbx_ptnr2_label_alt_id 
_struct_conn.pdbx_ptnr2_PDB_ins_code 
_struct_conn.ptnr1_auth_asym_id 
_struct_conn.ptnr1_auth_comp_id 
_struct_conn.ptnr1_auth_seq_id 
_struct_conn.ptnr2_auth_asym_id 
_struct_conn.ptnr2_auth_comp_id 
_struct_conn.ptnr2_auth_seq_id 
_struct_conn.ptnr2_symmetry 
_struct_conn.pdbx_ptnr3_label_atom_id 
_struct_conn.pdbx_ptnr3_label_seq_id 
_struct_conn.pdbx_ptnr3_label_comp_id 
_struct_conn.pdbx_ptnr3_label_asym_id 
_struct_conn.pdbx_ptnr3_label_alt_id 
_struct_conn.pdbx_ptnr3_PDB_ins_code 
_struct_conn.details 
_struct_conn.pdbx_dist_value 
_struct_conn.pdbx_value_order 
_struct_conn.pdbx_role 
covale1 covale both ? A ACE 1  C ? ? ? 1_555 A ASN 2  N ? ? C ACE 552 C ASN 553 1_555 ? ? ? ? ? ? ? 1.331 ? ? 
covale2 covale both ? A GLN 39 C ? ? ? 1_555 A NH2 40 N ? ? C GLN 590 C NH2 591 1_555 ? ? ? ? ? ? ? 1.332 ? ? 
# 
_struct_conn_type.id          covale 
_struct_conn_type.criteria    ? 
_struct_conn_type.reference   ? 
# 
loop_
_pdbx_modification_feature.ordinal 
_pdbx_modification_feature.label_comp_id 
_pdbx_modification_feature.label_asym_id 
_pdbx_modification_feature.label_seq_id 
_pdbx_modification_feature.label_alt_id 
_pdbx_modification_feature.modified_residue_label_comp_id 
_pdbx_modification_feature.modified_residue_label_asym_id 
_pdbx_modification_feature.modified_residue_label_seq_id 
_pdbx_modification_feature.modified_residue_label_alt_id 
_pdbx_modification_feature.auth_comp_id 
_pdbx_modification_feature.auth_asym_id 
_pdbx_modification_feature.auth_seq_id 
_pdbx_modification_feature.PDB_ins_code 
_pdbx_modification_feature.symmetry 
_pdbx_modification_feature.modified_residue_auth_comp_id 
_pdbx_modification_feature.modified_residue_auth_asym_id 
_pdbx_modification_feature.modified_residue_auth_seq_id 
_pdbx_modification_feature.modified_residue_PDB_ins_code 
_pdbx_modification_feature.modified_residue_symmetry 
_pdbx_modification_feature.comp_id_linking_atom 
_pdbx_modification_feature.modified_residue_id_linking_atom 
_pdbx_modification_feature.modified_residue_id 
_pdbx_modification_feature.ref_pcm_id 
_pdbx_modification_feature.ref_comp_id 
_pdbx_modification_feature.type 
_pdbx_modification_feature.category 
1 ACE A 1  ? ASN A 2  ? ACE C 552 ? 1_555 ASN C 553 ? 1_555 . . ASN 17 ACE None 'Terminal acetylation' 
2 NH2 A 40 ? GLN A 39 ? NH2 C 591 ? 1_555 GLN C 590 ? 1_555 . . GLN 18 NH2 None 'Terminal amidation'   
# 
loop_
_struct_site.id 
_struct_site.pdbx_evidence_code 
_struct_site.pdbx_auth_asym_id 
_struct_site.pdbx_auth_comp_id 
_struct_site.pdbx_auth_seq_id 
_struct_site.pdbx_auth_ins_code 
_struct_site.pdbx_num_residues 
_struct_site.details 
AC1 Software C ACY 601 ? 4 'BINDING SITE FOR RESIDUE ACY C 601' 
AC2 Software C GOL 602 ? 2 'BINDING SITE FOR RESIDUE GOL C 602' 
# 
loop_
_struct_site_gen.id 
_struct_site_gen.site_id 
_struct_site_gen.pdbx_num_res 
_struct_site_gen.label_comp_id 
_struct_site_gen.label_asym_id 
_struct_site_gen.label_seq_id 
_struct_site_gen.pdbx_auth_ins_code 
_struct_site_gen.auth_comp_id 
_struct_site_gen.auth_asym_id 
_struct_site_gen.auth_seq_id 
_struct_site_gen.label_atom_id 
_struct_site_gen.label_alt_id 
_struct_site_gen.symmetry 
_struct_site_gen.details 
1 AC1 4 ARG A 34 ? ARG C 585 . ? 1_555  ? 
2 AC1 4 ARG A 34 ? ARG C 585 . ? 16_544 ? 
3 AC1 4 LYS A 37 ? LYS C 588 . ? 1_555  ? 
4 AC1 4 LYS A 37 ? LYS C 588 . ? 16_544 ? 
5 AC2 2 HOH E .  ? HOH C 701 . ? 1_555  ? 
6 AC2 2 HOH E .  ? HOH C 733 . ? 2_545  ? 
# 
_pdbx_entry_details.entry_id                   3VGX 
_pdbx_entry_details.compound_details           ? 
_pdbx_entry_details.source_details             ? 
_pdbx_entry_details.nonpolymer_details         ? 
_pdbx_entry_details.sequence_details           ? 
_pdbx_entry_details.has_ligand_of_interest     ? 
_pdbx_entry_details.has_protein_modification   Y 
# 
_pdbx_validate_close_contact.id               1 
_pdbx_validate_close_contact.PDB_model_num    1 
_pdbx_validate_close_contact.auth_atom_id_1   O 
_pdbx_validate_close_contact.auth_asym_id_1   C 
_pdbx_validate_close_contact.auth_comp_id_1   HOH 
_pdbx_validate_close_contact.auth_seq_id_1    753 
_pdbx_validate_close_contact.PDB_ins_code_1   ? 
_pdbx_validate_close_contact.label_alt_id_1   ? 
_pdbx_validate_close_contact.auth_atom_id_2   O 
_pdbx_validate_close_contact.auth_asym_id_2   C 
_pdbx_validate_close_contact.auth_comp_id_2   HOH 
_pdbx_validate_close_contact.auth_seq_id_2    761 
_pdbx_validate_close_contact.PDB_ins_code_2   ? 
_pdbx_validate_close_contact.label_alt_id_2   ? 
_pdbx_validate_close_contact.dist             2.13 
# 
loop_
_pdbx_struct_special_symmetry.id 
_pdbx_struct_special_symmetry.PDB_model_num 
_pdbx_struct_special_symmetry.auth_asym_id 
_pdbx_struct_special_symmetry.auth_comp_id 
_pdbx_struct_special_symmetry.auth_seq_id 
_pdbx_struct_special_symmetry.PDB_ins_code 
_pdbx_struct_special_symmetry.label_asym_id 
_pdbx_struct_special_symmetry.label_comp_id 
_pdbx_struct_special_symmetry.label_seq_id 
1 1 C ACY 601 ? C ACY . 
2 1 C HOH 707 ? E HOH . 
3 1 C HOH 746 ? E HOH . 
4 1 C HOH 748 ? E HOH . 
# 
loop_
_pdbx_unobs_or_zero_occ_residues.id 
_pdbx_unobs_or_zero_occ_residues.PDB_model_num 
_pdbx_unobs_or_zero_occ_residues.polymer_flag 
_pdbx_unobs_or_zero_occ_residues.occupancy_flag 
_pdbx_unobs_or_zero_occ_residues.auth_asym_id 
_pdbx_unobs_or_zero_occ_residues.auth_comp_id 
_pdbx_unobs_or_zero_occ_residues.auth_seq_id 
_pdbx_unobs_or_zero_occ_residues.PDB_ins_code 
_pdbx_unobs_or_zero_occ_residues.label_asym_id 
_pdbx_unobs_or_zero_occ_residues.label_comp_id 
_pdbx_unobs_or_zero_occ_residues.label_seq_id 
1 1 Y 1 D GLN 621 ? B GLN 1  
2 1 Y 1 D ILE 622 ? B ILE 2  
3 1 Y 1 D TRP 623 ? B TRP 3  
4 1 Y 1 D GLN 652 ? B GLN 32 
# 
loop_
_chem_comp_atom.comp_id 
_chem_comp_atom.atom_id 
_chem_comp_atom.type_symbol 
_chem_comp_atom.pdbx_aromatic_flag 
_chem_comp_atom.pdbx_stereo_config 
_chem_comp_atom.pdbx_ordinal 
ACE C    C N N 1   
ACE O    O N N 2   
ACE CH3  C N N 3   
ACE H    H N N 4   
ACE H1   H N N 5   
ACE H2   H N N 6   
ACE H3   H N N 7   
ACY C    C N N 8   
ACY O    O N N 9   
ACY OXT  O N N 10  
ACY CH3  C N N 11  
ACY HXT  H N N 12  
ACY H1   H N N 13  
ACY H2   H N N 14  
ACY H3   H N N 15  
ALA N    N N N 16  
ALA CA   C N S 17  
ALA C    C N N 18  
ALA O    O N N 19  
ALA CB   C N N 20  
ALA OXT  O N N 21  
ALA H    H N N 22  
ALA H2   H N N 23  
ALA HA   H N N 24  
ALA HB1  H N N 25  
ALA HB2  H N N 26  
ALA HB3  H N N 27  
ALA HXT  H N N 28  
ARG N    N N N 29  
ARG CA   C N S 30  
ARG C    C N N 31  
ARG O    O N N 32  
ARG CB   C N N 33  
ARG CG   C N N 34  
ARG CD   C N N 35  
ARG NE   N N N 36  
ARG CZ   C N N 37  
ARG NH1  N N N 38  
ARG NH2  N N N 39  
ARG OXT  O N N 40  
ARG H    H N N 41  
ARG H2   H N N 42  
ARG HA   H N N 43  
ARG HB2  H N N 44  
ARG HB3  H N N 45  
ARG HG2  H N N 46  
ARG HG3  H N N 47  
ARG HD2  H N N 48  
ARG HD3  H N N 49  
ARG HE   H N N 50  
ARG HH11 H N N 51  
ARG HH12 H N N 52  
ARG HH21 H N N 53  
ARG HH22 H N N 54  
ARG HXT  H N N 55  
ASN N    N N N 56  
ASN CA   C N S 57  
ASN C    C N N 58  
ASN O    O N N 59  
ASN CB   C N N 60  
ASN CG   C N N 61  
ASN OD1  O N N 62  
ASN ND2  N N N 63  
ASN OXT  O N N 64  
ASN H    H N N 65  
ASN H2   H N N 66  
ASN HA   H N N 67  
ASN HB2  H N N 68  
ASN HB3  H N N 69  
ASN HD21 H N N 70  
ASN HD22 H N N 71  
ASN HXT  H N N 72  
ASP N    N N N 73  
ASP CA   C N S 74  
ASP C    C N N 75  
ASP O    O N N 76  
ASP CB   C N N 77  
ASP CG   C N N 78  
ASP OD1  O N N 79  
ASP OD2  O N N 80  
ASP OXT  O N N 81  
ASP H    H N N 82  
ASP H2   H N N 83  
ASP HA   H N N 84  
ASP HB2  H N N 85  
ASP HB3  H N N 86  
ASP HD2  H N N 87  
ASP HXT  H N N 88  
GLN N    N N N 89  
GLN CA   C N S 90  
GLN C    C N N 91  
GLN O    O N N 92  
GLN CB   C N N 93  
GLN CG   C N N 94  
GLN CD   C N N 95  
GLN OE1  O N N 96  
GLN NE2  N N N 97  
GLN OXT  O N N 98  
GLN H    H N N 99  
GLN H2   H N N 100 
GLN HA   H N N 101 
GLN HB2  H N N 102 
GLN HB3  H N N 103 
GLN HG2  H N N 104 
GLN HG3  H N N 105 
GLN HE21 H N N 106 
GLN HE22 H N N 107 
GLN HXT  H N N 108 
GLU N    N N N 109 
GLU CA   C N S 110 
GLU C    C N N 111 
GLU O    O N N 112 
GLU CB   C N N 113 
GLU CG   C N N 114 
GLU CD   C N N 115 
GLU OE1  O N N 116 
GLU OE2  O N N 117 
GLU OXT  O N N 118 
GLU H    H N N 119 
GLU H2   H N N 120 
GLU HA   H N N 121 
GLU HB2  H N N 122 
GLU HB3  H N N 123 
GLU HG2  H N N 124 
GLU HG3  H N N 125 
GLU HE2  H N N 126 
GLU HXT  H N N 127 
GLY N    N N N 128 
GLY CA   C N N 129 
GLY C    C N N 130 
GLY O    O N N 131 
GLY OXT  O N N 132 
GLY H    H N N 133 
GLY H2   H N N 134 
GLY HA2  H N N 135 
GLY HA3  H N N 136 
GLY HXT  H N N 137 
GOL C1   C N N 138 
GOL O1   O N N 139 
GOL C2   C N N 140 
GOL O2   O N N 141 
GOL C3   C N N 142 
GOL O3   O N N 143 
GOL H11  H N N 144 
GOL H12  H N N 145 
GOL HO1  H N N 146 
GOL H2   H N N 147 
GOL HO2  H N N 148 
GOL H31  H N N 149 
GOL H32  H N N 150 
GOL HO3  H N N 151 
HIS N    N N N 152 
HIS CA   C N S 153 
HIS C    C N N 154 
HIS O    O N N 155 
HIS CB   C N N 156 
HIS CG   C Y N 157 
HIS ND1  N Y N 158 
HIS CD2  C Y N 159 
HIS CE1  C Y N 160 
HIS NE2  N Y N 161 
HIS OXT  O N N 162 
HIS H    H N N 163 
HIS H2   H N N 164 
HIS HA   H N N 165 
HIS HB2  H N N 166 
HIS HB3  H N N 167 
HIS HD1  H N N 168 
HIS HD2  H N N 169 
HIS HE1  H N N 170 
HIS HE2  H N N 171 
HIS HXT  H N N 172 
HOH O    O N N 173 
HOH H1   H N N 174 
HOH H2   H N N 175 
ILE N    N N N 176 
ILE CA   C N S 177 
ILE C    C N N 178 
ILE O    O N N 179 
ILE CB   C N S 180 
ILE CG1  C N N 181 
ILE CG2  C N N 182 
ILE CD1  C N N 183 
ILE OXT  O N N 184 
ILE H    H N N 185 
ILE H2   H N N 186 
ILE HA   H N N 187 
ILE HB   H N N 188 
ILE HG12 H N N 189 
ILE HG13 H N N 190 
ILE HG21 H N N 191 
ILE HG22 H N N 192 
ILE HG23 H N N 193 
ILE HD11 H N N 194 
ILE HD12 H N N 195 
ILE HD13 H N N 196 
ILE HXT  H N N 197 
LEU N    N N N 198 
LEU CA   C N S 199 
LEU C    C N N 200 
LEU O    O N N 201 
LEU CB   C N N 202 
LEU CG   C N N 203 
LEU CD1  C N N 204 
LEU CD2  C N N 205 
LEU OXT  O N N 206 
LEU H    H N N 207 
LEU H2   H N N 208 
LEU HA   H N N 209 
LEU HB2  H N N 210 
LEU HB3  H N N 211 
LEU HG   H N N 212 
LEU HD11 H N N 213 
LEU HD12 H N N 214 
LEU HD13 H N N 215 
LEU HD21 H N N 216 
LEU HD22 H N N 217 
LEU HD23 H N N 218 
LEU HXT  H N N 219 
LYS N    N N N 220 
LYS CA   C N S 221 
LYS C    C N N 222 
LYS O    O N N 223 
LYS CB   C N N 224 
LYS CG   C N N 225 
LYS CD   C N N 226 
LYS CE   C N N 227 
LYS NZ   N N N 228 
LYS OXT  O N N 229 
LYS H    H N N 230 
LYS H2   H N N 231 
LYS HA   H N N 232 
LYS HB2  H N N 233 
LYS HB3  H N N 234 
LYS HG2  H N N 235 
LYS HG3  H N N 236 
LYS HD2  H N N 237 
LYS HD3  H N N 238 
LYS HE2  H N N 239 
LYS HE3  H N N 240 
LYS HZ1  H N N 241 
LYS HZ2  H N N 242 
LYS HZ3  H N N 243 
LYS HXT  H N N 244 
MET N    N N N 245 
MET CA   C N S 246 
MET C    C N N 247 
MET O    O N N 248 
MET CB   C N N 249 
MET CG   C N N 250 
MET SD   S N N 251 
MET CE   C N N 252 
MET OXT  O N N 253 
MET H    H N N 254 
MET H2   H N N 255 
MET HA   H N N 256 
MET HB2  H N N 257 
MET HB3  H N N 258 
MET HG2  H N N 259 
MET HG3  H N N 260 
MET HE1  H N N 261 
MET HE2  H N N 262 
MET HE3  H N N 263 
MET HXT  H N N 264 
NH2 N    N N N 265 
NH2 HN1  H N N 266 
NH2 HN2  H N N 267 
SER N    N N N 268 
SER CA   C N S 269 
SER C    C N N 270 
SER O    O N N 271 
SER CB   C N N 272 
SER OG   O N N 273 
SER OXT  O N N 274 
SER H    H N N 275 
SER H2   H N N 276 
SER HA   H N N 277 
SER HB2  H N N 278 
SER HB3  H N N 279 
SER HG   H N N 280 
SER HXT  H N N 281 
THR N    N N N 282 
THR CA   C N S 283 
THR C    C N N 284 
THR O    O N N 285 
THR CB   C N R 286 
THR OG1  O N N 287 
THR CG2  C N N 288 
THR OXT  O N N 289 
THR H    H N N 290 
THR H2   H N N 291 
THR HA   H N N 292 
THR HB   H N N 293 
THR HG1  H N N 294 
THR HG21 H N N 295 
THR HG22 H N N 296 
THR HG23 H N N 297 
THR HXT  H N N 298 
TRP N    N N N 299 
TRP CA   C N S 300 
TRP C    C N N 301 
TRP O    O N N 302 
TRP CB   C N N 303 
TRP CG   C Y N 304 
TRP CD1  C Y N 305 
TRP CD2  C Y N 306 
TRP NE1  N Y N 307 
TRP CE2  C Y N 308 
TRP CE3  C Y N 309 
TRP CZ2  C Y N 310 
TRP CZ3  C Y N 311 
TRP CH2  C Y N 312 
TRP OXT  O N N 313 
TRP H    H N N 314 
TRP H2   H N N 315 
TRP HA   H N N 316 
TRP HB2  H N N 317 
TRP HB3  H N N 318 
TRP HD1  H N N 319 
TRP HE1  H N N 320 
TRP HE3  H N N 321 
TRP HZ2  H N N 322 
TRP HZ3  H N N 323 
TRP HH2  H N N 324 
TRP HXT  H N N 325 
TYR N    N N N 326 
TYR CA   C N S 327 
TYR C    C N N 328 
TYR O    O N N 329 
TYR CB   C N N 330 
TYR CG   C Y N 331 
TYR CD1  C Y N 332 
TYR CD2  C Y N 333 
TYR CE1  C Y N 334 
TYR CE2  C Y N 335 
TYR CZ   C Y N 336 
TYR OH   O N N 337 
TYR OXT  O N N 338 
TYR H    H N N 339 
TYR H2   H N N 340 
TYR HA   H N N 341 
TYR HB2  H N N 342 
TYR HB3  H N N 343 
TYR HD1  H N N 344 
TYR HD2  H N N 345 
TYR HE1  H N N 346 
TYR HE2  H N N 347 
TYR HH   H N N 348 
TYR HXT  H N N 349 
VAL N    N N N 350 
VAL CA   C N S 351 
VAL C    C N N 352 
VAL O    O N N 353 
VAL CB   C N N 354 
VAL CG1  C N N 355 
VAL CG2  C N N 356 
VAL OXT  O N N 357 
VAL H    H N N 358 
VAL H2   H N N 359 
VAL HA   H N N 360 
VAL HB   H N N 361 
VAL HG11 H N N 362 
VAL HG12 H N N 363 
VAL HG13 H N N 364 
VAL HG21 H N N 365 
VAL HG22 H N N 366 
VAL HG23 H N N 367 
VAL HXT  H N N 368 
# 
loop_
_chem_comp_bond.comp_id 
_chem_comp_bond.atom_id_1 
_chem_comp_bond.atom_id_2 
_chem_comp_bond.value_order 
_chem_comp_bond.pdbx_aromatic_flag 
_chem_comp_bond.pdbx_stereo_config 
_chem_comp_bond.pdbx_ordinal 
ACE C   O    doub N N 1   
ACE C   CH3  sing N N 2   
ACE C   H    sing N N 3   
ACE CH3 H1   sing N N 4   
ACE CH3 H2   sing N N 5   
ACE CH3 H3   sing N N 6   
ACY C   O    doub N N 7   
ACY C   OXT  sing N N 8   
ACY C   CH3  sing N N 9   
ACY OXT HXT  sing N N 10  
ACY CH3 H1   sing N N 11  
ACY CH3 H2   sing N N 12  
ACY CH3 H3   sing N N 13  
ALA N   CA   sing N N 14  
ALA N   H    sing N N 15  
ALA N   H2   sing N N 16  
ALA CA  C    sing N N 17  
ALA CA  CB   sing N N 18  
ALA CA  HA   sing N N 19  
ALA C   O    doub N N 20  
ALA C   OXT  sing N N 21  
ALA CB  HB1  sing N N 22  
ALA CB  HB2  sing N N 23  
ALA CB  HB3  sing N N 24  
ALA OXT HXT  sing N N 25  
ARG N   CA   sing N N 26  
ARG N   H    sing N N 27  
ARG N   H2   sing N N 28  
ARG CA  C    sing N N 29  
ARG CA  CB   sing N N 30  
ARG CA  HA   sing N N 31  
ARG C   O    doub N N 32  
ARG C   OXT  sing N N 33  
ARG CB  CG   sing N N 34  
ARG CB  HB2  sing N N 35  
ARG CB  HB3  sing N N 36  
ARG CG  CD   sing N N 37  
ARG CG  HG2  sing N N 38  
ARG CG  HG3  sing N N 39  
ARG CD  NE   sing N N 40  
ARG CD  HD2  sing N N 41  
ARG CD  HD3  sing N N 42  
ARG NE  CZ   sing N N 43  
ARG NE  HE   sing N N 44  
ARG CZ  NH1  sing N N 45  
ARG CZ  NH2  doub N N 46  
ARG NH1 HH11 sing N N 47  
ARG NH1 HH12 sing N N 48  
ARG NH2 HH21 sing N N 49  
ARG NH2 HH22 sing N N 50  
ARG OXT HXT  sing N N 51  
ASN N   CA   sing N N 52  
ASN N   H    sing N N 53  
ASN N   H2   sing N N 54  
ASN CA  C    sing N N 55  
ASN CA  CB   sing N N 56  
ASN CA  HA   sing N N 57  
ASN C   O    doub N N 58  
ASN C   OXT  sing N N 59  
ASN CB  CG   sing N N 60  
ASN CB  HB2  sing N N 61  
ASN CB  HB3  sing N N 62  
ASN CG  OD1  doub N N 63  
ASN CG  ND2  sing N N 64  
ASN ND2 HD21 sing N N 65  
ASN ND2 HD22 sing N N 66  
ASN OXT HXT  sing N N 67  
ASP N   CA   sing N N 68  
ASP N   H    sing N N 69  
ASP N   H2   sing N N 70  
ASP CA  C    sing N N 71  
ASP CA  CB   sing N N 72  
ASP CA  HA   sing N N 73  
ASP C   O    doub N N 74  
ASP C   OXT  sing N N 75  
ASP CB  CG   sing N N 76  
ASP CB  HB2  sing N N 77  
ASP CB  HB3  sing N N 78  
ASP CG  OD1  doub N N 79  
ASP CG  OD2  sing N N 80  
ASP OD2 HD2  sing N N 81  
ASP OXT HXT  sing N N 82  
GLN N   CA   sing N N 83  
GLN N   H    sing N N 84  
GLN N   H2   sing N N 85  
GLN CA  C    sing N N 86  
GLN CA  CB   sing N N 87  
GLN CA  HA   sing N N 88  
GLN C   O    doub N N 89  
GLN C   OXT  sing N N 90  
GLN CB  CG   sing N N 91  
GLN CB  HB2  sing N N 92  
GLN CB  HB3  sing N N 93  
GLN CG  CD   sing N N 94  
GLN CG  HG2  sing N N 95  
GLN CG  HG3  sing N N 96  
GLN CD  OE1  doub N N 97  
GLN CD  NE2  sing N N 98  
GLN NE2 HE21 sing N N 99  
GLN NE2 HE22 sing N N 100 
GLN OXT HXT  sing N N 101 
GLU N   CA   sing N N 102 
GLU N   H    sing N N 103 
GLU N   H2   sing N N 104 
GLU CA  C    sing N N 105 
GLU CA  CB   sing N N 106 
GLU CA  HA   sing N N 107 
GLU C   O    doub N N 108 
GLU C   OXT  sing N N 109 
GLU CB  CG   sing N N 110 
GLU CB  HB2  sing N N 111 
GLU CB  HB3  sing N N 112 
GLU CG  CD   sing N N 113 
GLU CG  HG2  sing N N 114 
GLU CG  HG3  sing N N 115 
GLU CD  OE1  doub N N 116 
GLU CD  OE2  sing N N 117 
GLU OE2 HE2  sing N N 118 
GLU OXT HXT  sing N N 119 
GLY N   CA   sing N N 120 
GLY N   H    sing N N 121 
GLY N   H2   sing N N 122 
GLY CA  C    sing N N 123 
GLY CA  HA2  sing N N 124 
GLY CA  HA3  sing N N 125 
GLY C   O    doub N N 126 
GLY C   OXT  sing N N 127 
GLY OXT HXT  sing N N 128 
GOL C1  O1   sing N N 129 
GOL C1  C2   sing N N 130 
GOL C1  H11  sing N N 131 
GOL C1  H12  sing N N 132 
GOL O1  HO1  sing N N 133 
GOL C2  O2   sing N N 134 
GOL C2  C3   sing N N 135 
GOL C2  H2   sing N N 136 
GOL O2  HO2  sing N N 137 
GOL C3  O3   sing N N 138 
GOL C3  H31  sing N N 139 
GOL C3  H32  sing N N 140 
GOL O3  HO3  sing N N 141 
HIS N   CA   sing N N 142 
HIS N   H    sing N N 143 
HIS N   H2   sing N N 144 
HIS CA  C    sing N N 145 
HIS CA  CB   sing N N 146 
HIS CA  HA   sing N N 147 
HIS C   O    doub N N 148 
HIS C   OXT  sing N N 149 
HIS CB  CG   sing N N 150 
HIS CB  HB2  sing N N 151 
HIS CB  HB3  sing N N 152 
HIS CG  ND1  sing Y N 153 
HIS CG  CD2  doub Y N 154 
HIS ND1 CE1  doub Y N 155 
HIS ND1 HD1  sing N N 156 
HIS CD2 NE2  sing Y N 157 
HIS CD2 HD2  sing N N 158 
HIS CE1 NE2  sing Y N 159 
HIS CE1 HE1  sing N N 160 
HIS NE2 HE2  sing N N 161 
HIS OXT HXT  sing N N 162 
HOH O   H1   sing N N 163 
HOH O   H2   sing N N 164 
ILE N   CA   sing N N 165 
ILE N   H    sing N N 166 
ILE N   H2   sing N N 167 
ILE CA  C    sing N N 168 
ILE CA  CB   sing N N 169 
ILE CA  HA   sing N N 170 
ILE C   O    doub N N 171 
ILE C   OXT  sing N N 172 
ILE CB  CG1  sing N N 173 
ILE CB  CG2  sing N N 174 
ILE CB  HB   sing N N 175 
ILE CG1 CD1  sing N N 176 
ILE CG1 HG12 sing N N 177 
ILE CG1 HG13 sing N N 178 
ILE CG2 HG21 sing N N 179 
ILE CG2 HG22 sing N N 180 
ILE CG2 HG23 sing N N 181 
ILE CD1 HD11 sing N N 182 
ILE CD1 HD12 sing N N 183 
ILE CD1 HD13 sing N N 184 
ILE OXT HXT  sing N N 185 
LEU N   CA   sing N N 186 
LEU N   H    sing N N 187 
LEU N   H2   sing N N 188 
LEU CA  C    sing N N 189 
LEU CA  CB   sing N N 190 
LEU CA  HA   sing N N 191 
LEU C   O    doub N N 192 
LEU C   OXT  sing N N 193 
LEU CB  CG   sing N N 194 
LEU CB  HB2  sing N N 195 
LEU CB  HB3  sing N N 196 
LEU CG  CD1  sing N N 197 
LEU CG  CD2  sing N N 198 
LEU CG  HG   sing N N 199 
LEU CD1 HD11 sing N N 200 
LEU CD1 HD12 sing N N 201 
LEU CD1 HD13 sing N N 202 
LEU CD2 HD21 sing N N 203 
LEU CD2 HD22 sing N N 204 
LEU CD2 HD23 sing N N 205 
LEU OXT HXT  sing N N 206 
LYS N   CA   sing N N 207 
LYS N   H    sing N N 208 
LYS N   H2   sing N N 209 
LYS CA  C    sing N N 210 
LYS CA  CB   sing N N 211 
LYS CA  HA   sing N N 212 
LYS C   O    doub N N 213 
LYS C   OXT  sing N N 214 
LYS CB  CG   sing N N 215 
LYS CB  HB2  sing N N 216 
LYS CB  HB3  sing N N 217 
LYS CG  CD   sing N N 218 
LYS CG  HG2  sing N N 219 
LYS CG  HG3  sing N N 220 
LYS CD  CE   sing N N 221 
LYS CD  HD2  sing N N 222 
LYS CD  HD3  sing N N 223 
LYS CE  NZ   sing N N 224 
LYS CE  HE2  sing N N 225 
LYS CE  HE3  sing N N 226 
LYS NZ  HZ1  sing N N 227 
LYS NZ  HZ2  sing N N 228 
LYS NZ  HZ3  sing N N 229 
LYS OXT HXT  sing N N 230 
MET N   CA   sing N N 231 
MET N   H    sing N N 232 
MET N   H2   sing N N 233 
MET CA  C    sing N N 234 
MET CA  CB   sing N N 235 
MET CA  HA   sing N N 236 
MET C   O    doub N N 237 
MET C   OXT  sing N N 238 
MET CB  CG   sing N N 239 
MET CB  HB2  sing N N 240 
MET CB  HB3  sing N N 241 
MET CG  SD   sing N N 242 
MET CG  HG2  sing N N 243 
MET CG  HG3  sing N N 244 
MET SD  CE   sing N N 245 
MET CE  HE1  sing N N 246 
MET CE  HE2  sing N N 247 
MET CE  HE3  sing N N 248 
MET OXT HXT  sing N N 249 
NH2 N   HN1  sing N N 250 
NH2 N   HN2  sing N N 251 
SER N   CA   sing N N 252 
SER N   H    sing N N 253 
SER N   H2   sing N N 254 
SER CA  C    sing N N 255 
SER CA  CB   sing N N 256 
SER CA  HA   sing N N 257 
SER C   O    doub N N 258 
SER C   OXT  sing N N 259 
SER CB  OG   sing N N 260 
SER CB  HB2  sing N N 261 
SER CB  HB3  sing N N 262 
SER OG  HG   sing N N 263 
SER OXT HXT  sing N N 264 
THR N   CA   sing N N 265 
THR N   H    sing N N 266 
THR N   H2   sing N N 267 
THR CA  C    sing N N 268 
THR CA  CB   sing N N 269 
THR CA  HA   sing N N 270 
THR C   O    doub N N 271 
THR C   OXT  sing N N 272 
THR CB  OG1  sing N N 273 
THR CB  CG2  sing N N 274 
THR CB  HB   sing N N 275 
THR OG1 HG1  sing N N 276 
THR CG2 HG21 sing N N 277 
THR CG2 HG22 sing N N 278 
THR CG2 HG23 sing N N 279 
THR OXT HXT  sing N N 280 
TRP N   CA   sing N N 281 
TRP N   H    sing N N 282 
TRP N   H2   sing N N 283 
TRP CA  C    sing N N 284 
TRP CA  CB   sing N N 285 
TRP CA  HA   sing N N 286 
TRP C   O    doub N N 287 
TRP C   OXT  sing N N 288 
TRP CB  CG   sing N N 289 
TRP CB  HB2  sing N N 290 
TRP CB  HB3  sing N N 291 
TRP CG  CD1  doub Y N 292 
TRP CG  CD2  sing Y N 293 
TRP CD1 NE1  sing Y N 294 
TRP CD1 HD1  sing N N 295 
TRP CD2 CE2  doub Y N 296 
TRP CD2 CE3  sing Y N 297 
TRP NE1 CE2  sing Y N 298 
TRP NE1 HE1  sing N N 299 
TRP CE2 CZ2  sing Y N 300 
TRP CE3 CZ3  doub Y N 301 
TRP CE3 HE3  sing N N 302 
TRP CZ2 CH2  doub Y N 303 
TRP CZ2 HZ2  sing N N 304 
TRP CZ3 CH2  sing Y N 305 
TRP CZ3 HZ3  sing N N 306 
TRP CH2 HH2  sing N N 307 
TRP OXT HXT  sing N N 308 
TYR N   CA   sing N N 309 
TYR N   H    sing N N 310 
TYR N   H2   sing N N 311 
TYR CA  C    sing N N 312 
TYR CA  CB   sing N N 313 
TYR CA  HA   sing N N 314 
TYR C   O    doub N N 315 
TYR C   OXT  sing N N 316 
TYR CB  CG   sing N N 317 
TYR CB  HB2  sing N N 318 
TYR CB  HB3  sing N N 319 
TYR CG  CD1  doub Y N 320 
TYR CG  CD2  sing Y N 321 
TYR CD1 CE1  sing Y N 322 
TYR CD1 HD1  sing N N 323 
TYR CD2 CE2  doub Y N 324 
TYR CD2 HD2  sing N N 325 
TYR CE1 CZ   doub Y N 326 
TYR CE1 HE1  sing N N 327 
TYR CE2 CZ   sing Y N 328 
TYR CE2 HE2  sing N N 329 
TYR CZ  OH   sing N N 330 
TYR OH  HH   sing N N 331 
TYR OXT HXT  sing N N 332 
VAL N   CA   sing N N 333 
VAL N   H    sing N N 334 
VAL N   H2   sing N N 335 
VAL CA  C    sing N N 336 
VAL CA  CB   sing N N 337 
VAL CA  HA   sing N N 338 
VAL C   O    doub N N 339 
VAL C   OXT  sing N N 340 
VAL CB  CG1  sing N N 341 
VAL CB  CG2  sing N N 342 
VAL CB  HB   sing N N 343 
VAL CG1 HG11 sing N N 344 
VAL CG1 HG12 sing N N 345 
VAL CG1 HG13 sing N N 346 
VAL CG2 HG21 sing N N 347 
VAL CG2 HG22 sing N N 348 
VAL CG2 HG23 sing N N 349 
VAL OXT HXT  sing N N 350 
# 
_pdbx_initial_refinement_model.id               1 
_pdbx_initial_refinement_model.entity_id_list   ? 
_pdbx_initial_refinement_model.type             'experimental model' 
_pdbx_initial_refinement_model.source_name      PDB 
_pdbx_initial_refinement_model.accession_code   3F4Y 
_pdbx_initial_refinement_model.details          'PDB ID 3F4Y' 
# 
_atom_sites.entry_id                    3VGX 
_atom_sites.fract_transf_matrix[1][1]   0.02057966 
_atom_sites.fract_transf_matrix[1][2]   -0.01056738 
_atom_sites.fract_transf_matrix[1][3]   0.01114545 
_atom_sites.fract_transf_matrix[2][1]   -0.00068293 
_atom_sites.fract_transf_matrix[2][2]   -0.00627680 
_atom_sites.fract_transf_matrix[2][3]   0.02489069 
_atom_sites.fract_transf_matrix[3][1]   -0.00161571 
_atom_sites.fract_transf_matrix[3][2]   -0.00435036 
_atom_sites.fract_transf_matrix[3][3]   -0.00114138 
_atom_sites.fract_transf_vector[1]      0.238064 
_atom_sites.fract_transf_vector[2]      -0.232550 
_atom_sites.fract_transf_vector[3]      -0.062368 
# 
loop_
_atom_type.symbol 
C 
H 
N 
O 
S 
# 
loop_
_atom_site.group_PDB 
_atom_site.id 
_atom_site.type_symbol 
_atom_site.label_atom_id 
_atom_site.label_alt_id 
_atom_site.label_comp_id 
_atom_site.label_asym_id 
_atom_site.label_entity_id 
_atom_site.label_seq_id 
_atom_site.pdbx_PDB_ins_code 
_atom_site.Cartn_x 
_atom_site.Cartn_y 
_atom_site.Cartn_z 
_atom_site.occupancy 
_atom_site.B_iso_or_equiv 
_atom_site.pdbx_formal_charge 
_atom_site.auth_seq_id 
_atom_site.auth_comp_id 
_atom_site.auth_asym_id 
_atom_site.auth_atom_id 
_atom_site.pdbx_PDB_model_num 
HETATM 1    C C    . ACE A 1 1  ? 0.292   -24.231 -5.169  1.00 46.41 ? 552 ACE C C    1 
HETATM 2    O O    . ACE A 1 1  ? 0.101   -23.028 -4.973  1.00 23.46 ? 552 ACE C O    1 
HETATM 3    C CH3  . ACE A 1 1  ? 0.038   -24.845 -6.543  1.00 44.62 ? 552 ACE C CH3  1 
ATOM   4    N N    . ASN A 1 2  ? 0.730   -25.059 -4.224  1.00 47.65 ? 553 ASN C N    1 
ATOM   5    C CA   . ASN A 1 2  ? 0.956   -24.601 -2.856  1.00 40.71 ? 553 ASN C CA   1 
ATOM   6    C C    . ASN A 1 2  ? 2.149   -23.664 -2.723  1.00 21.35 ? 553 ASN C C    1 
ATOM   7    O O    . ASN A 1 2  ? 2.092   -22.687 -1.975  1.00 21.75 ? 553 ASN C O    1 
ATOM   8    C CB   . ASN A 1 2  ? 1.149   -25.773 -1.906  1.00 36.02 ? 553 ASN C CB   1 
ATOM   9    C CG   . ASN A 1 2  ? 1.492   -25.318 -0.502  1.00 28.58 ? 553 ASN C CG   1 
ATOM   10   O OD1  . ASN A 1 2  ? 0.648   -24.780 0.208   1.00 35.20 ? 553 ASN C OD1  1 
ATOM   11   N ND2  . ASN A 1 2  ? 2.740   -25.524 -0.099  1.00 19.85 ? 553 ASN C ND2  1 
ATOM   12   H H    . ASN A 1 2  ? 0.904   -25.892 -4.348  1.00 57.10 ? 553 ASN C H    1 
ATOM   13   H HA   . ASN A 1 2  ? 0.162   -24.109 -2.559  1.00 48.78 ? 553 ASN C HA   1 
ATOM   14   H HB2  . ASN A 1 2  ? 0.327   -26.287 -1.864  1.00 43.15 ? 553 ASN C HB2  1 
ATOM   15   H HB3  . ASN A 1 2  ? 1.874   -26.329 -2.229  1.00 43.15 ? 553 ASN C HB3  1 
ATOM   16   H HD21 . ASN A 1 2  ? 2.983   -25.283 0.689   1.00 23.75 ? 553 ASN C HD21 1 
ATOM   17   H HD22 . ASN A 1 2  ? 3.306   -25.900 -0.627  1.00 23.75 ? 553 ASN C HD22 1 
ATOM   18   N N    . ASN A 1 3  ? 3.237   -23.964 -3.421  1.00 15.85 ? 554 ASN C N    1 
ATOM   19   C CA   . ASN A 1 3  ? 4.357   -23.027 -3.445  1.00 15.55 ? 554 ASN C CA   1 
ATOM   20   C C    . ASN A 1 3  ? 3.921   -21.683 -4.010  1.00 15.89 ? 554 ASN C C    1 
ATOM   21   O O    . ASN A 1 3  ? 4.383   -20.638 -3.550  1.00 17.76 ? 554 ASN C O    1 
ATOM   22   C CB   . ASN A 1 3  ? 5.527   -23.582 -4.252  1.00 18.47 ? 554 ASN C CB   1 
ATOM   23   C CG   . ASN A 1 3  ? 6.482   -24.380 -3.397  1.00 27.71 ? 554 ASN C CG   1 
ATOM   24   O OD1  . ASN A 1 3  ? 7.698   -24.260 -3.517  1.00 34.20 ? 554 ASN C OD1  1 
ATOM   25   N ND2  . ASN A 1 3  ? 5.932   -25.182 -2.503  1.00 21.64 ? 554 ASN C ND2  1 
ATOM   26   H H    . ASN A 1 3  ? 3.355   -24.683 -3.877  1.00 18.95 ? 554 ASN C H    1 
ATOM   27   H HA   . ASN A 1 3  ? 4.667   -22.881 -2.528  1.00 18.59 ? 554 ASN C HA   1 
ATOM   28   H HB2  . ASN A 1 3  ? 5.186   -24.164 -4.948  1.00 22.09 ? 554 ASN C HB2  1 
ATOM   29   H HB3  . ASN A 1 3  ? 6.020   -22.844 -4.645  1.00 22.09 ? 554 ASN C HB3  1 
ATOM   30   H HD21 . ASN A 1 3  ? 6.429   -25.660 -1.990  1.00 25.90 ? 554 ASN C HD21 1 
ATOM   31   H HD22 . ASN A 1 3  ? 5.076   -25.226 -2.435  1.00 25.90 ? 554 ASN C HD22 1 
ATOM   32   N N    . LEU A 1 4  ? 3.033   -21.695 -4.999  1.00 15.98 ? 555 LEU C N    1 
ATOM   33   C CA   . LEU A 1 4  ? 2.598   -20.435 -5.606  1.00 17.02 ? 555 LEU C CA   1 
ATOM   34   C C    . LEU A 1 4  ? 1.729   -19.638 -4.643  1.00 18.71 ? 555 LEU C C    1 
ATOM   35   O O    . LEU A 1 4  ? 1.827   -18.417 -4.575  1.00 15.26 ? 555 LEU C O    1 
ATOM   36   C CB   . LEU A 1 4  ? 1.826   -20.674 -6.905  1.00 20.89 ? 555 LEU C CB   1 
ATOM   37   C CG   . LEU A 1 4  ? 2.605   -21.299 -8.063  1.00 35.32 ? 555 LEU C CG   1 
ATOM   38   C CD1  . LEU A 1 4  ? 1.806   -21.179 -9.352  1.00 41.83 ? 555 LEU C CD1  1 
ATOM   39   C CD2  . LEU A 1 4  ? 3.968   -20.647 -8.227  1.00 30.73 ? 555 LEU C CD2  1 
ATOM   40   H H    . LEU A 1 4  ? 2.674   -22.401 -5.333  1.00 19.10 ? 555 LEU C H    1 
ATOM   41   H HA   . LEU A 1 4  ? 3.388   -19.895 -5.818  1.00 20.35 ? 555 LEU C HA   1 
ATOM   42   H HB2  . LEU A 1 4  ? 1.082   -21.264 -6.710  1.00 25.00 ? 555 LEU C HB2  1 
ATOM   43   H HB3  . LEU A 1 4  ? 1.486   -19.820 -7.216  1.00 25.00 ? 555 LEU C HB3  1 
ATOM   44   H HG   . LEU A 1 4  ? 2.742   -22.241 -7.880  1.00 42.31 ? 555 LEU C HG   1 
ATOM   45   H HD11 . LEU A 1 4  ? 2.308   -21.575 -10.068 1.00 50.12 ? 555 LEU C HD11 1 
ATOM   46   H HD12 . LEU A 1 4  ? 0.970   -21.638 -9.244  1.00 50.12 ? 555 LEU C HD12 1 
ATOM   47   H HD13 . LEU A 1 4  ? 1.649   -20.250 -9.537  1.00 50.12 ? 555 LEU C HD13 1 
ATOM   48   H HD21 . LEU A 1 4  ? 4.426   -21.063 -8.961  1.00 36.81 ? 555 LEU C HD21 1 
ATOM   49   H HD22 . LEU A 1 4  ? 3.847   -19.711 -8.404  1.00 36.81 ? 555 LEU C HD22 1 
ATOM   50   H HD23 . LEU A 1 4  ? 4.470   -20.766 -7.417  1.00 36.81 ? 555 LEU C HD23 1 
ATOM   51   N N    . LEU A 1 5  ? 0.868   -20.334 -3.908  1.00 16.33 ? 556 LEU C N    1 
ATOM   52   C CA   . LEU A 1 5  ? 0.038   -19.701 -2.894  1.00 18.35 ? 556 LEU C CA   1 
ATOM   53   C C    . LEU A 1 5  ? 0.922   -19.073 -1.818  1.00 13.84 ? 556 LEU C C    1 
ATOM   54   O O    . LEU A 1 5  ? 0.698   -17.934 -1.395  1.00 13.78 ? 556 LEU C O    1 
ATOM   55   C CB   . LEU A 1 5  ? -0.897  -20.741 -2.275  1.00 20.95 ? 556 LEU C CB   1 
ATOM   56   C CG   . LEU A 1 5  ? -1.838  -20.318 -1.145  1.00 27.96 ? 556 LEU C CG   1 
ATOM   57   C CD1  . LEU A 1 5  ? -1.103  -20.189 0.195   1.00 35.51 ? 556 LEU C CD1  1 
ATOM   58   C CD2  . LEU A 1 5  ? -2.574  -19.035 -1.503  1.00 39.89 ? 556 LEU C CD2  1 
ATOM   59   H H    . LEU A 1 5  ? 0.746   -21.182 -3.980  1.00 19.52 ? 556 LEU C H    1 
ATOM   60   H HA   . LEU A 1 5  ? -0.505  -18.995 -3.305  1.00 21.95 ? 556 LEU C HA   1 
ATOM   61   H HB2  . LEU A 1 5  ? -1.456  -21.094 -2.985  1.00 25.06 ? 556 LEU C HB2  1 
ATOM   62   H HB3  . LEU A 1 5  ? -0.347  -21.459 -1.925  1.00 25.06 ? 556 LEU C HB3  1 
ATOM   63   H HG   . LEU A 1 5  ? -2.509  -21.010 -1.037  1.00 33.48 ? 556 LEU C HG   1 
ATOM   64   H HD11 . LEU A 1 5  ? -1.731  -19.922 0.871   1.00 42.54 ? 556 LEU C HD11 1 
ATOM   65   H HD12 . LEU A 1 5  ? -0.718  -21.039 0.422   1.00 42.54 ? 556 LEU C HD12 1 
ATOM   66   H HD13 . LEU A 1 5  ? -0.412  -19.528 0.110   1.00 42.54 ? 556 LEU C HD13 1 
ATOM   67   H HD21 . LEU A 1 5  ? -3.155  -18.795 -0.777  1.00 47.80 ? 556 LEU C HD21 1 
ATOM   68   H HD22 . LEU A 1 5  ? -1.932  -18.337 -1.652  1.00 47.80 ? 556 LEU C HD22 1 
ATOM   69   H HD23 . LEU A 1 5  ? -3.089  -19.182 -2.300  1.00 47.80 ? 556 LEU C HD23 1 
ATOM   70   N N    . ARG A 1 6  ? 1.937   -19.808 -1.384  1.00 12.79 ? 557 ARG C N    1 
ATOM   71   C CA   . ARG A 1 6  ? 2.846   -19.299 -0.362  1.00 11.36 ? 557 ARG C CA   1 
ATOM   72   C C    . ARG A 1 6  ? 3.635   -18.107 -0.900  1.00 10.41 ? 557 ARG C C    1 
ATOM   73   O O    . ARG A 1 6  ? 3.941   -17.169 -0.161  1.00 12.54 ? 557 ARG C O    1 
ATOM   74   C CB   . ARG A 1 6  ? 3.803   -20.395 0.115   1.00 14.55 ? 557 ARG C CB   1 
ATOM   75   C CG   . ARG A 1 6  ? 3.115   -21.532 0.872   1.00 16.14 ? 557 ARG C CG   1 
ATOM   76   C CD   . ARG A 1 6  ? 4.130   -22.568 1.339   1.00 14.66 ? 557 ARG C CD   1 
ATOM   77   N NE   . ARG A 1 6  ? 5.076   -21.996 2.294   1.00 15.95 ? 557 ARG C NE   1 
ATOM   78   C CZ   . ARG A 1 6  ? 6.295   -22.474 2.519   1.00 16.63 ? 557 ARG C CZ   1 
ATOM   79   N NH1  . ARG A 1 6  ? 6.719   -23.543 1.860   1.00 16.66 ? 557 ARG C NH1  1 
ATOM   80   N NH2  . ARG A 1 6  ? 7.090   -21.886 3.399   1.00 17.07 ? 557 ARG C NH2  1 
ATOM   81   H H    . ARG A 1 6  ? 2.122   -20.601 -1.662  1.00 15.28 ? 557 ARG C H    1 
ATOM   82   H HA   . ARG A 1 6  ? 2.323   -18.995 0.409   1.00 13.56 ? 557 ARG C HA   1 
ATOM   83   H HB2  . ARG A 1 6  ? 4.247   -20.779 -0.656  1.00 17.39 ? 557 ARG C HB2  1 
ATOM   84   H HB3  . ARG A 1 6  ? 4.461   -20.000 0.709   1.00 17.39 ? 557 ARG C HB3  1 
ATOM   85   H HG2  . ARG A 1 6  ? 2.664   -21.173 1.653   1.00 19.29 ? 557 ARG C HG2  1 
ATOM   86   H HG3  . ARG A 1 6  ? 2.477   -21.970 0.287   1.00 19.29 ? 557 ARG C HG3  1 
ATOM   87   H HD2  . ARG A 1 6  ? 3.664   -23.300 1.772   1.00 17.52 ? 557 ARG C HD2  1 
ATOM   88   H HD3  . ARG A 1 6  ? 4.629   -22.893 0.573   1.00 17.52 ? 557 ARG C HD3  1 
ATOM   89   H HE   . ARG A 1 6  ? 4.827   -21.306 2.741   1.00 19.06 ? 557 ARG C HE   1 
ATOM   90   H HH11 . ARG A 1 6  ? 6.205   -23.925 1.285   1.00 19.92 ? 557 ARG C HH11 1 
ATOM   91   H HH12 . ARG A 1 6  ? 7.508   -23.853 2.006   1.00 19.92 ? 557 ARG C HH12 1 
ATOM   92   H HH21 . ARG A 1 6  ? 6.818   -21.194 3.830   1.00 20.41 ? 557 ARG C HH21 1 
ATOM   93   H HH22 . ARG A 1 6  ? 7.877   -22.201 3.544   1.00 20.41 ? 557 ARG C HH22 1 
ATOM   94   N N    . ALA A 1 7  ? 3.951   -18.136 -2.190  1.00 13.09 ? 558 ALA C N    1 
ATOM   95   C CA   . ALA A 1 7  ? 4.702   -17.040 -2.809  1.00 14.01 ? 558 ALA C CA   1 
ATOM   96   C C    . ALA A 1 7  ? 3.860   -15.769 -2.839  1.00 13.90 ? 558 ALA C C    1 
ATOM   97   O O    . ALA A 1 7  ? 4.340   -14.685 -2.505  1.00 12.42 ? 558 ALA C O    1 
ATOM   98   C CB   . ALA A 1 7  ? 5.127   -17.422 -4.218  1.00 12.57 ? 558 ALA C CB   1 
ATOM   99   H H    . ALA A 1 7  ? 3.746   -18.773 -2.730  1.00 15.64 ? 558 ALA C H    1 
ATOM   100  H HA   . ALA A 1 7  ? 5.509   -16.861 -2.282  1.00 16.74 ? 558 ALA C HA   1 
ATOM   101  H HB1  . ALA A 1 7  ? 5.616   -16.693 -4.605  1.00 15.01 ? 558 ALA C HB1  1 
ATOM   102  H HB2  . ALA A 1 7  ? 5.683   -18.203 -4.175  1.00 15.01 ? 558 ALA C HB2  1 
ATOM   103  H HB3  . ALA A 1 7  ? 4.344   -17.606 -4.741  1.00 15.01 ? 558 ALA C HB3  1 
ATOM   104  N N    . ILE A 1 8  ? 2.607   -15.903 -3.256  1.00 13.11 ? 559 ILE C N    1 
ATOM   105  C CA   . ILE A 1 8  ? 1.678   -14.772 -3.296  1.00 13.68 ? 559 ILE C CA   1 
ATOM   106  C C    . ILE A 1 8  ? 1.427   -14.204 -1.894  1.00 14.51 ? 559 ILE C C    1 
ATOM   107  O O    . ILE A 1 8  ? 1.369   -12.991 -1.705  1.00 12.17 ? 559 ILE C O    1 
ATOM   108  C CB   . ILE A 1 8  ? 0.351   -15.193 -3.968  1.00 14.31 ? 559 ILE C CB   1 
ATOM   109  C CG1  . ILE A 1 8  ? 0.598   -15.482 -5.451  1.00 15.10 ? 559 ILE C CG1  1 
ATOM   110  C CG2  . ILE A 1 8  ? -0.703  -14.121 -3.803  1.00 18.21 ? 559 ILE C CG2  1 
ATOM   111  C CD1  . ILE A 1 8  ? -0.598  -16.054 -6.178  1.00 26.39 ? 559 ILE C CD1  1 
ATOM   112  H H    . ILE A 1 8  ? 2.263   -16.644 -3.523  1.00 15.66 ? 559 ILE C H    1 
ATOM   113  H HA   . ILE A 1 8  ? 2.074   -14.059 -3.840  1.00 16.34 ? 559 ILE C HA   1 
ATOM   114  H HB   . ILE A 1 8  ? 0.034   -16.005 -3.543  1.00 17.10 ? 559 ILE C HB   1 
ATOM   115  H HG12 . ILE A 1 8  ? 0.844   -14.655 -5.893  1.00 18.04 ? 559 ILE C HG12 1 
ATOM   116  H HG13 . ILE A 1 8  ? 1.323   -16.123 -5.526  1.00 18.04 ? 559 ILE C HG13 1 
ATOM   117  H HG21 . ILE A 1 8  ? -1.513  -14.411 -4.230  1.00 21.78 ? 559 ILE C HG21 1 
ATOM   118  H HG22 . ILE A 1 8  ? -0.859  -13.978 -2.868  1.00 21.78 ? 559 ILE C HG22 1 
ATOM   119  H HG23 . ILE A 1 8  ? -0.391  -13.310 -4.212  1.00 21.78 ? 559 ILE C HG23 1 
ATOM   120  H HD11 . ILE A 1 8  ? -0.363  -16.206 -7.096  1.00 31.59 ? 559 ILE C HD11 1 
ATOM   121  H HD12 . ILE A 1 8  ? -0.850  -16.882 -5.762  1.00 31.59 ? 559 ILE C HD12 1 
ATOM   122  H HD13 . ILE A 1 8  ? -1.324  -15.428 -6.125  1.00 31.59 ? 559 ILE C HD13 1 
ATOM   123  N N    . GLU A 1 9  ? 1.293   -15.076 -0.901  1.00 11.38 ? 560 GLU C N    1 
ATOM   124  C CA   . GLU A 1 9  ? 1.135   -14.639 0.488   1.00 10.16 ? 560 GLU C CA   1 
ATOM   125  C C    . GLU A 1 9  ? 2.306   -13.773 0.947   1.00 13.07 ? 560 GLU C C    1 
ATOM   126  O O    . GLU A 1 9  ? 2.113   -12.688 1.520   1.00 12.42 ? 560 GLU C O    1 
ATOM   127  C CB   . GLU A 1 9  ? 1.001   -15.869 1.404   1.00 13.46 ? 560 GLU C CB   1 
ATOM   128  C CG   . GLU A 1 9  ? 0.993   -15.562 2.897   1.00 13.91 ? 560 GLU C CG   1 
ATOM   129  C CD   . GLU A 1 9  ? 0.854   -16.818 3.738   1.00 17.84 ? 560 GLU C CD   1 
ATOM   130  O OE1  . GLU A 1 9  ? -0.235  -17.048 4.287   1.00 17.79 ? 560 GLU C OE1  1 
ATOM   131  O OE2  . GLU A 1 9  ? 1.829   -17.579 3.840   1.00 20.77 ? 560 GLU C OE2  1 
ATOM   132  H H    . GLU A 1 9  ? 1.289   -15.930 -1.002  1.00 13.59 ? 560 GLU C H    1 
ATOM   133  H HA   . GLU A 1 9  ? 0.314   -14.108 0.567   1.00 12.11 ? 560 GLU C HA   1 
ATOM   134  H HB2  . GLU A 1 9  ? 0.170   -16.321 1.193   1.00 16.08 ? 560 GLU C HB2  1 
ATOM   135  H HB3  . GLU A 1 9  ? 1.748   -16.463 1.231   1.00 16.08 ? 560 GLU C HB3  1 
ATOM   136  H HG2  . GLU A 1 9  ? 1.827   -15.128 3.137   1.00 16.62 ? 560 GLU C HG2  1 
ATOM   137  H HG3  . GLU A 1 9  ? 0.244   -14.978 3.098   1.00 16.62 ? 560 GLU C HG3  1 
ATOM   138  N N    . ALA A 1 10 ? 3.517   -14.255 0.689   1.00 10.90 ? 561 ALA C N    1 
ATOM   139  C CA   . ALA A 1 10 ? 4.731   -13.552 1.082   1.00 9.92  ? 561 ALA C CA   1 
ATOM   140  C C    . ALA A 1 10 ? 4.869   -12.244 0.299   1.00 12.48 ? 561 ALA C C    1 
ATOM   141  O O    . ALA A 1 10 ? 5.286   -11.222 0.846   1.00 13.15 ? 561 ALA C O    1 
ATOM   142  C CB   . ALA A 1 10 ? 5.948   -14.441 0.851   1.00 12.59 ? 561 ALA C CB   1 
ATOM   143  H H    . ALA A 1 10 ? 3.662   -14.998 0.283   1.00 13.01 ? 561 ALA C H    1 
ATOM   144  H HA   . ALA A 1 10 ? 4.684   -13.334 2.036   1.00 11.83 ? 561 ALA C HA   1 
ATOM   145  H HB1  . ALA A 1 10 ? 6.738   -13.963 1.113   1.00 15.04 ? 561 ALA C HB1  1 
ATOM   146  H HB2  . ALA A 1 10 ? 5.856   -15.237 1.378   1.00 15.04 ? 561 ALA C HB2  1 
ATOM   147  H HB3  . ALA A 1 10 ? 5.997   -14.667 -0.081  1.00 15.04 ? 561 ALA C HB3  1 
ATOM   148  N N    . GLN A 1 11 ? 4.507   -12.282 -0.978  1.00 12.65 ? 562 GLN C N    1 
ATOM   149  C CA   . GLN A 1 11 ? 4.592   -11.095 -1.828  1.00 9.56  ? 562 GLN C CA   1 
ATOM   150  C C    . GLN A 1 11 ? 3.622   -10.023 -1.370  1.00 9.71  ? 562 GLN C C    1 
ATOM   151  O O    . GLN A 1 11 ? 3.905   -8.833  -1.484  1.00 12.36 ? 562 GLN C O    1 
ATOM   152  C CB   . GLN A 1 11 ? 4.340   -11.471 -3.286  1.00 10.81 ? 562 GLN C CB   1 
ATOM   153  C CG   . GLN A 1 11 ? 5.567   -12.091 -3.922  1.00 13.46 ? 562 GLN C CG   1 
ATOM   154  C CD   . GLN A 1 11 ? 5.399   -12.363 -5.388  1.00 19.65 ? 562 GLN C CD   1 
ATOM   155  O OE1  . GLN A 1 11 ? 4.292   -12.613 -5.857  1.00 21.51 ? 562 GLN C OE1  1 
ATOM   156  N NE2  . GLN A 1 11 ? 6.510   -12.341 -6.128  1.00 15.56 ? 562 GLN C NE2  1 
ATOM   157  H H    . GLN A 1 11 ? 4.208   -12.982 -1.380  1.00 15.11 ? 562 GLN C H    1 
ATOM   158  H HA   . GLN A 1 11 ? 5.497   -10.726 -1.766  1.00 11.40 ? 562 GLN C HA   1 
ATOM   159  H HB2  . GLN A 1 11 ? 3.616   -12.116 -3.329  1.00 12.90 ? 562 GLN C HB2  1 
ATOM   160  H HB3  . GLN A 1 11 ? 4.109   -10.672 -3.787  1.00 12.90 ? 562 GLN C HB3  1 
ATOM   161  H HG2  . GLN A 1 11 ? 6.316   -11.486 -3.814  1.00 16.08 ? 562 GLN C HG2  1 
ATOM   162  H HG3  . GLN A 1 11 ? 5.756   -12.934 -3.481  1.00 16.08 ? 562 GLN C HG3  1 
ATOM   163  H HE21 . GLN A 1 11 ? 6.466   -12.491 -6.974  1.00 18.59 ? 562 GLN C HE21 1 
ATOM   164  H HE22 . GLN A 1 11 ? 7.270   -12.178 -5.760  1.00 18.59 ? 562 GLN C HE22 1 
ATOM   165  N N    . GLN A 1 12 ? 2.476   -10.437 -0.841  1.00 12.42 ? 563 GLN C N    1 
ATOM   166  C CA   . GLN A 1 12 ? 1.521   -9.480  -0.301  1.00 10.20 ? 563 GLN C CA   1 
ATOM   167  C C    . GLN A 1 12 ? 2.113   -8.794  0.927   1.00 12.83 ? 563 GLN C C    1 
ATOM   168  O O    . GLN A 1 12 ? 1.905   -7.612  1.128   1.00 11.44 ? 563 GLN C O    1 
ATOM   169  C CB   . GLN A 1 12 ? 0.197   -10.171 0.046   1.00 13.72 ? 563 GLN C CB   1 
ATOM   170  C CG   . GLN A 1 12 ? -0.946  -9.207  0.377   1.00 15.69 ? 563 GLN C CG   1 
ATOM   171  C CD   . GLN A 1 12 ? -1.174  -8.144  -0.697  1.00 9.52  ? 563 GLN C CD   1 
ATOM   172  O OE1  . GLN A 1 12 ? -0.935  -8.373  -1.886  1.00 15.08 ? 563 GLN C OE1  1 
ATOM   173  N NE2  . GLN A 1 12 ? -1.621  -6.968  -0.270  1.00 22.47 ? 563 GLN C NE2  1 
ATOM   174  H H    . GLN A 1 12 ? 2.230   -11.258 -0.783  1.00 14.82 ? 563 GLN C H    1 
ATOM   175  H HA   . GLN A 1 12 ? 1.338   -8.793  -0.976  1.00 12.17 ? 563 GLN C HA   1 
ATOM   176  H HB2  . GLN A 1 12 ? -0.081  -10.711 -0.711  1.00 16.40 ? 563 GLN C HB2  1 
ATOM   177  H HB3  . GLN A 1 12 ? 0.336   -10.740 0.820   1.00 16.40 ? 563 GLN C HB3  1 
ATOM   178  H HG2  . GLN A 1 12 ? -1.768  -9.715  0.473   1.00 18.76 ? 563 GLN C HG2  1 
ATOM   179  H HG3  . GLN A 1 12 ? -0.742  -8.752  1.208   1.00 18.76 ? 563 GLN C HG3  1 
ATOM   180  H HE21 . GLN A 1 12 ? -1.767  -6.333  -0.833  1.00 26.89 ? 563 GLN C HE21 1 
ATOM   181  H HE22 . GLN A 1 12 ? -1.766  -6.841  0.567   1.00 26.89 ? 563 GLN C HE22 1 
ATOM   182  N N    . HIS A 1 13 ? 2.841   -9.534  1.761   1.00 11.87 ? 564 HIS C N    1 
ATOM   183  C CA   . HIS A 1 13 ? 3.544   -8.902  2.880   1.00 10.97 ? 564 HIS C CA   1 
ATOM   184  C C    . HIS A 1 13 ? 4.580   -7.899  2.395   1.00 12.79 ? 564 HIS C C    1 
ATOM   185  O O    . HIS A 1 13 ? 4.737   -6.834  2.989   1.00 11.85 ? 564 HIS C O    1 
ATOM   186  C CB   . HIS A 1 13 ? 4.229   -9.937  3.765   1.00 10.93 ? 564 HIS C CB   1 
ATOM   187  C CG   . HIS A 1 13 ? 3.274   -10.848 4.472   1.00 18.84 ? 564 HIS C CG   1 
ATOM   188  N ND1  . HIS A 1 13 ? 2.295   -10.379 5.327   1.00 22.87 ? 564 HIS C ND1  1 
ATOM   189  C CD2  . HIS A 1 13 ? 3.155   -12.191 4.458   1.00 17.36 ? 564 HIS C CD2  1 
ATOM   190  C CE1  . HIS A 1 13 ? 1.614   -11.404 5.803   1.00 21.31 ? 564 HIS C CE1  1 
ATOM   191  N NE2  . HIS A 1 13 ? 2.108   -12.516 5.289   1.00 15.24 ? 564 HIS C NE2  1 
ATOM   192  H H    . HIS A 1 13 ? 2.945   -10.386 1.705   1.00 14.17 ? 564 HIS C H    1 
ATOM   193  H HA   . HIS A 1 13 ? 2.892   -8.418  3.430   1.00 13.09 ? 564 HIS C HA   1 
ATOM   194  H HB2  . HIS A 1 13 ? 4.811   -10.484 3.215   1.00 13.05 ? 564 HIS C HB2  1 
ATOM   195  H HB3  . HIS A 1 13 ? 4.753   -9.475  4.439   1.00 13.05 ? 564 HIS C HB3  1 
ATOM   196  H HD1  . HIS A 1 13 ? 2.152   -9.552  5.517   1.00 27.37 ? 564 HIS C HD1  1 
ATOM   197  H HD2  . HIS A 1 13 ? 3.678   -12.786 3.970   1.00 20.76 ? 564 HIS C HD2  1 
ATOM   198  H HE1  . HIS A 1 13 ? 0.900   -11.351 6.396   1.00 25.50 ? 564 HIS C HE1  1 
ATOM   199  H HE2  . HIS A 1 13 ? 1.828   -13.312 5.455   1.00 18.22 ? 564 HIS C HE2  1 
ATOM   200  N N    . LEU A 1 14 ? 5.302   -8.254  1.336   1.00 10.99 ? 565 LEU C N    1 
ATOM   201  C CA   . LEU A 1 14 ? 6.306   -7.360  0.753   1.00 10.97 ? 565 LEU C CA   1 
ATOM   202  C C    . LEU A 1 14 ? 5.635   -6.084  0.265   1.00 13.06 ? 565 LEU C C    1 
ATOM   203  O O    . LEU A 1 14 ? 6.108   -4.979  0.529   1.00 11.60 ? 565 LEU C O    1 
ATOM   204  C CB   . LEU A 1 14 ? 7.004   -8.030  -0.424  1.00 16.26 ? 565 LEU C CB   1 
ATOM   205  C CG   . LEU A 1 14 ? 8.221   -8.899  -0.135  1.00 18.84 ? 565 LEU C CG   1 
ATOM   206  C CD1  . LEU A 1 14 ? 8.840   -9.351  -1.447  1.00 16.16 ? 565 LEU C CD1  1 
ATOM   207  C CD2  . LEU A 1 14 ? 9.241   -8.154  0.708   1.00 15.64 ? 565 LEU C CD2  1 
ATOM   208  H H    . LEU A 1 14 ? 5.230   -9.011  0.933   1.00 13.11 ? 565 LEU C H    1 
ATOM   209  H HA   . LEU A 1 14 ? 6.977   -7.128  1.428   1.00 13.09 ? 565 LEU C HA   1 
ATOM   210  H HB2  . LEU A 1 14 ? 6.354   -8.595  -0.872  1.00 19.44 ? 565 LEU C HB2  1 
ATOM   211  H HB3  . LEU A 1 14 ? 7.293   -7.335  -1.035  1.00 19.44 ? 565 LEU C HB3  1 
ATOM   212  H HG   . LEU A 1 14 ? 7.941   -9.687  0.356   1.00 22.53 ? 565 LEU C HG   1 
ATOM   213  H HD11 . LEU A 1 14 ? 9.606   -9.897  -1.258  1.00 19.32 ? 565 LEU C HD11 1 
ATOM   214  H HD12 . LEU A 1 14 ? 8.190   -9.856  -1.940  1.00 19.32 ? 565 LEU C HD12 1 
ATOM   215  H HD13 . LEU A 1 14 ? 9.104   -8.577  -1.949  1.00 19.32 ? 565 LEU C HD13 1 
ATOM   216  H HD21 . LEU A 1 14 ? 9.992   -8.729  0.871   1.00 18.70 ? 565 LEU C HD21 1 
ATOM   217  H HD22 . LEU A 1 14 ? 9.525   -7.369  0.233   1.00 18.70 ? 565 LEU C HD22 1 
ATOM   218  H HD23 . LEU A 1 14 ? 8.834   -7.903  1.541   1.00 18.70 ? 565 LEU C HD23 1 
ATOM   219  N N    . LEU A 1 15 ? 4.525   -6.241  -0.443  1.00 10.87 ? 566 LEU C N    1 
ATOM   220  C CA   . LEU A 1 15 ? 3.809   -5.095  -0.990  1.00 11.65 ? 566 LEU C CA   1 
ATOM   221  C C    . LEU A 1 15 ? 3.364   -4.194  0.139   1.00 14.12 ? 566 LEU C C    1 
ATOM   222  O O    . LEU A 1 15 ? 3.461   -2.979  0.038   1.00 13.63 ? 566 LEU C O    1 
ATOM   223  C CB   . LEU A 1 15 ? 2.596   -5.534  -1.813  1.00 12.29 ? 566 LEU C CB   1 
ATOM   224  C CG   . LEU A 1 15 ? 2.921   -5.899  -3.265  1.00 19.33 ? 566 LEU C CG   1 
ATOM   225  C CD1  . LEU A 1 15 ? 1.776   -6.619  -3.939  1.00 18.36 ? 566 LEU C CD1  1 
ATOM   226  C CD2  . LEU A 1 15 ? 3.283   -4.646  -4.039  1.00 18.47 ? 566 LEU C CD2  1 
ATOM   227  H H    . LEU A 1 15 ? 4.165   -7.001  -0.623  1.00 12.97 ? 566 LEU C H    1 
ATOM   228  H HA   . LEU A 1 15 ? 4.409   -4.584  -1.574  1.00 13.91 ? 566 LEU C HA   1 
ATOM   229  H HB2  . LEU A 1 15 ? 2.202   -6.316  -1.394  1.00 14.68 ? 566 LEU C HB2  1 
ATOM   230  H HB3  . LEU A 1 15 ? 1.951   -4.811  -1.828  1.00 14.68 ? 566 LEU C HB3  1 
ATOM   231  H HG   . LEU A 1 15 ? 3.691   -6.489  -3.276  1.00 23.12 ? 566 LEU C HG   1 
ATOM   232  H HD11 . LEU A 1 15 ? 2.026   -6.825  -4.843  1.00 21.96 ? 566 LEU C HD11 1 
ATOM   233  H HD12 . LEU A 1 15 ? 1.590   -7.428  -3.459  1.00 21.96 ? 566 LEU C HD12 1 
ATOM   234  H HD13 . LEU A 1 15 ? 1.004   -6.049  -3.936  1.00 21.96 ? 566 LEU C HD13 1 
ATOM   235  H HD21 . LEU A 1 15 ? 3.484   -4.887  -4.947  1.00 22.09 ? 566 LEU C HD21 1 
ATOM   236  H HD22 . LEU A 1 15 ? 2.539   -4.040  -4.018  1.00 22.09 ? 566 LEU C HD22 1 
ATOM   237  H HD23 . LEU A 1 15 ? 4.050   -4.238  -3.631  1.00 22.09 ? 566 LEU C HD23 1 
ATOM   238  N N    . GLN A 1 16 ? 2.878   -4.781  1.227   1.00 12.78 ? 567 GLN C N    1 
ATOM   239  C CA   A GLN A 1 16 ? 2.411   -3.982  2.346   0.57 11.88 ? 567 GLN C CA   1 
ATOM   240  C CA   B GLN A 1 16 ? 2.417   -4.003  2.372   0.43 11.93 ? 567 GLN C CA   1 
ATOM   241  C C    . GLN A 1 16 ? 3.561   -3.181  2.951   1.00 12.98 ? 567 GLN C C    1 
ATOM   242  O O    . GLN A 1 16 ? 3.379   -2.029  3.344   1.00 12.00 ? 567 GLN C O    1 
ATOM   243  C CB   A GLN A 1 16 ? 1.709   -4.866  3.382   0.57 18.22 ? 567 GLN C CB   1 
ATOM   244  C CB   B GLN A 1 16 ? 1.846   -4.919  3.458   0.43 17.96 ? 567 GLN C CB   1 
ATOM   245  C CG   A GLN A 1 16 ? 0.227   -5.018  3.072   0.57 23.04 ? 567 GLN C CG   1 
ATOM   246  C CG   B GLN A 1 16 ? 1.143   -4.171  4.582   0.43 19.74 ? 567 GLN C CG   1 
ATOM   247  C CD   A GLN A 1 16 ? -0.361  -6.375  3.420   0.57 26.64 ? 567 GLN C CD   1 
ATOM   248  C CD   B GLN A 1 16 ? -0.124  -3.467  4.122   0.43 14.06 ? 567 GLN C CD   1 
ATOM   249  O OE1  A GLN A 1 16 ? -1.409  -6.743  2.892   0.57 17.86 ? 567 GLN C OE1  1 
ATOM   250  O OE1  B GLN A 1 16 ? -0.399  -2.338  4.529   0.43 30.10 ? 567 GLN C OE1  1 
ATOM   251  N NE2  A GLN A 1 16 ? 0.299   -7.122  4.305   0.57 21.72 ? 567 GLN C NE2  1 
ATOM   252  N NE2  B GLN A 1 16 ? -0.907  -4.135  3.281   0.43 20.37 ? 567 GLN C NE2  1 
ATOM   253  H H    A GLN A 1 16 ? 2.810   -5.631  1.339   0.57 15.26 ? 567 GLN C H    1 
ATOM   254  H H    B GLN A 1 16 ? 2.805   -5.633  1.328   0.43 15.26 ? 567 GLN C H    1 
ATOM   255  H HA   A GLN A 1 16 ? 1.750   -3.339  2.013   0.57 14.19 ? 567 GLN C HA   1 
ATOM   256  H HA   B GLN A 1 16 ? 1.709   -3.388  2.083   0.43 14.24 ? 567 GLN C HA   1 
ATOM   257  H HB2  A GLN A 1 16 ? 2.113   -5.748  3.377   0.57 21.79 ? 567 GLN C HB2  1 
ATOM   258  H HB2  B GLN A 1 16 ? 1.202   -5.520  3.053   0.43 21.47 ? 567 GLN C HB2  1 
ATOM   259  H HB3  A GLN A 1 16 ? 1.797   -4.462  4.260   0.57 21.79 ? 567 GLN C HB3  1 
ATOM   260  H HB3  B GLN A 1 16 ? 2.572   -5.428  3.850   0.43 21.47 ? 567 GLN C HB3  1 
ATOM   261  H HG2  A GLN A 1 16 ? -0.265  -4.349  3.574   0.57 27.58 ? 567 GLN C HG2  1 
ATOM   262  H HG2  B GLN A 1 16 ? 0.900   -4.803  5.276   0.43 23.61 ? 567 GLN C HG2  1 
ATOM   263  H HG3  A GLN A 1 16 ? 0.093   -4.876  2.122   0.57 27.58 ? 567 GLN C HG3  1 
ATOM   264  H HG3  B GLN A 1 16 ? 1.746   -3.500  4.940   0.43 23.61 ? 567 GLN C HG3  1 
ATOM   265  H HE21 A GLN A 1 16 ? -0.003  -7.896  4.527   0.57 25.99 ? 567 GLN C HE21 1 
ATOM   266  H HE21 B GLN A 1 16 ? -1.635  -3.778  2.994   0.43 24.37 ? 567 GLN C HE21 1 
ATOM   267  H HE22 A GLN A 1 16 ? 1.029   -6.829  4.655   0.57 25.99 ? 567 GLN C HE22 1 
ATOM   268  H HE22 B GLN A 1 16 ? -0.687  -4.926  3.024   0.43 24.37 ? 567 GLN C HE22 1 
ATOM   269  N N    . LEU A 1 17 ? 4.742   -3.785  3.005   1.00 9.94  ? 568 LEU C N    1 
ATOM   270  C CA   . LEU A 1 17 ? 5.925   -3.088  3.501   1.00 11.06 ? 568 LEU C CA   1 
ATOM   271  C C    . LEU A 1 17 ? 6.282   -1.925  2.575   1.00 9.80  ? 568 LEU C C    1 
ATOM   272  O O    . LEU A 1 17 ? 6.639   -0.847  3.043   1.00 10.74 ? 568 LEU C O    1 
ATOM   273  C CB   . LEU A 1 17 ? 7.113   -4.048  3.637   1.00 11.00 ? 568 LEU C CB   1 
ATOM   274  C CG   . LEU A 1 17 ? 7.070   -4.923  4.905   1.00 13.43 ? 568 LEU C CG   1 
ATOM   275  C CD1  . LEU A 1 17 ? 7.882   -6.201  4.709   1.00 15.96 ? 568 LEU C CD1  1 
ATOM   276  C CD2  . LEU A 1 17 ? 7.577   -4.143  6.119   1.00 13.28 ? 568 LEU C CD2  1 
ATOM   277  H H    . LEU A 1 17 ? 4.887   -4.597  2.761   1.00 11.85 ? 568 LEU C H    1 
ATOM   278  H HA   . LEU A 1 17 ? 5.729   -2.719  4.388   1.00 13.20 ? 568 LEU C HA   1 
ATOM   279  H HB2  . LEU A 1 17 ? 7.125   -4.640  2.870   1.00 13.12 ? 568 LEU C HB2  1 
ATOM   280  H HB3  . LEU A 1 17 ? 7.932   -3.529  3.664   1.00 13.12 ? 568 LEU C HB3  1 
ATOM   281  H HG   . LEU A 1 17 ? 6.150   -5.178  5.079   1.00 16.04 ? 568 LEU C HG   1 
ATOM   282  H HD11 . LEU A 1 17 ? 7.837   -6.725  5.512   1.00 19.08 ? 568 LEU C HD11 1 
ATOM   283  H HD12 . LEU A 1 17 ? 7.512   -6.696  3.974   1.00 19.08 ? 568 LEU C HD12 1 
ATOM   284  H HD13 . LEU A 1 17 ? 8.793   -5.967  4.520   1.00 19.08 ? 568 LEU C HD13 1 
ATOM   285  H HD21 . LEU A 1 17 ? 7.540   -4.710  6.892   1.00 15.87 ? 568 LEU C HD21 1 
ATOM   286  H HD22 . LEU A 1 17 ? 8.483   -3.868  5.957   1.00 15.87 ? 568 LEU C HD22 1 
ATOM   287  H HD23 . LEU A 1 17 ? 7.018   -3.373  6.249   1.00 15.87 ? 568 LEU C HD23 1 
ATOM   288  N N    . THR A 1 18 ? 6.186   -2.125  1.264   1.00 10.14 ? 569 THR C N    1 
ATOM   289  C CA   . THR A 1 18 ? 6.543   -1.027  0.354   1.00 7.23  ? 569 THR C CA   1 
ATOM   290  C C    . THR A 1 18 ? 5.521   0.099   0.458   1.00 9.49  ? 569 THR C C    1 
ATOM   291  O O    . THR A 1 18 ? 5.877   1.269   0.361   1.00 8.92  ? 569 THR C O    1 
ATOM   292  C CB   . THR A 1 18 ? 6.702   -1.477  -1.108  1.00 9.38  ? 569 THR C CB   1 
ATOM   293  O OG1  . THR A 1 18 ? 5.452   -1.952  -1.621  1.00 9.45  ? 569 THR C OG1  1 
ATOM   294  C CG2  . THR A 1 18 ? 7.767   -2.559  -1.237  1.00 12.34 ? 569 THR C CG2  1 
ATOM   295  H H    . THR A 1 18 ? 5.928   -2.852  0.884   1.00 12.10 ? 569 THR C H    1 
ATOM   296  H HA   . THR A 1 18 ? 7.406   -0.662  0.640   1.00 8.61  ? 569 THR C HA   1 
ATOM   297  H HB   . THR A 1 18 ? 6.988   -0.717  -1.638  1.00 11.19 ? 569 THR C HB   1 
ATOM   298  H HG1  . THR A 1 18 ? 5.190   -2.588  -1.177  1.00 11.27 ? 569 THR C HG1  1 
ATOM   299  H HG21 . THR A 1 18 ? 7.853   -2.828  -2.155  1.00 14.73 ? 569 THR C HG21 1 
ATOM   300  H HG22 . THR A 1 18 ? 8.613   -2.226  -0.930  1.00 14.73 ? 569 THR C HG22 1 
ATOM   301  H HG23 . THR A 1 18 ? 7.523   -3.324  -0.710  1.00 14.73 ? 569 THR C HG23 1 
ATOM   302  N N    . VAL A 1 19 ? 4.253   -0.253  0.675   1.00 9.67  ? 570 VAL C N    1 
ATOM   303  C CA   . VAL A 1 19 ? 3.222   0.766   0.906   1.00 10.12 ? 570 VAL C CA   1 
ATOM   304  C C    . VAL A 1 19 ? 3.532   1.593   2.159   1.00 12.11 ? 570 VAL C C    1 
ATOM   305  O O    . VAL A 1 19 ? 3.466   2.822   2.116   1.00 9.54  ? 570 VAL C O    1 
ATOM   306  C CB   . VAL A 1 19 ? 1.814   0.141   1.008   1.00 8.31  ? 570 VAL C CB   1 
ATOM   307  C CG1  . VAL A 1 19 ? 0.800   1.179   1.490   1.00 8.23  ? 570 VAL C CG1  1 
ATOM   308  C CG2  . VAL A 1 19 ? 1.387   -0.398  -0.341  1.00 11.59 ? 570 VAL C CG2  1 
ATOM   309  H H    . VAL A 1 19 ? 3.964   -1.063  0.693   1.00 11.53 ? 570 VAL C H    1 
ATOM   310  H HA   . VAL A 1 19 ? 3.217   1.380   0.142   1.00 12.08 ? 570 VAL C HA   1 
ATOM   311  H HB   . VAL A 1 19 ? 1.829   -0.599  1.649   1.00 9.90  ? 570 VAL C HB   1 
ATOM   312  H HG11 . VAL A 1 19 ? -0.065  0.768   1.546   1.00 9.80  ? 570 VAL C HG11 1 
ATOM   313  H HG12 . VAL A 1 19 ? 1.068   1.497   2.356   1.00 9.80  ? 570 VAL C HG12 1 
ATOM   314  H HG13 . VAL A 1 19 ? 0.778   1.907   0.865   1.00 9.80  ? 570 VAL C HG13 1 
ATOM   315  H HG21 . VAL A 1 19 ? 0.511   -0.782  -0.261  1.00 13.83 ? 570 VAL C HG21 1 
ATOM   316  H HG22 . VAL A 1 19 ? 1.372   0.323   -0.974  1.00 13.83 ? 570 VAL C HG22 1 
ATOM   317  H HG23 . VAL A 1 19 ? 2.014   -1.068  -0.621  1.00 13.83 ? 570 VAL C HG23 1 
ATOM   318  N N    . TRP A 1 20 ? 3.888   0.930   3.261   1.00 9.32  ? 571 TRP C N    1 
ATOM   319  C CA   . TRP A 1 20 ? 4.294   1.626   4.491   1.00 11.34 ? 571 TRP C CA   1 
ATOM   320  C C    . TRP A 1 20 ? 5.414   2.606   4.190   1.00 14.02 ? 571 TRP C C    1 
ATOM   321  O O    . TRP A 1 20 ? 5.386   3.751   4.636   1.00 9.83  ? 571 TRP C O    1 
ATOM   322  C CB   . TRP A 1 20 ? 4.808   0.644   5.553   1.00 10.14 ? 571 TRP C CB   1 
ATOM   323  C CG   . TRP A 1 20 ? 5.377   1.329   6.811   1.00 12.35 ? 571 TRP C CG   1 
ATOM   324  C CD1  . TRP A 1 20 ? 4.675   1.729   7.909   1.00 21.81 ? 571 TRP C CD1  1 
ATOM   325  C CD2  . TRP A 1 20 ? 6.753   1.689   7.068   1.00 16.66 ? 571 TRP C CD2  1 
ATOM   326  N NE1  . TRP A 1 20 ? 5.517   2.312   8.832   1.00 21.49 ? 571 TRP C NE1  1 
ATOM   327  C CE2  . TRP A 1 20 ? 6.796   2.300   8.341   1.00 18.83 ? 571 TRP C CE2  1 
ATOM   328  C CE3  . TRP A 1 20 ? 7.942   1.560   6.346   1.00 13.37 ? 571 TRP C CE3  1 
ATOM   329  C CZ2  . TRP A 1 20 ? 7.983   2.779   8.906   1.00 16.19 ? 571 TRP C CZ2  1 
ATOM   330  C CZ3  . TRP A 1 20 ? 9.123   2.033   6.913   1.00 15.56 ? 571 TRP C CZ3  1 
ATOM   331  C CH2  . TRP A 1 20 ? 9.130   2.638   8.180   1.00 14.13 ? 571 TRP C CH2  1 
ATOM   332  H H    . TRP A 1 20 ? 3.904   0.072   3.326   1.00 11.11 ? 571 TRP C H    1 
ATOM   333  H HA   . TRP A 1 20 ? 3.532   2.120   4.858   1.00 13.53 ? 571 TRP C HA   1 
ATOM   334  H HB2  . TRP A 1 20 ? 4.075   0.074   5.832   1.00 12.09 ? 571 TRP C HB2  1 
ATOM   335  H HB3  . TRP A 1 20 ? 5.514   0.104   5.165   1.00 12.09 ? 571 TRP C HB3  1 
ATOM   336  H HD1  . TRP A 1 20 ? 3.757   1.622   8.021   1.00 26.10 ? 571 TRP C HD1  1 
ATOM   337  H HE1  . TRP A 1 20 ? 5.279   2.631   9.594   1.00 25.71 ? 571 TRP C HE1  1 
ATOM   338  H HE3  . TRP A 1 20 ? 7.944   1.163   5.505   1.00 15.97 ? 571 TRP C HE3  1 
ATOM   339  H HZ2  . TRP A 1 20 ? 7.991   3.176   9.747   1.00 19.35 ? 571 TRP C HZ2  1 
ATOM   340  H HZ3  . TRP A 1 20 ? 9.920   1.950   6.441   1.00 18.60 ? 571 TRP C HZ3  1 
ATOM   341  H HH2  . TRP A 1 20 ? 9.934   2.942   8.533   1.00 16.88 ? 571 TRP C HH2  1 
ATOM   342  N N    . GLY A 1 21 ? 6.408   2.144   3.439   1.00 10.95 ? 572 GLY C N    1 
ATOM   343  C CA   . GLY A 1 21 ? 7.578   2.959   3.150   1.00 8.05  ? 572 GLY C CA   1 
ATOM   344  C C    . GLY A 1 21 ? 7.217   4.172   2.321   1.00 8.96  ? 572 GLY C C    1 
ATOM   345  O O    . GLY A 1 21 ? 7.681   5.279   2.575   1.00 9.74  ? 572 GLY C O    1 
ATOM   346  H H    . GLY A 1 21 ? 6.428   1.361   3.085   1.00 13.07 ? 572 GLY C H    1 
ATOM   347  H HA2  . GLY A 1 21 ? 7.981   3.258   3.979   1.00 9.59  ? 572 GLY C HA2  1 
ATOM   348  H HA3  . GLY A 1 21 ? 8.230   2.432   2.660   1.00 9.59  ? 572 GLY C HA3  1 
ATOM   349  N N    . ILE A 1 22 ? 6.378   3.971   1.314   1.00 9.08  ? 573 ILE C N    1 
ATOM   350  C CA   . ILE A 1 22 ? 5.975   5.080   0.457   1.00 7.48  ? 573 ILE C CA   1 
ATOM   351  C C    . ILE A 1 22 ? 5.186   6.108   1.243   1.00 8.56  ? 573 ILE C C    1 
ATOM   352  O O    . ILE A 1 22 ? 5.375   7.307   1.075   1.00 8.02  ? 573 ILE C O    1 
ATOM   353  C CB   . ILE A 1 22 ? 5.149   4.577   -0.741  1.00 7.57  ? 573 ILE C CB   1 
ATOM   354  C CG1  . ILE A 1 22 ? 6.072   3.794   -1.678  1.00 9.04  ? 573 ILE C CG1  1 
ATOM   355  C CG2  . ILE A 1 22 ? 4.531   5.750   -1.492  1.00 7.88  ? 573 ILE C CG2  1 
ATOM   356  C CD1  . ILE A 1 22 ? 5.345   2.933   -2.717  1.00 10.39 ? 573 ILE C CD1  1 
ATOM   357  H H    . ILE A 1 22 ? 6.030   3.213   1.106   1.00 10.83 ? 573 ILE C H    1 
ATOM   358  H HA   . ILE A 1 22 ? 6.778   5.518   0.106   1.00 8.90  ? 573 ILE C HA   1 
ATOM   359  H HB   . ILE A 1 22 ? 4.443   3.992   -0.422  1.00 9.01  ? 573 ILE C HB   1 
ATOM   360  H HG12 . ILE A 1 22 ? 6.634   4.423   -2.158  1.00 10.77 ? 573 ILE C HG12 1 
ATOM   361  H HG13 . ILE A 1 22 ? 6.627   3.203   -1.143  1.00 10.77 ? 573 ILE C HG13 1 
ATOM   362  H HG21 . ILE A 1 22 ? 4.022   5.412   -2.233  1.00 9.38  ? 573 ILE C HG21 1 
ATOM   363  H HG22 . ILE A 1 22 ? 3.959   6.236   -0.895  1.00 9.38  ? 573 ILE C HG22 1 
ATOM   364  H HG23 . ILE A 1 22 ? 5.234   6.320   -1.810  1.00 9.38  ? 573 ILE C HG23 1 
ATOM   365  H HD11 . ILE A 1 22 ? 5.996   2.480   -3.257  1.00 12.39 ? 573 ILE C HD11 1 
ATOM   366  H HD12 . ILE A 1 22 ? 4.795   2.292   -2.262  1.00 12.39 ? 573 ILE C HD12 1 
ATOM   367  H HD13 . ILE A 1 22 ? 4.801   3.501   -3.267  1.00 12.39 ? 573 ILE C HD13 1 
ATOM   368  N N    . LYS A 1 23 ? 4.313   5.645   2.130   1.00 10.78 ? 574 LYS C N    1 
ATOM   369  C CA   . LYS A 1 23 ? 3.541   6.574   2.962   1.00 8.95  ? 574 LYS C CA   1 
ATOM   370  C C    . LYS A 1 23 ? 4.448   7.401   3.879   1.00 8.79  ? 574 LYS C C    1 
ATOM   371  O O    . LYS A 1 23 ? 4.221   8.599   4.068   1.00 9.61  ? 574 LYS C O    1 
ATOM   372  C CB   . LYS A 1 23 ? 2.506   5.801   3.781   1.00 9.00  ? 574 LYS C CB   1 
ATOM   373  C CG   . LYS A 1 23 ? 1.367   5.259   2.936   1.00 8.63  ? 574 LYS C CG   1 
ATOM   374  C CD   . LYS A 1 23 ? 0.390   4.486   3.804   1.00 18.44 ? 574 LYS C CD   1 
ATOM   375  C CE   . LYS A 1 23 ? -0.943  4.288   3.112   1.00 31.32 ? 574 LYS C CE   1 
ATOM   376  N NZ   . LYS A 1 23 ? -1.871  3.515   3.985   1.00 40.78 ? 574 LYS C NZ   1 
ATOM   377  H H    . LYS A 1 23 ? 4.148   4.813   2.272   1.00 12.86 ? 574 LYS C H    1 
ATOM   378  H HA   . LYS A 1 23 ? 3.058   7.195   2.377   1.00 10.67 ? 574 LYS C HA   1 
ATOM   379  H HB2  . LYS A 1 23 ? 2.943   5.049   4.212   1.00 10.72 ? 574 LYS C HB2  1 
ATOM   380  H HB3  . LYS A 1 23 ? 2.127   6.392   4.450   1.00 10.72 ? 574 LYS C HB3  1 
ATOM   381  H HG2  . LYS A 1 23 ? 0.893   5.996   2.520   1.00 10.29 ? 574 LYS C HG2  1 
ATOM   382  H HG3  . LYS A 1 23 ? 1.721   4.659   2.261   1.00 10.29 ? 574 LYS C HG3  1 
ATOM   383  H HD2  . LYS A 1 23 ? 0.762   3.612   4.002   1.00 22.06 ? 574 LYS C HD2  1 
ATOM   384  H HD3  . LYS A 1 23 ? 0.235   4.978   4.625   1.00 22.06 ? 574 LYS C HD3  1 
ATOM   385  H HE2  . LYS A 1 23 ? -1.343  5.152   2.926   1.00 37.51 ? 574 LYS C HE2  1 
ATOM   386  H HE3  . LYS A 1 23 ? -0.809  3.791   2.289   1.00 37.51 ? 574 LYS C HE3  1 
ATOM   387  H HZ1  . LYS A 1 23 ? -2.652  3.401   3.573   1.00 48.86 ? 574 LYS C HZ1  1 
ATOM   388  H HZ2  . LYS A 1 23 ? -1.522  2.716   4.168   1.00 48.86 ? 574 LYS C HZ2  1 
ATOM   389  H HZ3  . LYS A 1 23 ? -2.007  3.953   4.748   1.00 48.86 ? 574 LYS C HZ3  1 
ATOM   390  N N    . GLN A 1 24 ? 5.469   6.766   4.444   1.00 8.10  ? 575 GLN C N    1 
ATOM   391  C CA   . GLN A 1 24 ? 6.434   7.463   5.295   1.00 11.00 ? 575 GLN C CA   1 
ATOM   392  C C    . GLN A 1 24 ? 7.151   8.551   4.510   1.00 8.60  ? 575 GLN C C    1 
ATOM   393  O O    . GLN A 1 24 ? 7.323   9.675   4.983   1.00 9.87  ? 575 GLN C O    1 
ATOM   394  C CB   . GLN A 1 24 ? 7.473   6.476   5.842   1.00 9.95  ? 575 GLN C CB   1 
ATOM   395  C CG   . GLN A 1 24 ? 6.926   5.495   6.883   1.00 15.35 ? 575 GLN C CG   1 
ATOM   396  C CD   . GLN A 1 24 ? 6.654   6.146   8.230   1.00 23.59 ? 575 GLN C CD   1 
ATOM   397  O OE1  . GLN A 1 24 ? 5.611   5.915   8.847   1.00 22.06 ? 575 GLN C OE1  1 
ATOM   398  N NE2  . GLN A 1 24 ? 7.598   6.955   8.695   1.00 18.54 ? 575 GLN C NE2  1 
ATOM   399  H H    . GLN A 1 24 ? 5.628   5.927   4.350   1.00 9.64  ? 575 GLN C H    1 
ATOM   400  H HA   . GLN A 1 24 ? 5.968   7.877   6.051   1.00 13.13 ? 575 GLN C HA   1 
ATOM   401  H HB2  . GLN A 1 24 ? 7.826   5.955   5.103   1.00 11.87 ? 575 GLN C HB2  1 
ATOM   402  H HB3  . GLN A 1 24 ? 8.190   6.978   6.260   1.00 11.87 ? 575 GLN C HB3  1 
ATOM   403  H HG2  . GLN A 1 24 ? 6.091   5.123   6.557   1.00 18.34 ? 575 GLN C HG2  1 
ATOM   404  H HG3  . GLN A 1 24 ? 7.573   4.785   7.019   1.00 18.34 ? 575 GLN C HG3  1 
ATOM   405  H HE21 . GLN A 1 24 ? 7.492   7.348   9.454   1.00 22.17 ? 575 GLN C HE21 1 
ATOM   406  H HE22 . GLN A 1 24 ? 8.315   7.087   8.239   1.00 22.17 ? 575 GLN C HE22 1 
ATOM   407  N N    . LEU A 1 25 ? 7.582   8.212   3.304   1.00 8.23  ? 576 LEU C N    1 
ATOM   408  C CA   . LEU A 1 25 ? 8.330   9.151   2.480   1.00 7.17  ? 576 LEU C CA   1 
ATOM   409  C C    . LEU A 1 25 ? 7.459   10.287  2.008   1.00 8.53  ? 576 LEU C C    1 
ATOM   410  O O    . LEU A 1 25 ? 7.914   11.409  1.936   1.00 7.67  ? 576 LEU C O    1 
ATOM   411  C CB   . LEU A 1 25 ? 8.940   8.431   1.280   1.00 9.59  ? 576 LEU C CB   1 
ATOM   412  C CG   . LEU A 1 25 ? 9.975   7.385   1.698   1.00 9.60  ? 576 LEU C CG   1 
ATOM   413  C CD1  . LEU A 1 25 ? 10.586  6.766   0.449   1.00 12.90 ? 576 LEU C CD1  1 
ATOM   414  C CD2  . LEU A 1 25 ? 11.059  7.975   2.604   1.00 16.32 ? 576 LEU C CD2  1 
ATOM   415  H H    . LEU A 1 25 ? 7.453   7.444   2.938   1.00 9.80  ? 576 LEU C H    1 
ATOM   416  H HA   . LEU A 1 25 ? 9.062   9.529   3.011   1.00 8.53  ? 576 LEU C HA   1 
ATOM   417  H HB2  . LEU A 1 25 ? 8.237   7.979   0.789   1.00 11.43 ? 576 LEU C HB2  1 
ATOM   418  H HB3  . LEU A 1 25 ? 9.381   9.081   0.710   1.00 11.43 ? 576 LEU C HB3  1 
ATOM   419  H HG   . LEU A 1 25 ? 9.527   6.680   2.190   1.00 11.45 ? 576 LEU C HG   1 
ATOM   420  H HD11 . LEU A 1 25 ? 11.236  6.110   0.712   1.00 15.41 ? 576 LEU C HD11 1 
ATOM   421  H HD12 . LEU A 1 25 ? 9.891   6.351   -0.066  1.00 15.41 ? 576 LEU C HD12 1 
ATOM   422  H HD13 . LEU A 1 25 ? 11.009  7.457   -0.066  1.00 15.41 ? 576 LEU C HD13 1 
ATOM   423  H HD21 . LEU A 1 25 ? 11.681  7.284   2.839   1.00 19.51 ? 576 LEU C HD21 1 
ATOM   424  H HD22 . LEU A 1 25 ? 11.512  8.678   2.133   1.00 19.51 ? 576 LEU C HD22 1 
ATOM   425  H HD23 . LEU A 1 25 ? 10.646  8.326   3.398   1.00 19.51 ? 576 LEU C HD23 1 
ATOM   426  N N    . GLN A 1 26 ? 6.199   10.004  1.686   1.00 8.15  ? 577 GLN C N    1 
ATOM   427  C CA   . GLN A 1 26 ? 5.285   11.055  1.253   1.00 7.48  ? 577 GLN C CA   1 
ATOM   428  C C    . GLN A 1 26 ? 5.087   12.078  2.372   1.00 9.26  ? 577 GLN C C    1 
ATOM   429  O O    . GLN A 1 26 ? 5.128   13.275  2.131   1.00 9.81  ? 577 GLN C O    1 
ATOM   430  C CB   . GLN A 1 26 ? 3.944   10.454  0.829   1.00 8.44  ? 577 GLN C CB   1 
ATOM   431  C CG   . GLN A 1 26 ? 3.132   11.346  -0.121  1.00 15.92 ? 577 GLN C CG   1 
ATOM   432  C CD   . GLN A 1 26 ? 2.468   12.516  0.573   1.00 16.76 ? 577 GLN C CD   1 
ATOM   433  O OE1  . GLN A 1 26 ? 2.396   13.628  0.028   1.00 17.78 ? 577 GLN C OE1  1 
ATOM   434  N NE2  . GLN A 1 26 ? 1.953   12.274  1.769   1.00 20.24 ? 577 GLN C NE2  1 
ATOM   435  H H    . GLN A 1 26 ? 5.852   9.217   1.710   1.00 9.70  ? 577 GLN C H    1 
ATOM   436  H HA   . GLN A 1 26 ? 5.671   11.518  0.480   1.00 8.90  ? 577 GLN C HA   1 
ATOM   437  H HB2  . GLN A 1 26 ? 4.109   9.613   0.376   1.00 10.05 ? 577 GLN C HB2  1 
ATOM   438  H HB3  . GLN A 1 26 ? 3.407   10.300  1.622   1.00 10.05 ? 577 GLN C HB3  1 
ATOM   439  H HG2  . GLN A 1 26 ? 3.725   11.701  -0.802  1.00 19.03 ? 577 GLN C HG2  1 
ATOM   440  H HG3  . GLN A 1 26 ? 2.436   10.812  -0.536  1.00 19.03 ? 577 GLN C HG3  1 
ATOM   441  H HE21 . GLN A 1 26 ? 1.564   12.903  2.206   1.00 24.21 ? 577 GLN C HE21 1 
ATOM   442  H HE22 . GLN A 1 26 ? 2.007   11.485  2.110   1.00 24.21 ? 577 GLN C HE22 1 
ATOM   443  N N    . ALA A 1 27 ? 4.880   11.610  3.599   1.00 10.70 ? 578 ALA C N    1 
ATOM   444  C CA   . ALA A 1 27 ? 4.682   12.527  4.719   1.00 10.75 ? 578 ALA C CA   1 
ATOM   445  C C    . ALA A 1 27 ? 5.947   13.343  4.960   1.00 8.61  ? 578 ALA C C    1 
ATOM   446  O O    . ALA A 1 27 ? 5.895   14.546  5.236   1.00 9.64  ? 578 ALA C O    1 
ATOM   447  C CB   . ALA A 1 27 ? 4.311   11.752  5.983   1.00 8.71  ? 578 ALA C CB   1 
ATOM   448  H H    . ALA A 1 27 ? 4.850   10.778  3.809   1.00 12.77 ? 578 ALA C H    1 
ATOM   449  H HA   . ALA A 1 27 ? 3.951   13.145  4.510   1.00 12.82 ? 578 ALA C HA   1 
ATOM   450  H HB1  . ALA A 1 27 ? 4.186   12.373  6.705   1.00 10.38 ? 578 ALA C HB1  1 
ATOM   451  H HB2  . ALA A 1 27 ? 3.498   11.267  5.824   1.00 10.38 ? 578 ALA C HB2  1 
ATOM   452  H HB3  . ALA A 1 27 ? 5.022   11.143  6.194   1.00 10.38 ? 578 ALA C HB3  1 
ATOM   453  N N    . ARG A 1 28 ? 7.098   12.698  4.834   1.00 6.66  ? 579 ARG C N    1 
ATOM   454  C CA   . ARG A 1 28 ? 8.363   13.389  5.101   1.00 5.38  ? 579 ARG C CA   1 
ATOM   455  C C    . ARG A 1 28 ? 8.692   14.438  4.039   1.00 7.15  ? 579 ARG C C    1 
ATOM   456  O O    . ARG A 1 28 ? 9.150   15.533  4.361   1.00 8.11  ? 579 ARG C O    1 
ATOM   457  C CB   . ARG A 1 28 ? 9.492   12.368  5.242   1.00 6.03  ? 579 ARG C CB   1 
ATOM   458  C CG   . ARG A 1 28 ? 9.494   11.715  6.617   1.00 9.82  ? 579 ARG C CG   1 
ATOM   459  C CD   . ARG A 1 28 ? 10.392  10.508  6.659   1.00 14.22 ? 579 ARG C CD   1 
ATOM   460  N NE   . ARG A 1 28 ? 11.810  10.854  6.553   1.00 11.06 ? 579 ARG C NE   1 
ATOM   461  C CZ   . ARG A 1 28 ? 12.759  9.942   6.393   1.00 12.26 ? 579 ARG C CZ   1 
ATOM   462  N NH1  . ARG A 1 28 ? 12.417  8.659   6.314   1.00 10.98 ? 579 ARG C NH1  1 
ATOM   463  N NH2  . ARG A 1 28 ? 14.036  10.299  6.306   1.00 12.88 ? 579 ARG C NH2  1 
ATOM   464  H H    . ARG A 1 28 ? 7.179   11.875  4.599   1.00 7.92  ? 579 ARG C H    1 
ATOM   465  H HA   . ARG A 1 28 ? 8.284   13.857  5.958   1.00 6.38  ? 579 ARG C HA   1 
ATOM   466  H HB2  . ARG A 1 28 ? 9.379   11.671  4.577   1.00 7.16  ? 579 ARG C HB2  1 
ATOM   467  H HB3  . ARG A 1 28 ? 10.345  12.814  5.117   1.00 7.16  ? 579 ARG C HB3  1 
ATOM   468  H HG2  . ARG A 1 28 ? 9.813   12.354  7.274   1.00 11.72 ? 579 ARG C HG2  1 
ATOM   469  H HG3  . ARG A 1 28 ? 8.593   11.431  6.837   1.00 11.72 ? 579 ARG C HG3  1 
ATOM   470  H HD2  . ARG A 1 28 ? 10.258  10.044  7.500   1.00 17.00 ? 579 ARG C HD2  1 
ATOM   471  H HD3  . ARG A 1 28 ? 10.170  9.923   5.918   1.00 17.00 ? 579 ARG C HD3  1 
ATOM   472  H HE   . ARG A 1 28 ? 12.013  11.677  6.405   1.00 13.20 ? 579 ARG C HE   1 
ATOM   473  H HH11 . ARG A 1 28 ? 11.591  8.429   6.370   1.00 13.10 ? 579 ARG C HH11 1 
ATOM   474  H HH12 . ARG A 1 28 ? 13.025  8.059   6.208   1.00 13.10 ? 579 ARG C HH12 1 
ATOM   475  H HH21 . ARG A 1 28 ? 14.255  11.129  6.355   1.00 15.38 ? 579 ARG C HH21 1 
ATOM   476  H HH22 . ARG A 1 28 ? 14.643  9.700   6.199   1.00 15.38 ? 579 ARG C HH22 1 
ATOM   477  N N    . ILE A 1 29 ? 8.467   14.131  2.772   1.00 7.05  ? 580 ILE C N    1 
ATOM   478  C CA   A ILE A 1 29 ? 8.696   15.105  1.706   0.49 7.97  ? 580 ILE C CA   1 
ATOM   479  C CA   B ILE A 1 29 ? 8.738   15.134  1.742   0.51 7.94  ? 580 ILE C CA   1 
ATOM   480  C C    . ILE A 1 29 ? 7.720   16.271  1.832   1.00 7.44  ? 580 ILE C C    1 
ATOM   481  O O    . ILE A 1 29 ? 8.071   17.421  1.644   1.00 7.18  ? 580 ILE C O    1 
ATOM   482  C CB   A ILE A 1 29 ? 8.532   14.441  0.332   0.49 9.91  ? 580 ILE C CB   1 
ATOM   483  C CB   B ILE A 1 29 ? 8.778   14.540  0.313   0.51 10.18 ? 580 ILE C CB   1 
ATOM   484  C CG1  A ILE A 1 29 ? 9.638   13.410  0.124   0.49 7.38  ? 580 ILE C CG1  1 
ATOM   485  C CG1  B ILE A 1 29 ? 9.267   15.599  -0.681  0.51 11.00 ? 580 ILE C CG1  1 
ATOM   486  C CG2  A ILE A 1 29 ? 8.576   15.479  -0.772  0.49 12.41 ? 580 ILE C CG2  1 
ATOM   487  C CG2  B ILE A 1 29 ? 7.415   14.036  -0.098  0.51 10.62 ? 580 ILE C CG2  1 
ATOM   488  C CD1  A ILE A 1 29 ? 9.331   12.420  -0.974  0.49 9.06  ? 580 ILE C CD1  1 
ATOM   489  C CD1  B ILE A 1 29 ? 10.663  16.124  -0.402  0.51 12.07 ? 580 ILE C CD1  1 
ATOM   490  H H    A ILE A 1 29 ? 8.182   13.368  2.497   0.49 8.39  ? 580 ILE C H    1 
ATOM   491  H H    B ILE A 1 29 ? 8.169   13.379  2.483   0.51 8.39  ? 580 ILE C H    1 
ATOM   492  H HA   A ILE A 1 29 ? 9.609   15.455  1.775   0.49 9.49  ? 580 ILE C HA   1 
ATOM   493  H HA   B ILE A 1 29 ? 9.621   15.521  1.918   0.51 9.45  ? 580 ILE C HA   1 
ATOM   494  H HB   A ILE A 1 29 ? 7.674   13.990  0.303   0.49 11.82 ? 580 ILE C HB   1 
ATOM   495  H HB   B ILE A 1 29 ? 9.399   13.796  0.304   0.51 12.14 ? 580 ILE C HB   1 
ATOM   496  H HG12 A ILE A 1 29 ? 10.459  13.873  -0.112  0.49 8.78  ? 580 ILE C HG12 1 
ATOM   497  H HG12 B ILE A 1 29 ? 9.271   15.212  -1.570  0.51 13.13 ? 580 ILE C HG12 1 
ATOM   498  H HG13 A ILE A 1 29 ? 9.764   12.915  0.948   0.49 8.78  ? 580 ILE C HG13 1 
ATOM   499  H HG13 B ILE A 1 29 ? 8.659   16.353  -0.657  0.51 13.13 ? 580 ILE C HG13 1 
ATOM   500  H HG21 A ILE A 1 29 ? 8.471   15.039  -1.618  0.49 14.82 ? 580 ILE C HG21 1 
ATOM   501  H HG21 B ILE A 1 29 ? 7.471   13.675  -0.986  0.51 12.67 ? 580 ILE C HG21 1 
ATOM   502  H HG22 A ILE A 1 29 ? 7.862   16.107  -0.638  0.49 14.82 ? 580 ILE C HG22 1 
ATOM   503  H HG22 B ILE A 1 29 ? 7.136   13.353  0.517   0.51 12.67 ? 580 ILE C HG22 1 
ATOM   504  H HG23 A ILE A 1 29 ? 9.421   15.932  -0.741  0.49 14.82 ? 580 ILE C HG23 1 
ATOM   505  H HG23 B ILE A 1 29 ? 6.793   14.768  -0.081  0.51 12.67 ? 580 ILE C HG23 1 
ATOM   506  H HD11 A ILE A 1 29 ? 10.063  11.804  -1.051  0.49 10.80 ? 580 ILE C HD11 1 
ATOM   507  H HD11 B ILE A 1 29 ? 10.889  16.778  -1.067  0.51 14.41 ? 580 ILE C HD11 1 
ATOM   508  H HD12 A ILE A 1 29 ? 8.526   11.947  -0.750  0.49 10.80 ? 580 ILE C HD12 1 
ATOM   509  H HD12 B ILE A 1 29 ? 10.676  16.525  0.471   0.51 14.41 ? 580 ILE C HD12 1 
ATOM   510  H HD13 A ILE A 1 29 ? 9.213   12.895  -1.799  0.49 10.80 ? 580 ILE C HD13 1 
ATOM   511  H HD13 B ILE A 1 29 ? 11.284  15.393  -0.436  0.51 14.41 ? 580 ILE C HD13 1 
ATOM   512  N N    . LEU A 1 30 ? 6.473   15.956  2.159   1.00 7.21  ? 581 LEU C N    1 
ATOM   513  C CA   . LEU A 1 30 ? 5.458   16.991  2.331   1.00 7.98  ? 581 LEU C CA   1 
ATOM   514  C C    . LEU A 1 30 ? 5.877   17.926  3.473   1.00 7.80  ? 581 LEU C C    1 
ATOM   515  O O    . LEU A 1 30 ? 5.756   19.152  3.374   1.00 8.73  ? 581 LEU C O    1 
ATOM   516  C CB   . LEU A 1 30 ? 4.098   16.331  2.609   1.00 9.91  ? 581 LEU C CB   1 
ATOM   517  C CG   . LEU A 1 30 ? 2.931   17.289  2.843   1.00 10.06 ? 581 LEU C CG   1 
ATOM   518  C CD1  . LEU A 1 30 ? 2.797   18.227  1.656   1.00 10.30 ? 581 LEU C CD1  1 
ATOM   519  C CD2  . LEU A 1 30 ? 1.658   16.486  3.077   1.00 9.24  ? 581 LEU C CD2  1 
ATOM   520  H H    . LEU A 1 30 ? 6.188   15.155  2.285   1.00 8.58  ? 581 LEU C H    1 
ATOM   521  H HA   . LEU A 1 30 ? 5.384   17.518  1.508   1.00 9.50  ? 581 LEU C HA   1 
ATOM   522  H HB2  . LEU A 1 30 ? 3.868   15.774  1.849   1.00 11.82 ? 581 LEU C HB2  1 
ATOM   523  H HB3  . LEU A 1 30 ? 4.182   15.778  3.401   1.00 11.82 ? 581 LEU C HB3  1 
ATOM   524  H HG   . LEU A 1 30 ? 3.107   17.822  3.634   1.00 12.00 ? 581 LEU C HG   1 
ATOM   525  H HD11 . LEU A 1 30 ? 2.063   18.825  1.811   1.00 12.28 ? 581 LEU C HD11 1 
ATOM   526  H HD12 . LEU A 1 30 ? 3.612   18.726  1.558   1.00 12.28 ? 581 LEU C HD12 1 
ATOM   527  H HD13 . LEU A 1 30 ? 2.636   17.707  0.864   1.00 12.28 ? 581 LEU C HD13 1 
ATOM   528  H HD21 . LEU A 1 30 ? 0.929   17.093  3.224   1.00 11.02 ? 581 LEU C HD21 1 
ATOM   529  H HD22 . LEU A 1 30 ? 1.484   15.945  2.304   1.00 11.02 ? 581 LEU C HD22 1 
ATOM   530  H HD23 . LEU A 1 30 ? 1.780   15.926  3.848   1.00 11.02 ? 581 LEU C HD23 1 
ATOM   531  N N    . ALA A 1 31 ? 6.409   17.351  4.546   1.00 9.85  ? 582 ALA C N    1 
ATOM   532  C CA   . ALA A 1 31 ? 6.841   18.154  5.697   1.00 8.84  ? 582 ALA C CA   1 
ATOM   533  C C    . ALA A 1 31 ? 7.966   19.105  5.300   1.00 10.82 ? 582 ALA C C    1 
ATOM   534  O O    . ALA A 1 31 ? 8.013   20.259  5.735   1.00 9.23  ? 582 ALA C O    1 
ATOM   535  C CB   . ALA A 1 31 ? 7.301   17.249  6.831   1.00 7.69  ? 582 ALA C CB   1 
ATOM   536  H H    . ALA A 1 31 ? 6.532   16.505  4.638   1.00 11.74 ? 582 ALA C H    1 
ATOM   537  H HA   . ALA A 1 31 ? 6.086   18.690  6.019   1.00 10.53 ? 582 ALA C HA   1 
ATOM   538  H HB1  . ALA A 1 31 ? 7.578   17.792  7.572   1.00 9.15  ? 582 ALA C HB1  1 
ATOM   539  H HB2  . ALA A 1 31 ? 6.571   16.683  7.094   1.00 9.15  ? 582 ALA C HB2  1 
ATOM   540  H HB3  . ALA A 1 31 ? 8.036   16.714  6.524   1.00 9.15  ? 582 ALA C HB3  1 
ATOM   541  N N    . VAL A 1 32 ? 8.896   18.598  4.498   1.00 7.58  ? 583 VAL C N    1 
ATOM   542  C CA   . VAL A 1 32 ? 10.000  19.411  3.983   1.00 8.63  ? 583 VAL C CA   1 
ATOM   543  C C    . VAL A 1 32 ? 9.503   20.508  3.043   1.00 10.50 ? 583 VAL C C    1 
ATOM   544  O O    . VAL A 1 32 ? 9.935   21.659  3.138   1.00 8.64  ? 583 VAL C O    1 
ATOM   545  C CB   . VAL A 1 32 ? 11.050  18.525  3.269   1.00 7.90  ? 583 VAL C CB   1 
ATOM   546  C CG1  . VAL A 1 32 ? 11.932  19.362  2.340   1.00 10.14 ? 583 VAL C CG1  1 
ATOM   547  C CG2  . VAL A 1 32 ? 11.912  17.804  4.303   1.00 11.39 ? 583 VAL C CG2  1 
ATOM   548  H H    . VAL A 1 32 ? 8.912   17.779  4.234   1.00 9.02  ? 583 VAL C H    1 
ATOM   549  H HA   . VAL A 1 32 ? 10.444  19.848  4.739   1.00 10.28 ? 583 VAL C HA   1 
ATOM   550  H HB   . VAL A 1 32 ? 10.590  17.850  2.728   1.00 9.41  ? 583 VAL C HB   1 
ATOM   551  H HG11 . VAL A 1 32 ? 12.572  18.786  1.914   1.00 12.09 ? 583 VAL C HG11 1 
ATOM   552  H HG12 . VAL A 1 32 ? 11.378  19.782  1.679   1.00 12.09 ? 583 VAL C HG12 1 
ATOM   553  H HG13 . VAL A 1 32 ? 12.387  20.029  2.859   1.00 12.09 ? 583 VAL C HG13 1 
ATOM   554  H HG21 . VAL A 1 32 ? 12.558  17.260  3.846   1.00 13.60 ? 583 VAL C HG21 1 
ATOM   555  H HG22 . VAL A 1 32 ? 12.359  18.457  4.847   1.00 13.60 ? 583 VAL C HG22 1 
ATOM   556  H HG23 . VAL A 1 32 ? 11.347  17.253  4.850   1.00 13.60 ? 583 VAL C HG23 1 
ATOM   557  N N    . GLU A 1 33 ? 8.584   20.169  2.140   1.00 7.48  ? 584 GLU C N    1 
ATOM   558  C CA   . GLU A 1 33 ? 8.042   21.153  1.211   1.00 6.15  ? 584 GLU C CA   1 
ATOM   559  C C    . GLU A 1 33 ? 7.388   22.295  1.984   1.00 9.01  ? 584 GLU C C    1 
ATOM   560  O O    . GLU A 1 33 ? 7.587   23.463  1.671   1.00 9.51  ? 584 GLU C O    1 
ATOM   561  C CB   . GLU A 1 33 ? 7.025   20.486  0.293   1.00 9.03  ? 584 GLU C CB   1 
ATOM   562  C CG   . GLU A 1 33 ? 7.673   19.512  -0.709  1.00 7.10  ? 584 GLU C CG   1 
ATOM   563  C CD   . GLU A 1 33 ? 6.657   18.649  -1.420  1.00 12.44 ? 584 GLU C CD   1 
ATOM   564  O OE1  . GLU A 1 33 ? 5.564   18.442  -0.865  1.00 14.30 ? 584 GLU C OE1  1 
ATOM   565  O OE2  . GLU A 1 33 ? 6.953   18.171  -2.531  1.00 12.17 ? 584 GLU C OE2  1 
ATOM   566  H H    . GLU A 1 33 ? 8.261   19.378  2.046   1.00 8.90  ? 584 GLU C H    1 
ATOM   567  H HA   . GLU A 1 33 ? 8.765   21.520  0.662   1.00 7.31  ? 584 GLU C HA   1 
ATOM   568  H HB2  . GLU A 1 33 ? 6.394   19.985  0.833   1.00 10.76 ? 584 GLU C HB2  1 
ATOM   569  H HB3  . GLU A 1 33 ? 6.559   21.171  -0.212  1.00 10.76 ? 584 GLU C HB3  1 
ATOM   570  H HG2  . GLU A 1 33 ? 8.156   20.021  -1.380  1.00 8.45  ? 584 GLU C HG2  1 
ATOM   571  H HG3  . GLU A 1 33 ? 8.284   18.926  -0.234  1.00 8.45  ? 584 GLU C HG3  1 
ATOM   572  N N    . ARG A 1 34 ? 6.599   21.937  2.990   1.00 8.01  ? 585 ARG C N    1 
ATOM   573  C CA   . ARG A 1 34 ? 5.923   22.925  3.827   1.00 10.65 ? 585 ARG C CA   1 
ATOM   574  C C    . ARG A 1 34 ? 6.892   23.768  4.624   1.00 9.37  ? 585 ARG C C    1 
ATOM   575  O O    . ARG A 1 34 ? 6.700   24.973  4.746   1.00 11.31 ? 585 ARG C O    1 
ATOM   576  C CB   . ARG A 1 34 ? 4.951   22.229  4.774   1.00 8.75  ? 585 ARG C CB   1 
ATOM   577  C CG   . ARG A 1 34 ? 3.717   21.734  4.051   1.00 9.16  ? 585 ARG C CG   1 
ATOM   578  C CD   . ARG A 1 34 ? 2.919   20.769  4.903   1.00 7.33  ? 585 ARG C CD   1 
ATOM   579  N NE   . ARG A 1 34 ? 1.591   20.539  4.334   1.00 10.22 ? 585 ARG C NE   1 
ATOM   580  C CZ   . ARG A 1 34 ? 0.751   19.589  4.733   1.00 7.31  ? 585 ARG C CZ   1 
ATOM   581  N NH1  . ARG A 1 34 ? 1.096   18.758  5.699   1.00 8.56  ? 585 ARG C NH1  1 
ATOM   582  N NH2  . ARG A 1 34 ? -0.438  19.469  4.145   1.00 11.37 ? 585 ARG C NH2  1 
ATOM   583  H H    . ARG A 1 34 ? 6.437   21.122  3.213   1.00 9.54  ? 585 ARG C H    1 
ATOM   584  H HA   . ARG A 1 34 ? 5.404   23.525  3.251   1.00 12.71 ? 585 ARG C HA   1 
ATOM   585  H HB2  . ARG A 1 34 ? 5.392   21.466  5.178   1.00 10.43 ? 585 ARG C HB2  1 
ATOM   586  H HB3  . ARG A 1 34 ? 4.670   22.856  5.459   1.00 10.43 ? 585 ARG C HB3  1 
ATOM   587  H HG2  . ARG A 1 34 ? 3.148   22.489  3.835   1.00 10.91 ? 585 ARG C HG2  1 
ATOM   588  H HG3  . ARG A 1 34 ? 3.985   21.273  3.240   1.00 10.91 ? 585 ARG C HG3  1 
ATOM   589  H HD2  . ARG A 1 34 ? 3.385   19.918  4.947   1.00 8.72  ? 585 ARG C HD2  1 
ATOM   590  H HD3  . ARG A 1 34 ? 2.811   21.140  5.793   1.00 8.72  ? 585 ARG C HD3  1 
ATOM   591  H HE   . ARG A 1 34 ? 1.335   21.056  3.696   1.00 12.19 ? 585 ARG C HE   1 
ATOM   592  H HH11 . ARG A 1 34 ? 1.864   18.835  6.079   1.00 10.19 ? 585 ARG C HH11 1 
ATOM   593  H HH12 . ARG A 1 34 ? 0.551   18.144  5.952   1.00 10.19 ? 585 ARG C HH12 1 
ATOM   594  H HH21 . ARG A 1 34 ? -0.663  20.007  3.514   1.00 13.58 ? 585 ARG C HH21 1 
ATOM   595  H HH22 . ARG A 1 34 ? -0.982  18.853  4.399   1.00 13.58 ? 585 ARG C HH22 1 
ATOM   596  N N    . TYR A 1 35 ? 7.926   23.140  5.173   1.00 9.77  ? 586 TYR C N    1 
ATOM   597  C CA   . TYR A 1 35 ? 8.960   23.866  5.898   1.00 8.18  ? 586 TYR C CA   1 
ATOM   598  C C    . TYR A 1 35 ? 9.569   24.947  5.008   1.00 10.51 ? 586 TYR C C    1 
ATOM   599  O O    . TYR A 1 35 ? 9.729   26.094  5.426   1.00 11.04 ? 586 TYR C O    1 
ATOM   600  C CB   . TYR A 1 35 ? 10.064  22.912  6.377   1.00 8.04  ? 586 TYR C CB   1 
ATOM   601  C CG   . TYR A 1 35 ? 11.242  23.631  7.000   1.00 11.86 ? 586 TYR C CG   1 
ATOM   602  C CD1  . TYR A 1 35 ? 11.191  24.082  8.314   1.00 25.58 ? 586 TYR C CD1  1 
ATOM   603  C CD2  . TYR A 1 35 ? 12.393  23.870  6.273   1.00 10.64 ? 586 TYR C CD2  1 
ATOM   604  C CE1  . TYR A 1 35 ? 12.271  24.745  8.888   1.00 22.08 ? 586 TYR C CE1  1 
ATOM   605  C CE2  . TYR A 1 35 ? 13.477  24.526  6.837   1.00 16.79 ? 586 TYR C CE2  1 
ATOM   606  C CZ   . TYR A 1 35 ? 13.409  24.964  8.145   1.00 23.56 ? 586 TYR C CZ   1 
ATOM   607  O OH   . TYR A 1 35 ? 14.491  25.625  8.709   1.00 21.33 ? 586 TYR C OH   1 
ATOM   608  H H    . TYR A 1 35 ? 8.052   22.290  5.139   1.00 11.65 ? 586 TYR C H    1 
ATOM   609  H HA   . TYR A 1 35 ? 8.564   24.299  6.682   1.00 9.74  ? 586 TYR C HA   1 
ATOM   610  H HB2  . TYR A 1 35 ? 9.693   22.312  7.043   1.00 9.57  ? 586 TYR C HB2  1 
ATOM   611  H HB3  . TYR A 1 35 ? 10.391  22.403  5.618   1.00 9.57  ? 586 TYR C HB3  1 
ATOM   612  H HD1  . TYR A 1 35 ? 10.424  23.934  8.819   1.00 30.62 ? 586 TYR C HD1  1 
ATOM   613  H HD2  . TYR A 1 35 ? 12.445  23.576  5.392   1.00 12.69 ? 586 TYR C HD2  1 
ATOM   614  H HE1  . TYR A 1 35 ? 12.223  25.038  9.769   1.00 26.42 ? 586 TYR C HE1  1 
ATOM   615  H HE2  . TYR A 1 35 ? 14.244  24.676  6.335   1.00 20.07 ? 586 TYR C HE2  1 
ATOM   616  H HH   . TYR A 1 35 ? 14.655  26.307  8.285   1.00 25.52 ? 586 TYR C HH   1 
ATOM   617  N N    . LEU A 1 36 ? 9.902   24.584  3.776   1.00 8.68  ? 587 LEU C N    1 
ATOM   618  C CA   . LEU A 1 36 ? 10.532  25.533  2.860   1.00 9.01  ? 587 LEU C CA   1 
ATOM   619  C C    . LEU A 1 36 ? 9.574   26.648  2.461   1.00 11.12 ? 587 LEU C C    1 
ATOM   620  O O    . LEU A 1 36 ? 9.983   27.800  2.309   1.00 14.48 ? 587 LEU C O    1 
ATOM   621  C CB   . LEU A 1 36 ? 11.044  24.805  1.620   1.00 8.86  ? 587 LEU C CB   1 
ATOM   622  C CG   . LEU A 1 36 ? 12.187  23.837  1.944   1.00 9.13  ? 587 LEU C CG   1 
ATOM   623  C CD1  . LEU A 1 36 ? 12.525  22.997  0.720   1.00 10.03 ? 587 LEU C CD1  1 
ATOM   624  C CD2  . LEU A 1 36 ? 13.422  24.594  2.439   1.00 11.38 ? 587 LEU C CD2  1 
ATOM   625  H H    . LEU A 1 36 ? 9.775   23.801  3.445   1.00 10.34 ? 587 LEU C H    1 
ATOM   626  H HA   . LEU A 1 36 ? 11.300  25.943  3.307   1.00 10.74 ? 587 LEU C HA   1 
ATOM   627  H HB2  . LEU A 1 36 ? 10.319  24.294  1.228   1.00 10.56 ? 587 LEU C HB2  1 
ATOM   628  H HB3  . LEU A 1 36 ? 11.374  25.457  0.982   1.00 10.56 ? 587 LEU C HB3  1 
ATOM   629  H HG   . LEU A 1 36 ? 11.900  23.237  2.650   1.00 10.88 ? 587 LEU C HG   1 
ATOM   630  H HD11 . LEU A 1 36 ? 13.241  22.397  0.943   1.00 11.96 ? 587 LEU C HD11 1 
ATOM   631  H HD12 . LEU A 1 36 ? 11.747  22.497  0.462   1.00 11.96 ? 587 LEU C HD12 1 
ATOM   632  H HD13 . LEU A 1 36 ? 12.793  23.579  0.007   1.00 11.96 ? 587 LEU C HD13 1 
ATOM   633  H HD21 . LEU A 1 36 ? 14.117  23.962  2.633   1.00 13.58 ? 587 LEU C HD21 1 
ATOM   634  H HD22 . LEU A 1 36 ? 13.711  25.201  1.753   1.00 13.58 ? 587 LEU C HD22 1 
ATOM   635  H HD23 . LEU A 1 36 ? 13.191  25.083  3.232   1.00 13.58 ? 587 LEU C HD23 1 
ATOM   636  N N    . LYS A 1 37 ? 8.303   26.301  2.273   1.00 8.97  ? 588 LYS C N    1 
ATOM   637  C CA   . LYS A 1 37 ? 7.276   27.291  1.969   1.00 12.58 ? 588 LYS C CA   1 
ATOM   638  C C    . LYS A 1 37 ? 7.147   28.276  3.124   1.00 11.39 ? 588 LYS C C    1 
ATOM   639  O O    . LYS A 1 37 ? 7.086   29.491  2.911   1.00 15.20 ? 588 LYS C O    1 
ATOM   640  C CB   . LYS A 1 37 ? 5.933   26.604  1.724   1.00 14.58 ? 588 LYS C CB   1 
ATOM   641  C CG   . LYS A 1 37 ? 4.770   27.555  1.450   1.00 19.03 ? 588 LYS C CG   1 
ATOM   642  C CD   . LYS A 1 37 ? 3.484   26.753  1.256   1.00 19.09 ? 588 LYS C CD   1 
ATOM   643  C CE   . LYS A 1 37 ? 2.278   27.638  0.989   1.00 29.51 ? 588 LYS C CE   1 
ATOM   644  N NZ   . LYS A 1 37 ? 1.062   26.804  0.764   1.00 34.32 ? 588 LYS C NZ   1 
ATOM   645  H H    . LYS A 1 37 ? 8.009   25.493  2.317   1.00 10.68 ? 588 LYS C H    1 
ATOM   646  H HA   . LYS A 1 37 ? 7.526   27.787  1.161   1.00 15.02 ? 588 LYS C HA   1 
ATOM   647  H HB2  . LYS A 1 37 ? 6.020   26.019  0.955   1.00 17.42 ? 588 LYS C HB2  1 
ATOM   648  H HB3  . LYS A 1 37 ? 5.705   26.081  2.508   1.00 17.42 ? 588 LYS C HB3  1 
ATOM   649  H HG2  . LYS A 1 37 ? 4.653   28.152  2.205   1.00 22.77 ? 588 LYS C HG2  1 
ATOM   650  H HG3  . LYS A 1 37 ? 4.946   28.059  0.640   1.00 22.77 ? 588 LYS C HG3  1 
ATOM   651  H HD2  . LYS A 1 37 ? 3.593   26.158  0.498   1.00 22.83 ? 588 LYS C HD2  1 
ATOM   652  H HD3  . LYS A 1 37 ? 3.307   26.240  2.059   1.00 22.83 ? 588 LYS C HD3  1 
ATOM   653  H HE2  . LYS A 1 37 ? 2.120   28.211  1.756   1.00 35.33 ? 588 LYS C HE2  1 
ATOM   654  H HE3  . LYS A 1 37 ? 2.437   28.171  0.195   1.00 35.33 ? 588 LYS C HE3  1 
ATOM   655  H HZ1  . LYS A 1 37 ? 0.359   27.327  0.608   1.00 41.12 ? 588 LYS C HZ1  1 
ATOM   656  H HZ2  . LYS A 1 37 ? 1.186   26.270  0.063   1.00 41.12 ? 588 LYS C HZ2  1 
ATOM   657  H HZ3  . LYS A 1 37 ? 0.897   26.306  1.482   1.00 41.12 ? 588 LYS C HZ3  1 
ATOM   658  N N    . ASP A 1 38 ? 7.133   27.754  4.346   1.00 11.67 ? 589 ASP C N    1 
ATOM   659  C CA   . ASP A 1 38 ? 6.937   28.592  5.532   1.00 12.23 ? 589 ASP C CA   1 
ATOM   660  C C    . ASP A 1 38 ? 8.131   29.502  5.760   1.00 18.85 ? 589 ASP C C    1 
ATOM   661  O O    . ASP A 1 38 ? 7.990   30.593  6.309   1.00 17.70 ? 589 ASP C O    1 
ATOM   662  C CB   . ASP A 1 38 ? 6.724   27.739  6.778   1.00 14.50 ? 589 ASP C CB   1 
ATOM   663  C CG   . ASP A 1 38 ? 5.452   26.929  6.720   1.00 11.87 ? 589 ASP C CG   1 
ATOM   664  O OD1  . ASP A 1 38 ? 4.635   27.169  5.812   1.00 11.91 ? 589 ASP C OD1  1 
ATOM   665  O OD2  . ASP A 1 38 ? 5.281   26.046  7.591   1.00 12.05 ? 589 ASP C OD2  1 
ATOM   666  H H    . ASP A 1 38 ? 7.235   26.917  4.520   1.00 13.94 ? 589 ASP C H    1 
ATOM   667  H HA   . ASP A 1 38 ? 6.143   29.152  5.403   1.00 14.60 ? 589 ASP C HA   1 
ATOM   668  H HB2  . ASP A 1 38 ? 7.468   27.124  6.870   1.00 17.33 ? 589 ASP C HB2  1 
ATOM   669  H HB3  . ASP A 1 38 ? 6.674   28.319  7.554   1.00 17.33 ? 589 ASP C HB3  1 
ATOM   670  N N    . GLN A 1 39 ? 9.310   29.044  5.357   1.00 14.63 ? 590 GLN C N    1 
ATOM   671  C CA   . GLN A 1 39 ? 10.532  29.816  5.560   1.00 17.76 ? 590 GLN C CA   1 
ATOM   672  C C    . GLN A 1 39 ? 10.663  30.925  4.518   1.00 26.65 ? 590 GLN C C    1 
ATOM   673  O O    . GLN A 1 39 ? 11.295  31.947  4.774   1.00 26.07 ? 590 GLN C O    1 
ATOM   674  C CB   . GLN A 1 39 ? 11.759  28.899  5.528   1.00 18.42 ? 590 GLN C CB   1 
ATOM   675  C CG   . GLN A 1 39 ? 11.860  27.973  6.730   1.00 24.61 ? 590 GLN C CG   1 
ATOM   676  C CD   . GLN A 1 39 ? 12.180  28.714  8.018   1.00 45.05 ? 590 GLN C CD   1 
ATOM   677  O OE1  . GLN A 1 39 ? 13.194  29.403  8.109   1.00 47.97 ? 590 GLN C OE1  1 
ATOM   678  N NE2  . GLN A 1 39 ? 11.311  28.581  9.019   1.00 29.99 ? 590 GLN C NE2  1 
ATOM   679  H H    . GLN A 1 39 ? 9.430   28.289  4.964   1.00 17.48 ? 590 GLN C H    1 
ATOM   680  H HA   . GLN A 1 39 ? 10.497  30.238  6.444   1.00 21.24 ? 590 GLN C HA   1 
ATOM   681  H HB2  . GLN A 1 39 ? 11.716  28.347  4.731   1.00 22.03 ? 590 GLN C HB2  1 
ATOM   682  H HB3  . GLN A 1 39 ? 12.559  29.446  5.508   1.00 22.03 ? 590 GLN C HB3  1 
ATOM   683  H HG2  . GLN A 1 39 ? 11.012  27.516  6.850   1.00 29.46 ? 590 GLN C HG2  1 
ATOM   684  H HG3  . GLN A 1 39 ? 12.565  27.327  6.574   1.00 29.46 ? 590 GLN C HG3  1 
ATOM   685  H HE21 . GLN A 1 39 ? 10.611  28.093  8.918   1.00 35.92 ? 590 GLN C HE21 1 
ATOM   686  H HE22 . GLN A 1 39 ? 11.451  28.983  9.766   1.00 35.92 ? 590 GLN C HE22 1 
HETATM 687  N N    . NH2 A 1 40 ? 10.060  30.725  3.348   1.00 25.19 ? 591 NH2 C N    1 
ATOM   688  N N    . ASN B 2 4  ? -2.433  12.406  -14.156 1.00 78.05 ? 624 ASN D N    1 
ATOM   689  C CA   . ASN B 2 4  ? -3.873  12.254  -14.338 1.00 63.41 ? 624 ASN D CA   1 
ATOM   690  C C    . ASN B 2 4  ? -4.647  12.665  -13.082 1.00 46.30 ? 624 ASN D C    1 
ATOM   691  O O    . ASN B 2 4  ? -4.208  13.539  -12.333 1.00 59.32 ? 624 ASN D O    1 
ATOM   692  C CB   . ASN B 2 4  ? -4.209  10.811  -14.730 1.00 66.50 ? 624 ASN D CB   1 
ATOM   693  C CG   . ASN B 2 4  ? -3.785  9.807   -13.673 1.00 68.47 ? 624 ASN D CG   1 
ATOM   694  O OD1  . ASN B 2 4  ? -3.277  10.178  -12.615 1.00 58.34 ? 624 ASN D OD1  1 
ATOM   695  N ND2  . ASN B 2 4  ? -3.998  8.524   -13.955 1.00 56.60 ? 624 ASN D ND2  1 
ATOM   696  H HA   . ASN B 2 4  ? -4.161  12.837  -15.070 1.00 76.02 ? 624 ASN D HA   1 
ATOM   697  H HB2  . ASN B 2 4  ? -5.167  10.731  -14.852 1.00 79.73 ? 624 ASN D HB2  1 
ATOM   698  H HB3  . ASN B 2 4  ? -3.748  10.591  -15.554 1.00 79.73 ? 624 ASN D HB3  1 
ATOM   699  H HD21 . ASN B 2 4  ? -4.359  8.303   -14.704 1.00 67.84 ? 624 ASN D HD21 1 
ATOM   700  H HD22 . ASN B 2 4  ? -3.775  7.917   -13.389 1.00 67.84 ? 624 ASN D HD22 1 
ATOM   701  N N    . ASN B 2 5  ? -5.792  12.027  -12.856 1.00 60.62 ? 625 ASN D N    1 
ATOM   702  C CA   . ASN B 2 5  ? -6.691  12.397  -11.767 1.00 60.35 ? 625 ASN D CA   1 
ATOM   703  C C    . ASN B 2 5  ? -6.255  11.893  -10.389 1.00 58.06 ? 625 ASN D C    1 
ATOM   704  O O    . ASN B 2 5  ? -6.896  12.198  -9.384  1.00 50.48 ? 625 ASN D O    1 
ATOM   705  C CB   . ASN B 2 5  ? -8.097  11.865  -12.062 1.00 71.08 ? 625 ASN D CB   1 
ATOM   706  C CG   . ASN B 2 5  ? -8.770  12.590  -13.211 1.00 62.59 ? 625 ASN D CG   1 
ATOM   707  O OD1  . ASN B 2 5  ? -8.163  13.434  -13.870 1.00 67.63 ? 625 ASN D OD1  1 
ATOM   708  N ND2  . ASN B 2 5  ? -10.033 12.261  -13.459 1.00 63.24 ? 625 ASN D ND2  1 
ATOM   709  H H    . ASN B 2 5  ? -6.073  11.365  -13.326 1.00 72.67 ? 625 ASN D H    1 
ATOM   710  H HA   . ASN B 2 5  ? -6.745  13.374  -11.723 1.00 72.35 ? 625 ASN D HA   1 
ATOM   711  H HB2  . ASN B 2 5  ? -8.037  10.925  -12.296 1.00 85.22 ? 625 ASN D HB2  1 
ATOM   712  H HB3  . ASN B 2 5  ? -8.649  11.976  -11.273 1.00 85.22 ? 625 ASN D HB3  1 
ATOM   713  H HD21 . ASN B 2 5  ? -10.459 12.643  -14.101 1.00 75.81 ? 625 ASN D HD21 1 
ATOM   714  H HD22 . ASN B 2 5  ? -10.424 11.664  -12.979 1.00 75.81 ? 625 ASN D HD22 1 
ATOM   715  N N    . MET B 2 6  ? -5.168  11.131  -10.339 1.00 51.87 ? 626 MET D N    1 
ATOM   716  C CA   . MET B 2 6  ? -4.777  10.448  -9.107  1.00 44.38 ? 626 MET D CA   1 
ATOM   717  C C    . MET B 2 6  ? -4.322  11.424  -8.017  1.00 29.71 ? 626 MET D C    1 
ATOM   718  O O    . MET B 2 6  ? -3.498  12.304  -8.257  1.00 34.65 ? 626 MET D O    1 
ATOM   719  C CB   . MET B 2 6  ? -3.678  9.417   -9.397  1.00 40.67 ? 626 MET D CB   1 
ATOM   720  C CG   . MET B 2 6  ? -3.274  8.553   -8.201  1.00 33.59 ? 626 MET D CG   1 
ATOM   721  S SD   . MET B 2 6  ? -4.586  7.475   -7.582  1.00 27.44 ? 626 MET D SD   1 
ATOM   722  C CE   . MET B 2 6  ? -5.032  6.596   -9.078  1.00 36.76 ? 626 MET D CE   1 
ATOM   723  H H    . MET B 2 6  ? -4.639  10.992  -11.002 1.00 62.18 ? 626 MET D H    1 
ATOM   724  H HA   . MET B 2 6  ? -5.555  9.955   -8.771  1.00 53.18 ? 626 MET D HA   1 
ATOM   725  H HB2  . MET B 2 6  ? -3.990  8.821   -10.096 1.00 48.73 ? 626 MET D HB2  1 
ATOM   726  H HB3  . MET B 2 6  ? -2.886  9.887   -9.700  1.00 48.73 ? 626 MET D HB3  1 
ATOM   727  H HG2  . MET B 2 6  ? -2.529  7.990   -8.462  1.00 40.24 ? 626 MET D HG2  1 
ATOM   728  H HG3  . MET B 2 6  ? -3.004  9.137   -7.474  1.00 40.24 ? 626 MET D HG3  1 
ATOM   729  H HE1  . MET B 2 6  ? -5.330  7.229   -9.736  1.00 44.04 ? 626 MET D HE1  1 
ATOM   730  H HE2  . MET B 2 6  ? -4.263  6.122   -9.404  1.00 44.04 ? 626 MET D HE2  1 
ATOM   731  H HE3  . MET B 2 6  ? -5.738  5.976   -8.877  1.00 44.04 ? 626 MET D HE3  1 
ATOM   732  N N    . THR B 2 7  ? -4.887  11.259  -6.822  1.00 33.40 ? 627 THR D N    1 
ATOM   733  C CA   . THR B 2 7  ? -4.482  12.019  -5.645  1.00 28.01 ? 627 THR D CA   1 
ATOM   734  C C    . THR B 2 7  ? -4.043  11.023  -4.585  1.00 19.22 ? 627 THR D C    1 
ATOM   735  O O    . THR B 2 7  ? -4.304  9.830   -4.710  1.00 17.89 ? 627 THR D O    1 
ATOM   736  C CB   . THR B 2 7  ? -5.639  12.853  -5.073  1.00 23.59 ? 627 THR D CB   1 
ATOM   737  O OG1  . THR B 2 7  ? -6.608  11.980  -4.468  1.00 28.56 ? 627 THR D OG1  1 
ATOM   738  C CG2  . THR B 2 7  ? -6.294  13.672  -6.174  1.00 32.87 ? 627 THR D CG2  1 
ATOM   739  H H    . THR B 2 7  ? -5.522  10.699  -6.667  1.00 40.00 ? 627 THR D H    1 
ATOM   740  H HA   . THR B 2 7  ? -3.734  12.611  -5.863  1.00 33.54 ? 627 THR D HA   1 
ATOM   741  H HB   . THR B 2 7  ? -5.294  13.462  -4.402  1.00 28.23 ? 627 THR D HB   1 
ATOM   742  H HG1  . THR B 2 7  ? -7.227  12.420  -4.162  1.00 34.20 ? 627 THR D HG1  1 
ATOM   743  H HG21 . THR B 2 7  ? -7.017  14.191  -5.810  1.00 39.37 ? 627 THR D HG21 1 
ATOM   744  H HG22 . THR B 2 7  ? -5.651  14.266  -6.568  1.00 39.37 ? 627 THR D HG22 1 
ATOM   745  H HG23 . THR B 2 7  ? -6.640  13.091  -6.854  1.00 39.37 ? 627 THR D HG23 1 
ATOM   746  N N    . TRP B 2 8  ? -3.384  11.502  -3.536  1.00 17.06 ? 628 TRP D N    1 
ATOM   747  C CA   . TRP B 2 8  ? -2.872  10.600  -2.517  1.00 18.88 ? 628 TRP D CA   1 
ATOM   748  C C    . TRP B 2 8  ? -3.992  9.955   -1.709  1.00 17.78 ? 628 TRP D C    1 
ATOM   749  O O    . TRP B 2 8  ? -3.870  8.809   -1.297  1.00 16.41 ? 628 TRP D O    1 
ATOM   750  C CB   . TRP B 2 8  ? -1.845  11.309  -1.627  1.00 17.52 ? 628 TRP D CB   1 
ATOM   751  C CG   . TRP B 2 8  ? -0.537  11.392  -2.320  1.00 12.03 ? 628 TRP D CG   1 
ATOM   752  C CD1  . TRP B 2 8  ? -0.029  12.460  -2.997  1.00 13.04 ? 628 TRP D CD1  1 
ATOM   753  C CD2  . TRP B 2 8  ? 0.423   10.340  -2.446  1.00 12.32 ? 628 TRP D CD2  1 
ATOM   754  N NE1  . TRP B 2 8  ? 1.195   12.141  -3.530  1.00 13.86 ? 628 TRP D NE1  1 
ATOM   755  C CE2  . TRP B 2 8  ? 1.494   10.843  -3.206  1.00 10.16 ? 628 TRP D CE2  1 
ATOM   756  C CE3  . TRP B 2 8  ? 0.481   9.022   -1.985  1.00 13.01 ? 628 TRP D CE3  1 
ATOM   757  C CZ2  . TRP B 2 8  ? 2.613   10.078  -3.511  1.00 12.64 ? 628 TRP D CZ2  1 
ATOM   758  C CZ3  . TRP B 2 8  ? 1.596   8.262   -2.294  1.00 15.11 ? 628 TRP D CZ3  1 
ATOM   759  C CH2  . TRP B 2 8  ? 2.645   8.796   -3.044  1.00 13.82 ? 628 TRP D CH2  1 
ATOM   760  H H    . TRP B 2 8  ? -3.221  12.334  -3.394  1.00 20.40 ? 628 TRP D H    1 
ATOM   761  H HA   . TRP B 2 8  ? -2.397  9.873   -2.972  1.00 22.59 ? 628 TRP D HA   1 
ATOM   762  H HB2  . TRP B 2 8  ? -2.150  12.210  -1.435  1.00 20.96 ? 628 TRP D HB2  1 
ATOM   763  H HB3  . TRP B 2 8  ? -1.728  10.808  -0.805  1.00 20.96 ? 628 TRP D HB3  1 
ATOM   764  H HD1  . TRP B 2 8  ? -0.451  13.283  -3.088  1.00 15.57 ? 628 TRP D HD1  1 
ATOM   765  H HE1  . TRP B 2 8  ? 1.694   12.669  -3.991  1.00 16.56 ? 628 TRP D HE1  1 
ATOM   766  H HE3  . TRP B 2 8  ? -0.216  8.663   -1.484  1.00 15.53 ? 628 TRP D HE3  1 
ATOM   767  H HZ2  . TRP B 2 8  ? 3.317   10.427  -4.009  1.00 15.09 ? 628 TRP D HZ2  1 
ATOM   768  H HZ3  . TRP B 2 8  ? 1.649   7.384   -1.992  1.00 18.06 ? 628 TRP D HZ3  1 
ATOM   769  H HH2  . TRP B 2 8  ? 3.383   8.263   -3.236  1.00 16.51 ? 628 TRP D HH2  1 
ATOM   770  N N    . MET B 2 9  ? -5.104  10.660  -1.517  1.00 17.80 ? 629 MET D N    1 
ATOM   771  C CA   . MET B 2 9  ? -6.233  10.047  -0.823  1.00 14.21 ? 629 MET D CA   1 
ATOM   772  C C    . MET B 2 9  ? -6.895  8.957   -1.679  1.00 11.64 ? 629 MET D C    1 
ATOM   773  O O    . MET B 2 9  ? -7.294  7.916   -1.157  1.00 18.88 ? 629 MET D O    1 
ATOM   774  C CB   . MET B 2 9  ? -7.254  11.101  -0.363  1.00 26.83 ? 629 MET D CB   1 
ATOM   775  C CG   . MET B 2 9  ? -6.792  11.863  0.891   1.00 51.46 ? 629 MET D CG   1 
ATOM   776  S SD   . MET B 2 9  ? -8.044  12.872  1.727   1.00 54.50 ? 629 MET D SD   1 
ATOM   777  C CE   . MET B 2 9  ? -9.458  12.656  0.646   1.00 48.01 ? 629 MET D CE   1 
ATOM   778  H H    . MET B 2 9  ? -5.229  11.472  -1.770  1.00 21.28 ? 629 MET D H    1 
ATOM   779  H HA   . MET B 2 9  ? -5.886  9.619   -0.013  1.00 16.98 ? 629 MET D HA   1 
ATOM   780  H HB2  . MET B 2 9  ? -7.384  11.747  -1.076  1.00 32.12 ? 629 MET D HB2  1 
ATOM   781  H HB3  . MET B 2 9  ? -8.092  10.661  -0.155  1.00 32.12 ? 629 MET D HB3  1 
ATOM   782  H HG2  . MET B 2 9  ? -6.465  11.217  1.536   1.00 61.68 ? 629 MET D HG2  1 
ATOM   783  H HG3  . MET B 2 9  ? -6.067  12.456  0.636   1.00 61.68 ? 629 MET D HG3  1 
ATOM   784  H HE1  . MET B 2 9  ? -10.198 13.157  0.996   1.00 57.53 ? 629 MET D HE1  1 
ATOM   785  H HE2  . MET B 2 9  ? -9.232  12.975  -0.231  1.00 57.53 ? 629 MET D HE2  1 
ATOM   786  H HE3  . MET B 2 9  ? -9.681  11.723  0.608   1.00 57.53 ? 629 MET D HE3  1 
ATOM   787  N N    . GLU B 2 10 ? -6.987  9.181   -2.983  1.00 15.81 ? 630 GLU D N    1 
ATOM   788  C CA   . GLU B 2 10 ? -7.518  8.161   -3.887  1.00 19.90 ? 630 GLU D CA   1 
ATOM   789  C C    . GLU B 2 10 ? -6.564  6.964   -3.935  1.00 18.43 ? 630 GLU D C    1 
ATOM   790  O O    . GLU B 2 10 ? -6.991  5.820   -3.927  1.00 16.76 ? 630 GLU D O    1 
ATOM   791  C CB   . GLU B 2 10 ? -7.722  8.743   -5.288  1.00 20.93 ? 630 GLU D CB   1 
ATOM   792  C CG   . GLU B 2 10 ? -8.120  7.722   -6.343  1.00 22.56 ? 630 GLU D CG   1 
ATOM   793  C CD   . GLU B 2 10 ? -9.419  7.009   -6.017  1.00 29.44 ? 630 GLU D CD   1 
ATOM   794  O OE1  . GLU B 2 10 ? -10.164 7.484   -5.133  1.00 28.52 ? 630 GLU D OE1  1 
ATOM   795  O OE2  . GLU B 2 10 ? -9.697  5.966   -6.646  1.00 24.33 ? 630 GLU D OE2  1 
ATOM   796  H H    . GLU B 2 10 ? -6.751  9.911   -3.373  1.00 18.90 ? 630 GLU D H    1 
ATOM   797  H HA   . GLU B 2 10 ? -8.386  7.851   -3.553  1.00 23.80 ? 630 GLU D HA   1 
ATOM   798  H HB2  . GLU B 2 10 ? -8.422  9.412   -5.245  1.00 25.05 ? 630 GLU D HB2  1 
ATOM   799  H HB3  . GLU B 2 10 ? -6.892  9.157   -5.575  1.00 25.05 ? 630 GLU D HB3  1 
ATOM   800  H HG2  . GLU B 2 10 ? -8.233  8.175   -7.193  1.00 27.00 ? 630 GLU D HG2  1 
ATOM   801  H HG3  . GLU B 2 10 ? -7.421  7.053   -6.415  1.00 27.00 ? 630 GLU D HG3  1 
ATOM   802  N N    . TRP B 2 11 ? -5.267  7.251   -3.951  1.00 19.17 ? 631 TRP D N    1 
ATOM   803  C CA   . TRP B 2 11 ? -4.236  6.222   -3.936  1.00 15.25 ? 631 TRP D CA   1 
ATOM   804  C C    . TRP B 2 11 ? -4.430  5.332   -2.712  1.00 18.33 ? 631 TRP D C    1 
ATOM   805  O O    . TRP B 2 11 ? -4.462  4.110   -2.826  1.00 16.23 ? 631 TRP D O    1 
ATOM   806  C CB   . TRP B 2 11 ? -2.853  6.901   -3.914  1.00 10.64 ? 631 TRP D CB   1 
ATOM   807  C CG   . TRP B 2 11 ? -1.643  5.990   -3.972  1.00 15.74 ? 631 TRP D CG   1 
ATOM   808  C CD1  . TRP B 2 11 ? -1.034  5.500   -5.095  1.00 12.97 ? 631 TRP D CD1  1 
ATOM   809  C CD2  . TRP B 2 11 ? -0.878  5.504   -2.857  1.00 14.68 ? 631 TRP D CD2  1 
ATOM   810  N NE1  . TRP B 2 11 ? 0.048   4.731   -4.744  1.00 11.86 ? 631 TRP D NE1  1 
ATOM   811  C CE2  . TRP B 2 11 ? 0.161   4.710   -3.380  1.00 15.72 ? 631 TRP D CE2  1 
ATOM   812  C CE3  . TRP B 2 11 ? -0.982  5.652   -1.470  1.00 14.72 ? 631 TRP D CE3  1 
ATOM   813  C CZ2  . TRP B 2 11 ? 1.100   4.076   -2.563  1.00 20.04 ? 631 TRP D CZ2  1 
ATOM   814  C CZ3  . TRP B 2 11 ? -0.059  5.020   -0.660  1.00 20.92 ? 631 TRP D CZ3  1 
ATOM   815  C CH2  . TRP B 2 11 ? 0.974   4.242   -1.210  1.00 19.66 ? 631 TRP D CH2  1 
ATOM   816  H H    . TRP B 2 11 ? -4.953  8.052   -3.971  1.00 22.93 ? 631 TRP D H    1 
ATOM   817  H HA   . TRP B 2 11 ? -4.304  5.669   -4.742  1.00 18.22 ? 631 TRP D HA   1 
ATOM   818  H HB2  . TRP B 2 11 ? -2.799  7.498   -4.676  1.00 12.70 ? 631 TRP D HB2  1 
ATOM   819  H HB3  . TRP B 2 11 ? -2.784  7.418   -3.097  1.00 12.70 ? 631 TRP D HB3  1 
ATOM   820  H HD1  . TRP B 2 11 ? -1.314  5.661   -5.967  1.00 15.49 ? 631 TRP D HD1  1 
ATOM   821  H HE1  . TRP B 2 11 ? 0.567   4.321   -5.294  1.00 14.15 ? 631 TRP D HE1  1 
ATOM   822  H HE3  . TRP B 2 11 ? -1.661  6.168   -1.099  1.00 17.59 ? 631 TRP D HE3  1 
ATOM   823  H HZ2  . TRP B 2 11 ? 1.782   3.557   -2.924  1.00 23.97 ? 631 TRP D HZ2  1 
ATOM   824  H HZ3  . TRP B 2 11 ? -0.119  5.114   0.264   1.00 25.03 ? 631 TRP D HZ3  1 
ATOM   825  H HH2  . TRP B 2 11 ? 1.581   3.825   -0.643  1.00 23.52 ? 631 TRP D HH2  1 
ATOM   826  N N    . ASP B 2 12 ? -4.585  5.943   -1.537  1.00 13.72 ? 632 ASP D N    1 
ATOM   827  C CA   A ASP B 2 12 ? -4.763  5.160   -0.328  0.45 16.68 ? 632 ASP D CA   1 
ATOM   828  C CA   B ASP B 2 12 ? -4.810  5.204   -0.295  0.55 16.74 ? 632 ASP D CA   1 
ATOM   829  C C    . ASP B 2 12 ? -6.010  4.286   -0.443  1.00 16.68 ? 632 ASP D C    1 
ATOM   830  O O    . ASP B 2 12 ? -5.969  3.106   -0.100  1.00 15.70 ? 632 ASP D O    1 
ATOM   831  C CB   A ASP B 2 12 ? -4.867  6.068   0.894   0.45 19.28 ? 632 ASP D CB   1 
ATOM   832  C CB   B ASP B 2 12 ? -5.116  6.166   0.860   0.55 19.12 ? 632 ASP D CB   1 
ATOM   833  C CG   A ASP B 2 12 ? -4.669  5.315   2.191   0.45 23.90 ? 632 ASP D CG   1 
ATOM   834  C CG   B ASP B 2 12 ? -3.882  6.858   1.408   0.55 24.93 ? 632 ASP D CG   1 
ATOM   835  O OD1  A ASP B 2 12 ? -5.390  5.608   3.167   0.45 30.60 ? 632 ASP D OD1  1 
ATOM   836  O OD1  B ASP B 2 12 ? -2.767  6.325   1.249   0.55 20.20 ? 632 ASP D OD1  1 
ATOM   837  O OD2  A ASP B 2 12 ? -3.787  4.433   2.237   0.45 24.50 ? 632 ASP D OD2  1 
ATOM   838  O OD2  B ASP B 2 12 ? -4.040  7.936   2.024   0.55 21.89 ? 632 ASP D OD2  1 
ATOM   839  H H    A ASP B 2 12 ? -4.590  6.795   -1.420  0.45 16.39 ? 632 ASP D H    1 
ATOM   840  H H    B ASP B 2 12 ? -4.564  6.796   -1.433  0.55 16.39 ? 632 ASP D H    1 
ATOM   841  H HA   A ASP B 2 12 ? -3.988  4.573   -0.208  0.45 19.94 ? 632 ASP D HA   1 
ATOM   842  H HA   B ASP B 2 12 ? -4.020  4.670   -0.069  0.55 20.02 ? 632 ASP D HA   1 
ATOM   843  H HB2  A ASP B 2 12 ? -4.184  6.755   0.838   0.45 23.07 ? 632 ASP D HB2  1 
ATOM   844  H HB2  B ASP B 2 12 ? -5.726  6.851   0.543   0.55 22.88 ? 632 ASP D HB2  1 
ATOM   845  H HB3  A ASP B 2 12 ? -5.747  6.474   0.914   0.45 23.07 ? 632 ASP D HB3  1 
ATOM   846  H HB3  B ASP B 2 12 ? -5.526  5.668   1.583   0.55 22.88 ? 632 ASP D HB3  1 
ATOM   847  N N    . ARG B 2 13 ? -7.101  4.861   -0.936  1.00 19.51 ? 633 ARG D N    1 
ATOM   848  C CA   . ARG B 2 13 ? -8.358  4.127   -1.075  1.00 15.97 ? 633 ARG D CA   1 
ATOM   849  C C    . ARG B 2 13 ? -8.176  2.884   -1.940  1.00 18.73 ? 633 ARG D C    1 
ATOM   850  O O    . ARG B 2 13 ? -8.574  1.788   -1.551  1.00 16.88 ? 633 ARG D O    1 
ATOM   851  C CB   . ARG B 2 13 ? -9.428  5.018   -1.693  1.00 18.24 ? 633 ARG D CB   1 
ATOM   852  C CG   . ARG B 2 13 ? -10.819 4.400   -1.640  1.00 24.36 ? 633 ARG D CG   1 
ATOM   853  C CD   . ARG B 2 13 ? -11.843 5.264   -2.351  1.00 25.06 ? 633 ARG D CD   1 
ATOM   854  N NE   . ARG B 2 13 ? -11.691 5.223   -3.801  1.00 24.79 ? 633 ARG D NE   1 
ATOM   855  C CZ   . ARG B 2 13 ? -12.295 4.342   -4.593  1.00 33.04 ? 633 ARG D CZ   1 
ATOM   856  N NH1  . ARG B 2 13 ? -13.090 3.421   -4.071  1.00 26.92 ? 633 ARG D NH1  1 
ATOM   857  N NH2  . ARG B 2 13 ? -12.104 4.381   -5.907  1.00 26.25 ? 633 ARG D NH2  1 
ATOM   858  H H    . ARG B 2 13 ? -7.141  5.679   -1.200  1.00 23.33 ? 633 ARG D H    1 
ATOM   859  H HA   . ARG B 2 13 ? -8.667  3.844   -0.190  1.00 19.09 ? 633 ARG D HA   1 
ATOM   860  H HB2  . ARG B 2 13 ? -9.456  5.858   -1.212  1.00 21.81 ? 633 ARG D HB2  1 
ATOM   861  H HB3  . ARG B 2 13 ? -9.208  5.177   -2.624  1.00 21.81 ? 633 ARG D HB3  1 
ATOM   862  H HG2  . ARG B 2 13 ? -10.801 3.532   -2.072  1.00 29.16 ? 633 ARG D HG2  1 
ATOM   863  H HG3  . ARG B 2 13 ? -11.092 4.306   -0.713  1.00 29.16 ? 633 ARG D HG3  1 
ATOM   864  H HD2  . ARG B 2 13 ? -12.733 4.946   -2.133  1.00 29.99 ? 633 ARG D HD2  1 
ATOM   865  H HD3  . ARG B 2 13 ? -11.737 6.184   -2.063  1.00 29.99 ? 633 ARG D HD3  1 
ATOM   866  H HE   . ARG B 2 13 ? -11.177 5.807   -4.167  1.00 29.68 ? 633 ARG D HE   1 
ATOM   867  H HH11 . ARG B 2 13 ? -13.217 3.394   -3.221  1.00 32.23 ? 633 ARG D HH11 1 
ATOM   868  H HH12 . ARG B 2 13 ? -13.480 2.850   -4.582  1.00 32.23 ? 633 ARG D HH12 1 
ATOM   869  H HH21 . ARG B 2 13 ? -11.586 4.977   -6.249  1.00 31.42 ? 633 ARG D HH21 1 
ATOM   870  H HH22 . ARG B 2 13 ? -12.494 3.807   -6.416  1.00 31.42 ? 633 ARG D HH22 1 
ATOM   871  N N    . GLU B 2 14 ? -7.565  3.065   -3.105  1.00 17.59 ? 634 GLU D N    1 
ATOM   872  C CA   . GLU B 2 14 ? -7.402  1.974   -4.069  1.00 15.68 ? 634 GLU D CA   1 
ATOM   873  C C    . GLU B 2 14 ? -6.454  0.906   -3.522  1.00 16.27 ? 634 GLU D C    1 
ATOM   874  O O    . GLU B 2 14 ? -6.703  -0.284  -3.672  1.00 14.31 ? 634 GLU D O    1 
ATOM   875  C CB   . GLU B 2 14 ? -6.909  2.508   -5.422  1.00 15.28 ? 634 GLU D CB   1 
ATOM   876  C CG   . GLU B 2 14 ? -7.835  3.554   -6.067  1.00 19.85 ? 634 GLU D CG   1 
ATOM   877  C CD   . GLU B 2 14 ? -7.401  3.948   -7.469  1.00 22.74 ? 634 GLU D CD   1 
ATOM   878  O OE1  . GLU B 2 14 ? -7.973  4.906   -8.040  1.00 25.76 ? 634 GLU D OE1  1 
ATOM   879  O OE2  . GLU B 2 14 ? -6.485  3.302   -8.008  1.00 21.27 ? 634 GLU D OE2  1 
ATOM   880  H H    . GLU B 2 14 ? -7.233  3.814   -3.366  1.00 21.03 ? 634 GLU D H    1 
ATOM   881  H HA   . GLU B 2 14 ? -8.273  1.552   -4.215  1.00 18.74 ? 634 GLU D HA   1 
ATOM   882  H HB2  . GLU B 2 14 ? -6.042  2.921   -5.296  1.00 18.26 ? 634 GLU D HB2  1 
ATOM   883  H HB3  . GLU B 2 14 ? -6.831  1.764   -6.040  1.00 18.26 ? 634 GLU D HB3  1 
ATOM   884  H HG2  . GLU B 2 14 ? -8.732  3.190   -6.122  1.00 23.75 ? 634 GLU D HG2  1 
ATOM   885  H HG3  . GLU B 2 14 ? -7.836  4.354   -5.518  1.00 23.75 ? 634 GLU D HG3  1 
ATOM   886  N N    . ILE B 2 15 ? -5.369  1.323   -2.876  1.00 14.66 ? 635 ILE D N    1 
ATOM   887  C CA   . ILE B 2 15 ? -4.467  0.368   -2.229  1.00 17.64 ? 635 ILE D CA   1 
ATOM   888  C C    . ILE B 2 15 ? -5.225  -0.523  -1.250  1.00 12.77 ? 635 ILE D C    1 
ATOM   889  O O    . ILE B 2 15 ? -5.076  -1.737  -1.261  1.00 15.49 ? 635 ILE D O    1 
ATOM   890  C CB   . ILE B 2 15 ? -3.332  1.087   -1.454  1.00 17.64 ? 635 ILE D CB   1 
ATOM   891  C CG1  . ILE B 2 15 ? -2.346  1.738   -2.427  1.00 19.93 ? 635 ILE D CG1  1 
ATOM   892  C CG2  . ILE B 2 15 ? -2.595  0.110   -0.543  1.00 19.63 ? 635 ILE D CG2  1 
ATOM   893  C CD1  . ILE B 2 15 ? -1.430  0.760   -3.119  1.00 21.53 ? 635 ILE D CD1  1 
ATOM   894  H H    . ILE B 2 15 ? -5.132  2.147   -2.795  1.00 17.51 ? 635 ILE D H    1 
ATOM   895  H HA   . ILE B 2 15 ? -4.059  -0.204  -2.912  1.00 21.10 ? 635 ILE D HA   1 
ATOM   896  H HB   . ILE B 2 15 ? -3.728  1.782   -0.904  1.00 21.09 ? 635 ILE D HB   1 
ATOM   897  H HG12 . ILE B 2 15 ? -2.847  2.209   -3.110  1.00 23.84 ? 635 ILE D HG12 1 
ATOM   898  H HG13 . ILE B 2 15 ? -1.792  2.366   -1.936  1.00 23.84 ? 635 ILE D HG13 1 
ATOM   899  H HG21 . ILE B 2 15 ? -1.900  0.582   -0.077  1.00 23.48 ? 635 ILE D HG21 1 
ATOM   900  H HG22 . ILE B 2 15 ? -3.218  -0.261  0.086   1.00 23.48 ? 635 ILE D HG22 1 
ATOM   901  H HG23 . ILE B 2 15 ? -2.213  -0.588  -1.079  1.00 23.48 ? 635 ILE D HG23 1 
ATOM   902  H HD11 . ILE B 2 15 ? -0.846  1.242   -3.708  1.00 25.77 ? 635 ILE D HD11 1 
ATOM   903  H HD12 . ILE B 2 15 ? -0.915  0.292   -2.457  1.00 25.77 ? 635 ILE D HD12 1 
ATOM   904  H HD13 . ILE B 2 15 ? -1.961  0.138   -3.622  1.00 25.77 ? 635 ILE D HD13 1 
ATOM   905  N N    . ASN B 2 16 ? -6.033  0.092   -0.393  1.00 12.58 ? 636 ASN D N    1 
ATOM   906  C CA   . ASN B 2 16 ? -6.766  -0.649  0.625   1.00 15.10 ? 636 ASN D CA   1 
ATOM   907  C C    . ASN B 2 16 ? -7.766  -1.625  0.014   1.00 14.47 ? 636 ASN D C    1 
ATOM   908  O O    . ASN B 2 16 ? -7.906  -2.755  0.488   1.00 16.60 ? 636 ASN D O    1 
ATOM   909  C CB   . ASN B 2 16 ? -7.478  0.341   1.548   1.00 14.34 ? 636 ASN D CB   1 
ATOM   910  C CG   . ASN B 2 16 ? -6.516  1.023   2.507   1.00 22.90 ? 636 ASN D CG   1 
ATOM   911  O OD1  . ASN B 2 16 ? -5.466  0.472   2.835   1.00 26.92 ? 636 ASN D OD1  1 
ATOM   912  N ND2  . ASN B 2 16 ? -6.870  2.220   2.962   1.00 27.56 ? 636 ASN D ND2  1 
ATOM   913  H H    . ASN B 2 16 ? -6.172  0.940   -0.379  1.00 15.02 ? 636 ASN D H    1 
ATOM   914  H HA   . ASN B 2 16 ? -6.131  -1.164  1.164   1.00 18.05 ? 636 ASN D HA   1 
ATOM   915  H HB2  . ASN B 2 16 ? -7.906  1.026   1.011   1.00 17.13 ? 636 ASN D HB2  1 
ATOM   916  H HB3  . ASN B 2 16 ? -8.141  -0.134  2.072   1.00 17.13 ? 636 ASN D HB3  1 
ATOM   917  H HD21 . ASN B 2 16 ? -6.356  2.642   3.506   1.00 33.00 ? 636 ASN D HD21 1 
ATOM   918  H HD22 . ASN B 2 16 ? -7.614  2.573   2.712   1.00 33.00 ? 636 ASN D HD22 1 
ATOM   919  N N    . ASN B 2 17 ? -8.453  -1.185  -1.035  1.00 16.31 ? 637 ASN D N    1 
ATOM   920  C CA   . ASN B 2 17 ? -9.444  -2.032  -1.710  1.00 13.19 ? 637 ASN D CA   1 
ATOM   921  C C    . ASN B 2 17 ? -8.800  -3.258  -2.354  1.00 14.47 ? 637 ASN D C    1 
ATOM   922  O O    . ASN B 2 17 ? -9.319  -4.373  -2.241  1.00 15.12 ? 637 ASN D O    1 
ATOM   923  C CB   . ASN B 2 17 ? -10.207 -1.247  -2.783  1.00 15.82 ? 637 ASN D CB   1 
ATOM   924  C CG   . ASN B 2 17 ? -11.203 -0.239  -2.202  1.00 20.87 ? 637 ASN D CG   1 
ATOM   925  O OD1  . ASN B 2 17 ? -11.651 0.672   -2.902  1.00 28.31 ? 637 ASN D OD1  1 
ATOM   926  N ND2  . ASN B 2 17 ? -11.549 -0.397  -0.932  1.00 23.79 ? 637 ASN D ND2  1 
ATOM   927  H H    . ASN B 2 17 ? -8.367  -0.402  -1.380  1.00 19.49 ? 637 ASN D H    1 
ATOM   928  H HA   . ASN B 2 17 ? -10.095 -2.346  -1.048  1.00 15.75 ? 637 ASN D HA   1 
ATOM   929  H HB2  . ASN B 2 17 ? -9.569  -0.757  -3.326  1.00 18.91 ? 637 ASN D HB2  1 
ATOM   930  H HB3  . ASN B 2 17 ? -10.702 -1.870  -3.337  1.00 18.91 ? 637 ASN D HB3  1 
ATOM   931  H HD21 . ASN B 2 17 ? -12.106 0.148   -0.567  1.00 28.47 ? 637 ASN D HD21 1 
ATOM   932  H HD22 . ASN B 2 17 ? -11.216 -1.043  -0.473  1.00 28.47 ? 637 ASN D HD22 1 
ATOM   933  N N    . TYR B 2 18 ? -7.674  -3.068  -3.035  1.00 17.23 ? 638 TYR D N    1 
ATOM   934  C CA   . TYR B 2 18 ? -6.995  -4.202  -3.652  1.00 11.68 ? 638 TYR D CA   1 
ATOM   935  C C    . TYR B 2 18 ? -6.441  -5.140  -2.583  1.00 16.01 ? 638 TYR D C    1 
ATOM   936  O O    . TYR B 2 18 ? -6.495  -6.344  -2.728  1.00 14.48 ? 638 TYR D O    1 
ATOM   937  C CB   . TYR B 2 18 ? -5.861  -3.749  -4.598  1.00 11.51 ? 638 TYR D CB   1 
ATOM   938  C CG   . TYR B 2 18 ? -6.322  -3.240  -5.949  1.00 14.20 ? 638 TYR D CG   1 
ATOM   939  C CD1  . TYR B 2 18 ? -7.005  -4.066  -6.832  1.00 18.52 ? 638 TYR D CD1  1 
ATOM   940  C CD2  . TYR B 2 18 ? -6.056  -1.938  -6.355  1.00 14.26 ? 638 TYR D CD2  1 
ATOM   941  C CE1  . TYR B 2 18 ? -7.414  -3.602  -8.070  1.00 18.00 ? 638 TYR D CE1  1 
ATOM   942  C CE2  . TYR B 2 18 ? -6.465  -1.468  -7.590  1.00 15.33 ? 638 TYR D CE2  1 
ATOM   943  C CZ   . TYR B 2 18 ? -7.145  -2.306  -8.443  1.00 18.66 ? 638 TYR D CZ   1 
ATOM   944  O OH   . TYR B 2 18 ? -7.554  -1.844  -9.676  1.00 18.02 ? 638 TYR D OH   1 
ATOM   945  H H    . TYR B 2 18 ? -7.290  -2.309  -3.154  1.00 20.61 ? 638 TYR D H    1 
ATOM   946  H HA   . TYR B 2 18 ? -7.644  -4.707  -4.185  1.00 13.94 ? 638 TYR D HA   1 
ATOM   947  H HB2  . TYR B 2 18 ? -5.369  -3.033  -4.168  1.00 13.74 ? 638 TYR D HB2  1 
ATOM   948  H HB3  . TYR B 2 18 ? -5.271  -4.501  -4.755  1.00 13.74 ? 638 TYR D HB3  1 
ATOM   949  H HD1  . TYR B 2 18 ? -7.191  -4.943  -6.587  1.00 22.15 ? 638 TYR D HD1  1 
ATOM   950  H HD2  . TYR B 2 18 ? -5.597  -1.368  -5.781  1.00 17.04 ? 638 TYR D HD2  1 
ATOM   951  H HE1  . TYR B 2 18 ? -7.875  -4.166  -8.648  1.00 21.52 ? 638 TYR D HE1  1 
ATOM   952  H HE2  . TYR B 2 18 ? -6.281  -0.591  -7.842  1.00 18.32 ? 638 TYR D HE2  1 
ATOM   953  H HH   . TYR B 2 18 ? -6.904  -1.602  -10.114 1.00 21.55 ? 638 TYR D HH   1 
ATOM   954  N N    . THR B 2 19 ? -5.907  -4.581  -1.502  1.00 15.91 ? 639 THR D N    1 
ATOM   955  C CA   . THR B 2 19 ? -5.320  -5.388  -0.445  1.00 16.52 ? 639 THR D CA   1 
ATOM   956  C C    . THR B 2 19 ? -6.370  -6.274  0.224   1.00 15.22 ? 639 THR D C    1 
ATOM   957  O O    . THR B 2 19 ? -6.110  -7.442  0.509   1.00 18.03 ? 639 THR D O    1 
ATOM   958  C CB   . THR B 2 19 ? -4.657  -4.486  0.605   1.00 20.13 ? 639 THR D CB   1 
ATOM   959  O OG1  . THR B 2 19 ? -3.579  -3.772  -0.012  1.00 20.14 ? 639 THR D OG1  1 
ATOM   960  C CG2  . THR B 2 19 ? -4.123  -5.311  1.759   1.00 24.90 ? 639 THR D CG2  1 
ATOM   961  H H    . THR B 2 19 ? -5.875  -3.734  -1.359  1.00 19.02 ? 639 THR D H    1 
ATOM   962  H HA   . THR B 2 19 ? -4.629  -5.968  -0.829  1.00 19.75 ? 639 THR D HA   1 
ATOM   963  H HB   . THR B 2 19 ? -5.309  -3.855  0.951   1.00 24.08 ? 639 THR D HB   1 
ATOM   964  H HG1  . THR B 2 19 ? -3.863  -3.312  -0.629  1.00 24.09 ? 639 THR D HG1  1 
ATOM   965  H HG21 . THR B 2 19 ? -3.711  -4.737  2.409   1.00 29.80 ? 639 THR D HG21 1 
ATOM   966  H HG22 . THR B 2 19 ? -4.840  -5.793  2.178   1.00 29.80 ? 639 THR D HG22 1 
ATOM   967  H HG23 . THR B 2 19 ? -3.470  -5.939  1.439   1.00 29.80 ? 639 THR D HG23 1 
ATOM   968  N N    . SER B 2 20 ? -7.560  -5.726  0.453   1.00 16.34 ? 640 SER D N    1 
ATOM   969  C CA   A SER B 2 20 ? -8.657  -6.473  1.062   0.58 19.69 ? 640 SER D CA   1 
ATOM   970  C CA   B SER B 2 20 ? -8.618  -6.503  1.090   0.42 19.74 ? 640 SER D CA   1 
ATOM   971  C C    . SER B 2 20 ? -9.114  -7.610  0.156   1.00 17.52 ? 640 SER D C    1 
ATOM   972  O O    . SER B 2 20 ? -9.378  -8.720  0.608   1.00 16.52 ? 640 SER D O    1 
ATOM   973  C CB   A SER B 2 20 ? -9.832  -5.536  1.339   0.58 21.61 ? 640 SER D CB   1 
ATOM   974  C CB   B SER B 2 20 ? -9.771  -5.607  1.563   0.42 21.78 ? 640 SER D CB   1 
ATOM   975  O OG   A SER B 2 20 ? -11.012 -6.272  1.596   0.58 26.37 ? 640 SER D OG   1 
ATOM   976  O OG   B SER B 2 20 ? -10.319 -4.843  0.506   0.42 15.35 ? 640 SER D OG   1 
ATOM   977  H H    A SER B 2 20 ? -7.760  -4.912  0.262   0.58 19.53 ? 640 SER D H    1 
ATOM   978  H H    B SER B 2 20 ? -7.779  -4.919  0.253   0.42 19.53 ? 640 SER D H    1 
ATOM   979  H HA   A SER B 2 20 ? -8.358  -6.855  1.914   0.58 23.56 ? 640 SER D HA   1 
ATOM   980  H HA   B SER B 2 20 ? -8.243  -6.939  1.884   0.42 23.61 ? 640 SER D HA   1 
ATOM   981  H HB2  A SER B 2 20 ? -9.625  -4.989  2.112   0.58 25.86 ? 640 SER D HB2  1 
ATOM   982  H HB2  B SER B 2 20 ? -10.468 -6.169  1.936   0.42 26.07 ? 640 SER D HB2  1 
ATOM   983  H HB3  A SER B 2 20 ? -9.974  -4.971  0.562   0.58 25.86 ? 640 SER D HB3  1 
ATOM   984  H HB3  B SER B 2 20 ? -9.436  -5.003  2.243   0.42 26.07 ? 640 SER D HB3  1 
ATOM   985  H HG   A SER B 2 20 ? -11.636 -5.760  1.742   0.58 31.57 ? 640 SER D HG   1 
ATOM   986  H HG   B SER B 2 20 ? -9.924  -5.008  -0.193  0.42 18.35 ? 640 SER D HG   1 
ATOM   987  N N    . LEU B 2 21 ? -9.210  -7.318  -1.135  1.00 17.35 ? 641 LEU D N    1 
ATOM   988  C CA   . LEU B 2 21 ? -9.591  -8.335  -2.110  1.00 20.31 ? 641 LEU D CA   1 
ATOM   989  C C    . LEU B 2 21 ? -8.555  -9.455  -2.140  1.00 20.36 ? 641 LEU D C    1 
ATOM   990  O O    . LEU B 2 21 ? -8.900  -10.624 -2.148  1.00 15.32 ? 641 LEU D O    1 
ATOM   991  C CB   . LEU B 2 21 ? -9.757  -7.725  -3.506  1.00 14.81 ? 641 LEU D CB   1 
ATOM   992  C CG   . LEU B 2 21 ? -9.972  -8.723  -4.655  1.00 14.70 ? 641 LEU D CG   1 
ATOM   993  C CD1  . LEU B 2 21 ? -11.222 -9.551  -4.414  1.00 19.79 ? 641 LEU D CD1  1 
ATOM   994  C CD2  . LEU B 2 21 ? -10.040 -8.017  -6.007  1.00 17.53 ? 641 LEU D CD2  1 
ATOM   995  H H    . LEU B 2 21 ? -9.059  -6.542  -1.472  1.00 20.74 ? 641 LEU D H    1 
ATOM   996  H HA   . LEU B 2 21 ? -10.451 -8.725  -1.846  1.00 24.30 ? 641 LEU D HA   1 
ATOM   997  H HB2  . LEU B 2 21 ? -10.523 -7.132  -3.491  1.00 17.70 ? 641 LEU D HB2  1 
ATOM   998  H HB3  . LEU B 2 21 ? -8.958  -7.214  -3.713  1.00 17.70 ? 641 LEU D HB3  1 
ATOM   999  H HG   . LEU B 2 21 ? -9.218  -9.331  -4.680  1.00 17.57 ? 641 LEU D HG   1 
ATOM   1000 H HD11 . LEU B 2 21 ? -11.335 -10.165 -5.144  1.00 23.68 ? 641 LEU D HD11 1 
ATOM   1001 H HD12 . LEU B 2 21 ? -11.123 -10.035 -3.591  1.00 23.68 ? 641 LEU D HD12 1 
ATOM   1002 H HD13 . LEU B 2 21 ? -11.980 -8.964  -4.360  1.00 23.68 ? 641 LEU D HD13 1 
ATOM   1003 H HD21 . LEU B 2 21 ? -10.176 -8.673  -6.695  1.00 20.96 ? 641 LEU D HD21 1 
ATOM   1004 H HD22 . LEU B 2 21 ? -10.773 -7.396  -5.998  1.00 20.96 ? 641 LEU D HD22 1 
ATOM   1005 H HD23 . LEU B 2 21 ? -9.216  -7.549  -6.157  1.00 20.96 ? 641 LEU D HD23 1 
ATOM   1006 N N    . ILE B 2 22 ? -7.273  -9.107  -2.153  1.00 13.15 ? 642 ILE D N    1 
ATOM   1007 C CA   . ILE B 2 22 ? -6.248  -10.138 -2.203  1.00 11.68 ? 642 ILE D CA   1 
ATOM   1008 C C    . ILE B 2 22 ? -6.301  -10.998 -0.946  1.00 16.47 ? 642 ILE D C    1 
ATOM   1009 O O    . ILE B 2 22 ? -6.135  -12.204 -1.013  1.00 18.48 ? 642 ILE D O    1 
ATOM   1010 C CB   . ILE B 2 22 ? -4.845  -9.529  -2.350  1.00 14.10 ? 642 ILE D CB   1 
ATOM   1011 C CG1  . ILE B 2 22 ? -4.717  -8.856  -3.726  1.00 16.49 ? 642 ILE D CG1  1 
ATOM   1012 C CG2  . ILE B 2 22 ? -3.787  -10.613 -2.178  1.00 16.23 ? 642 ILE D CG2  1 
ATOM   1013 C CD1  . ILE B 2 22 ? -3.679  -7.739  -3.777  1.00 17.59 ? 642 ILE D CD1  1 
ATOM   1014 H H    . ILE B 2 22 ? -6.977  -8.301  -2.132  1.00 15.71 ? 642 ILE D H    1 
ATOM   1015 H HA   . ILE B 2 22 ? -6.411  -10.717 -2.977  1.00 13.94 ? 642 ILE D HA   1 
ATOM   1016 H HB   . ILE B 2 22 ? -4.721  -8.858  -1.661  1.00 16.85 ? 642 ILE D HB   1 
ATOM   1017 H HG12 . ILE B 2 22 ? -4.462  -9.528  -4.378  1.00 19.71 ? 642 ILE D HG12 1 
ATOM   1018 H HG13 . ILE B 2 22 ? -5.575  -8.474  -3.966  1.00 19.71 ? 642 ILE D HG13 1 
ATOM   1019 H HG21 . ILE B 2 22 ? -2.917  -10.218 -2.272  1.00 19.41 ? 642 ILE D HG21 1 
ATOM   1020 H HG22 . ILE B 2 22 ? -3.878  -11.001 -1.304  1.00 19.41 ? 642 ILE D HG22 1 
ATOM   1021 H HG23 . ILE B 2 22 ? -3.917  -11.286 -2.850  1.00 19.41 ? 642 ILE D HG23 1 
ATOM   1022 H HD11 . ILE B 2 22 ? -3.659  -7.372  -4.664  1.00 21.04 ? 642 ILE D HD11 1 
ATOM   1023 H HD12 . ILE B 2 22 ? -3.922  -7.057  -3.146  1.00 21.04 ? 642 ILE D HD12 1 
ATOM   1024 H HD13 . ILE B 2 22 ? -2.819  -8.100  -3.553  1.00 21.04 ? 642 ILE D HD13 1 
ATOM   1025 N N    . HIS B 2 23 ? -6.523  -10.378 0.209   1.00 21.41 ? 643 HIS D N    1 
ATOM   1026 C CA   . HIS B 2 23 ? -6.598  -11.137 1.454   1.00 20.51 ? 643 HIS D CA   1 
ATOM   1027 C C    . HIS B 2 23 ? -7.684  -12.203 1.352   1.00 17.96 ? 643 HIS D C    1 
ATOM   1028 O O    . HIS B 2 23 ? -7.467  -13.366 1.713   1.00 18.06 ? 643 HIS D O    1 
ATOM   1029 C CB   . HIS B 2 23 ? -6.876  -10.205 2.639   1.00 20.54 ? 643 HIS D CB   1 
ATOM   1030 C CG   . HIS B 2 23 ? -5.715  -9.327  2.989   1.00 40.44 ? 643 HIS D CG   1 
ATOM   1031 N ND1  . HIS B 2 23 ? -5.820  -8.256  3.862   1.00 40.80 ? 643 HIS D ND1  1 
ATOM   1032 C CD2  . HIS B 2 23 ? -4.423  -9.354  2.593   1.00 39.54 ? 643 HIS D CD2  1 
ATOM   1033 C CE1  . HIS B 2 23 ? -4.646  -7.673  3.980   1.00 38.41 ? 643 HIS D CE1  1 
ATOM   1034 N NE2  . HIS B 2 23 ? -3.774  -8.315  3.221   1.00 33.66 ? 643 HIS D NE2  1 
ATOM   1035 H H    . HIS B 2 23 ? -6.633  -9.529  0.300   1.00 25.62 ? 643 HIS D H    1 
ATOM   1036 H HA   . HIS B 2 23 ? -5.741  -11.585 1.610   1.00 24.54 ? 643 HIS D HA   1 
ATOM   1037 H HB2  . HIS B 2 23 ? -7.627  -9.632  2.419   1.00 24.57 ? 643 HIS D HB2  1 
ATOM   1038 H HB3  . HIS B 2 23 ? -7.088  -10.744 3.417   1.00 24.57 ? 643 HIS D HB3  1 
ATOM   1039 H HD1  . HIS B 2 23 ? -6.539  -8.010  4.264   1.00 48.89 ? 643 HIS D HD1  1 
ATOM   1040 H HD2  . HIS B 2 23 ? -4.042  -9.964  2.003   1.00 47.37 ? 643 HIS D HD2  1 
ATOM   1041 H HE1  . HIS B 2 23 ? -4.460  -6.931  4.509   1.00 46.02 ? 643 HIS D HE1  1 
ATOM   1042 H HE2  . HIS B 2 23 ? -2.942  -8.118  3.135   1.00 40.32 ? 643 HIS D HE2  1 
ATOM   1043 N N    . SER B 2 24 ? -8.843  -11.803 0.842   1.00 19.06 ? 644 SER D N    1 
ATOM   1044 C CA   A SER B 2 24 ? -9.985  -12.698 0.679   0.79 19.58 ? 644 SER D CA   1 
ATOM   1045 C CA   B SER B 2 24 ? -9.964  -12.727 0.731   0.21 19.62 ? 644 SER D CA   1 
ATOM   1046 C C    . SER B 2 24 ? -9.679  -13.844 -0.274  1.00 19.06 ? 644 SER D C    1 
ATOM   1047 O O    . SER B 2 24 ? -10.053 -14.987 -0.035  1.00 21.12 ? 644 SER D O    1 
ATOM   1048 C CB   A SER B 2 24 ? -11.187 -11.917 0.143   0.79 18.22 ? 644 SER D CB   1 
ATOM   1049 C CB   B SER B 2 24 ? -11.257 -11.985 0.370   0.21 18.82 ? 644 SER D CB   1 
ATOM   1050 O OG   A SER B 2 24 ? -11.591 -10.909 1.050   0.79 26.59 ? 644 SER D OG   1 
ATOM   1051 O OG   B SER B 2 24 ? -11.173 -11.375 -0.902  0.21 16.92 ? 644 SER D OG   1 
ATOM   1052 H H    A SER B 2 24 ? -8.996  -11.001 0.574   0.79 22.80 ? 644 SER D H    1 
ATOM   1053 H H    B SER B 2 24 ? -9.004  -11.010 0.552   0.21 22.80 ? 644 SER D H    1 
ATOM   1054 H HA   A SER B 2 24 ? -10.227 -13.077 1.549   0.79 23.42 ? 644 SER D HA   1 
ATOM   1055 H HA   B SER B 2 24 ? -10.103 -13.148 1.605   0.21 23.47 ? 644 SER D HA   1 
ATOM   1056 H HB2  A SER B 2 24 ? -10.942 -11.502 -0.699  0.79 21.78 ? 644 SER D HB2  1 
ATOM   1057 H HB2  B SER B 2 24 ? -11.990 -12.620 0.366   0.21 22.51 ? 644 SER D HB2  1 
ATOM   1058 H HB3  A SER B 2 24 ? -11.925 -12.531 0.006   0.79 21.78 ? 644 SER D HB3  1 
ATOM   1059 H HB3  B SER B 2 24 ? -11.421 -11.299 1.037   0.21 22.51 ? 644 SER D HB3  1 
ATOM   1060 H HG   A SER B 2 24 ? -11.107 -10.917 1.713   0.79 31.84 ? 644 SER D HG   1 
ATOM   1061 H HG   B SER B 2 24 ? -10.439 -11.522 -1.236  0.21 20.23 ? 644 SER D HG   1 
ATOM   1062 N N    . LEU B 2 25 ? -9.008  -13.524 -1.376  1.00 17.56 ? 645 LEU D N    1 
ATOM   1063 C CA   . LEU B 2 25 ? -8.711  -14.519 -2.411  1.00 16.82 ? 645 LEU D CA   1 
ATOM   1064 C C    . LEU B 2 25 ? -7.739  -15.571 -1.901  1.00 21.55 ? 645 LEU D C    1 
ATOM   1065 O O    . LEU B 2 25 ? -7.871  -16.756 -2.205  1.00 22.23 ? 645 LEU D O    1 
ATOM   1066 C CB   . LEU B 2 25 ? -8.121  -13.839 -3.654  1.00 16.56 ? 645 LEU D CB   1 
ATOM   1067 C CG   . LEU B 2 25 ? -9.058  -12.944 -4.475  1.00 15.35 ? 645 LEU D CG   1 
ATOM   1068 C CD1  . LEU B 2 25 ? -8.256  -12.076 -5.439  1.00 15.53 ? 645 LEU D CD1  1 
ATOM   1069 C CD2  . LEU B 2 25 ? -10.055 -13.795 -5.244  1.00 19.20 ? 645 LEU D CD2  1 
ATOM   1070 H H    . LEU B 2 25 ? -8.711  -12.736 -1.551  1.00 21.00 ? 645 LEU D H    1 
ATOM   1071 H HA   . LEU B 2 25 ? -9.541  -14.969 -2.674  1.00 20.11 ? 645 LEU D HA   1 
ATOM   1072 H HB2  . LEU B 2 25 ? -7.376  -13.288 -3.370  1.00 19.80 ? 645 LEU D HB2  1 
ATOM   1073 H HB3  . LEU B 2 25 ? -7.795  -14.534 -4.249  1.00 19.80 ? 645 LEU D HB3  1 
ATOM   1074 H HG   . LEU B 2 25 ? -9.551  -12.361 -3.877  1.00 18.35 ? 645 LEU D HG   1 
ATOM   1075 H HD11 . LEU B 2 25 ? -8.862  -11.525 -5.941  1.00 18.56 ? 645 LEU D HD11 1 
ATOM   1076 H HD12 . LEU B 2 25 ? -7.653  -11.525 -4.936  1.00 18.56 ? 645 LEU D HD12 1 
ATOM   1077 H HD13 . LEU B 2 25 ? -7.762  -12.645 -6.035  1.00 18.56 ? 645 LEU D HD13 1 
ATOM   1078 H HD21 . LEU B 2 25 ? -10.632 -13.218 -5.751  1.00 22.97 ? 645 LEU D HD21 1 
ATOM   1079 H HD22 . LEU B 2 25 ? -9.575  -14.380 -5.835  1.00 22.97 ? 645 LEU D HD22 1 
ATOM   1080 H HD23 . LEU B 2 25 ? -10.572 -14.309 -4.621  1.00 22.97 ? 645 LEU D HD23 1 
ATOM   1081 N N    . ILE B 2 26 ? -6.751  -15.117 -1.139  1.00 21.16 ? 646 ILE D N    1 
ATOM   1082 C CA   . ILE B 2 26 ? -5.725  -15.986 -0.582  1.00 22.54 ? 646 ILE D CA   1 
ATOM   1083 C C    . ILE B 2 26 ? -6.310  -16.896 0.490   1.00 24.20 ? 646 ILE D C    1 
ATOM   1084 O O    . ILE B 2 26 ? -5.954  -18.068 0.577   1.00 27.71 ? 646 ILE D O    1 
ATOM   1085 C CB   . ILE B 2 26 ? -4.584  -15.142 0.036   1.00 23.37 ? 646 ILE D CB   1 
ATOM   1086 C CG1  . ILE B 2 26 ? -3.847  -14.374 -1.061  1.00 27.03 ? 646 ILE D CG1  1 
ATOM   1087 C CG2  . ILE B 2 26 ? -3.618  -16.024 0.793   1.00 31.22 ? 646 ILE D CG2  1 
ATOM   1088 C CD1  . ILE B 2 26 ? -2.734  -13.487 -0.541  1.00 27.81 ? 646 ILE D CD1  1 
ATOM   1089 H H    . ILE B 2 26 ? -6.653  -14.289 -0.927  1.00 25.32 ? 646 ILE D H    1 
ATOM   1090 H HA   . ILE B 2 26 ? -5.348  -16.545 -1.292  1.00 26.97 ? 646 ILE D HA   1 
ATOM   1091 H HB   . ILE B 2 26 ? -4.970  -14.504 0.656   1.00 27.97 ? 646 ILE D HB   1 
ATOM   1092 H HG12 . ILE B 2 26 ? -3.454  -15.011 -1.680  1.00 32.36 ? 646 ILE D HG12 1 
ATOM   1093 H HG13 . ILE B 2 26 ? -4.482  -13.809 -1.530  1.00 32.36 ? 646 ILE D HG13 1 
ATOM   1094 H HG21 . ILE B 2 26 ? -2.921  -15.477 1.165   1.00 37.39 ? 646 ILE D HG21 1 
ATOM   1095 H HG22 . ILE B 2 26 ? -4.091  -16.474 1.496   1.00 37.39 ? 646 ILE D HG22 1 
ATOM   1096 H HG23 . ILE B 2 26 ? -3.241  -16.667 0.188   1.00 37.39 ? 646 ILE D HG23 1 
ATOM   1097 H HD11 . ILE B 2 26 ? -3.106  -12.843 0.065   1.00 33.30 ? 646 ILE D HD11 1 
ATOM   1098 H HD12 . ILE B 2 26 ? -2.088  -14.032 -0.084  1.00 33.30 ? 646 ILE D HD12 1 
ATOM   1099 H HD13 . ILE B 2 26 ? -2.319  -13.040 -1.281  1.00 33.30 ? 646 ILE D HD13 1 
ATOM   1100 N N    . GLU B 2 27 ? -7.206  -16.344 1.302   1.00 18.31 ? 647 GLU D N    1 
ATOM   1101 C CA   . GLU B 2 27 ? -7.862  -17.104 2.355   1.00 27.89 ? 647 GLU D CA   1 
ATOM   1102 C C    . GLU B 2 27 ? -8.799  -18.142 1.750   1.00 31.87 ? 647 GLU D C    1 
ATOM   1103 O O    . GLU B 2 27 ? -8.772  -19.304 2.139   1.00 34.40 ? 647 GLU D O    1 
ATOM   1104 C CB   . GLU B 2 27 ? -8.646  -16.181 3.288   1.00 26.16 ? 647 GLU D CB   1 
ATOM   1105 C CG   . GLU B 2 27 ? -9.367  -16.914 4.414   1.00 30.10 ? 647 GLU D CG   1 
ATOM   1106 C CD   . GLU B 2 27 ? -10.294 -16.007 5.198   1.00 50.37 ? 647 GLU D CD   1 
ATOM   1107 O OE1  . GLU B 2 27 ? -10.488 -14.847 4.781   1.00 52.84 ? 647 GLU D OE1  1 
ATOM   1108 O OE2  . GLU B 2 27 ? -10.834 -16.455 6.231   1.00 41.82 ? 647 GLU D OE2  1 
ATOM   1109 H H    . GLU B 2 27 ? -7.452  -15.521 1.262   1.00 21.89 ? 647 GLU D H    1 
ATOM   1110 H HA   . GLU B 2 27 ? -7.184  -17.574 2.885   1.00 33.39 ? 647 GLU D HA   1 
ATOM   1111 H HB2  . GLU B 2 27 ? -8.030  -15.549 3.692   1.00 31.32 ? 647 GLU D HB2  1 
ATOM   1112 H HB3  . GLU B 2 27 ? -9.312  -15.705 2.770   1.00 31.32 ? 647 GLU D HB3  1 
ATOM   1113 H HG2  . GLU B 2 27 ? -9.898  -17.632 4.035   1.00 36.04 ? 647 GLU D HG2  1 
ATOM   1114 H HG3  . GLU B 2 27 ? -8.709  -17.276 5.029   1.00 36.04 ? 647 GLU D HG3  1 
ATOM   1115 N N    . GLU B 2 28 ? -9.630  -17.722 0.800   1.00 40.87 ? 648 GLU D N    1 
ATOM   1116 C CA   . GLU B 2 28 ? -10.553 -18.648 0.148   1.00 34.93 ? 648 GLU D CA   1 
ATOM   1117 C C    . GLU B 2 28 ? -9.769  -19.820 -0.440  1.00 51.22 ? 648 GLU D C    1 
ATOM   1118 O O    . GLU B 2 28 ? -10.249 -20.954 -0.452  1.00 52.77 ? 648 GLU D O    1 
ATOM   1119 C CB   . GLU B 2 28 ? -11.387 -17.954 -0.941  1.00 33.60 ? 648 GLU D CB   1 
ATOM   1120 C CG   . GLU B 2 28 ? -12.340 -18.915 -1.668  1.00 45.98 ? 648 GLU D CG   1 
ATOM   1121 C CD   . GLU B 2 28 ? -13.273 -18.230 -2.659  1.00 62.30 ? 648 GLU D CD   1 
ATOM   1122 O OE1  . GLU B 2 28 ? -14.352 -18.801 -2.940  1.00 52.10 ? 648 GLU D OE1  1 
ATOM   1123 O OE2  . GLU B 2 28 ? -12.931 -17.139 -3.164  1.00 36.62 ? 648 GLU D OE2  1 
ATOM   1124 H H    . GLU B 2 28 ? -9.679  -16.912 0.516   1.00 48.97 ? 648 GLU D H    1 
ATOM   1125 H HA   . GLU B 2 28 ? -11.172 -19.004 0.819   1.00 41.84 ? 648 GLU D HA   1 
ATOM   1126 H HB2  . GLU B 2 28 ? -11.921 -17.255 -0.533  1.00 40.25 ? 648 GLU D HB2  1 
ATOM   1127 H HB3  . GLU B 2 28 ? -10.788 -17.571 -1.601  1.00 40.25 ? 648 GLU D HB3  1 
ATOM   1128 H HG2  . GLU B 2 28 ? -11.814 -19.565 -2.158  1.00 55.10 ? 648 GLU D HG2  1 
ATOM   1129 H HG3  . GLU B 2 28 ? -12.889 -19.367 -1.009  1.00 55.10 ? 648 GLU D HG3  1 
ATOM   1130 N N    . SER B 2 29 ? -8.556  -19.544 -0.912  1.00 35.78 ? 649 SER D N    1 
ATOM   1131 C CA   . SER B 2 29 ? -7.683  -20.588 -1.441  1.00 51.09 ? 649 SER D CA   1 
ATOM   1132 C C    . SER B 2 29 ? -7.203  -21.529 -0.338  1.00 55.70 ? 649 SER D C    1 
ATOM   1133 O O    . SER B 2 29 ? -7.034  -22.728 -0.570  1.00 46.78 ? 649 SER D O    1 
ATOM   1134 C CB   . SER B 2 29 ? -6.480  -19.970 -2.151  1.00 36.00 ? 649 SER D CB   1 
ATOM   1135 O OG   . SER B 2 29 ? -6.892  -19.235 -3.286  1.00 50.09 ? 649 SER D OG   1 
ATOM   1136 H H    . SER B 2 29 ? -8.213  -18.755 -0.937  1.00 42.86 ? 649 SER D H    1 
ATOM   1137 H HA   . SER B 2 29 ? -8.182  -21.118 -2.097  1.00 61.23 ? 649 SER D HA   1 
ATOM   1138 H HB2  . SER B 2 29 ? -6.023  -19.375 -1.536  1.00 43.13 ? 649 SER D HB2  1 
ATOM   1139 H HB3  . SER B 2 29 ? -5.882  -20.680 -2.433  1.00 43.13 ? 649 SER D HB3  1 
ATOM   1140 H HG   . SER B 2 29 ? -7.707  -19.270 -3.362  1.00 60.04 ? 649 SER D HG   1 
ATOM   1141 N N    . GLN B 2 30 ? -6.977  -20.980 0.854   1.00 54.75 ? 650 GLN D N    1 
ATOM   1142 C CA   . GLN B 2 30 ? -6.591  -21.784 2.016   1.00 66.56 ? 650 GLN D CA   1 
ATOM   1143 C C    . GLN B 2 30 ? -7.632  -22.869 2.226   1.00 64.58 ? 650 GLN D C    1 
ATOM   1144 O O    . GLN B 2 30 ? -7.333  -23.944 2.749   1.00 82.02 ? 650 GLN D O    1 
ATOM   1145 C CB   . GLN B 2 30 ? -6.501  -20.929 3.286   1.00 57.71 ? 650 GLN D CB   1 
ATOM   1146 C CG   . GLN B 2 30 ? -5.887  -19.551 3.093   1.00 70.80 ? 650 GLN D CG   1 
ATOM   1147 C CD   . GLN B 2 30 ? -4.374  -19.534 3.173   1.00 65.39 ? 650 GLN D CD   1 
ATOM   1148 O OE1  . GLN B 2 30 ? -3.778  -18.500 3.487   1.00 46.51 ? 650 GLN D OE1  1 
ATOM   1149 N NE2  . GLN B 2 30 ? -3.742  -20.663 2.880   1.00 51.88 ? 650 GLN D NE2  1 
ATOM   1150 H H    . GLN B 2 30 ? -7.041  -20.139 1.020   1.00 65.63 ? 650 GLN D H    1 
ATOM   1151 H HA   . GLN B 2 30 ? -5.721  -22.205 1.855   1.00 79.80 ? 650 GLN D HA   1 
ATOM   1152 H HB2  . GLN B 2 30 ? -7.396  -20.802 3.637   1.00 69.18 ? 650 GLN D HB2  1 
ATOM   1153 H HB3  . GLN B 2 30 ? -5.960  -21.400 3.938   1.00 69.18 ? 650 GLN D HB3  1 
ATOM   1154 H HG2  . GLN B 2 30 ? -6.142  -19.217 2.220   1.00 84.88 ? 650 GLN D HG2  1 
ATOM   1155 H HG3  . GLN B 2 30 ? -6.228  -18.960 3.783   1.00 84.88 ? 650 GLN D HG3  1 
ATOM   1156 H HE21 . GLN B 2 30 ? -2.884  -20.697 2.913   1.00 62.18 ? 650 GLN D HE21 1 
ATOM   1157 H HE22 . GLN B 2 30 ? -4.191  -21.362 2.658   1.00 62.18 ? 650 GLN D HE22 1 
ATOM   1158 N N    . ASN B 2 31 ? -8.863  -22.570 1.826   1.00 63.97 ? 651 ASN D N    1 
ATOM   1159 C CA   . ASN B 2 31 ? -9.950  -23.535 1.897   1.00 63.92 ? 651 ASN D CA   1 
ATOM   1160 C C    . ASN B 2 31 ? -10.022 -24.344 0.608   1.00 52.74 ? 651 ASN D C    1 
ATOM   1161 O O    . ASN B 2 31 ? -11.058 -24.919 0.282   1.00 57.43 ? 651 ASN D O    1 
ATOM   1162 C CB   . ASN B 2 31 ? -11.281 -22.823 2.145   1.00 65.00 ? 651 ASN D CB   1 
ATOM   1163 C CG   . ASN B 2 31 ? -11.183 -21.748 3.217   1.00 74.03 ? 651 ASN D CG   1 
ATOM   1164 O OD1  . ASN B 2 31 ? -10.197 -21.669 3.953   1.00 64.79 ? 651 ASN D OD1  1 
ATOM   1165 N ND2  . ASN B 2 31 ? -12.214 -20.915 3.311   1.00 65.91 ? 651 ASN D ND2  1 
ATOM   1166 H H    . ASN B 2 31 ? -9.096  -21.807 1.506   1.00 76.70 ? 651 ASN D H    1 
ATOM   1167 H HA   . ASN B 2 31 ? -9.786  -24.153 2.640   1.00 76.64 ? 651 ASN D HA   1 
ATOM   1168 H HB2  . ASN B 2 31 ? -11.573 -22.401 1.322   1.00 77.93 ? 651 ASN D HB2  1 
ATOM   1169 H HB3  . ASN B 2 31 ? -11.939 -23.475 2.435   1.00 77.93 ? 651 ASN D HB3  1 
ATOM   1170 H HD21 . ASN B 2 31 ? -12.208 -20.288 3.900   1.00 79.02 ? 651 ASN D HD21 1 
ATOM   1171 H HD22 . ASN B 2 31 ? -12.887 -21.002 2.783   1.00 79.02 ? 651 ASN D HD22 1 
HETATM 1172 C C    . ACY C 3 .  ? -0.593  23.287  2.446   0.64 18.92 ? 601 ACY C C    1 
HETATM 1173 O O    . ACY C 3 .  ? -0.164  22.123  2.308   0.64 25.85 ? 601 ACY C O    1 
HETATM 1174 O OXT  . ACY C 3 .  ? -0.680  23.888  3.544   0.64 21.46 ? 601 ACY C OXT  1 
HETATM 1175 C CH3  . ACY C 3 .  ? -1.038  24.000  1.205   0.64 32.72 ? 601 ACY C CH3  1 
HETATM 1176 H H1   . ACY C 3 .  ? -0.904  23.347  0.342   0.64 39.19 ? 601 ACY C H1   1 
HETATM 1177 H H2   . ACY C 3 .  ? -2.089  24.270  1.298   0.64 39.19 ? 601 ACY C H2   1 
HETATM 1178 H H3   . ACY C 3 .  ? -0.441  24.904  1.071   0.64 39.19 ? 601 ACY C H3   1 
HETATM 1179 C C1   . GOL D 4 .  ? 8.548   23.408  -2.733  1.00 45.91 ? 602 GOL C C1   1 
HETATM 1180 O O1   . GOL D 4 .  ? 9.942   23.610  -2.828  1.00 45.24 ? 602 GOL C O1   1 
HETATM 1181 C C2   . GOL D 4 .  ? 8.160   22.207  -3.589  1.00 39.27 ? 602 GOL C C2   1 
HETATM 1182 O O2   . GOL D 4 .  ? 9.083   22.088  -4.644  1.00 39.54 ? 602 GOL C O2   1 
HETATM 1183 C C3   . GOL D 4 .  ? 6.750   22.351  -4.162  1.00 40.41 ? 602 GOL C C3   1 
HETATM 1184 O O3   . GOL D 4 .  ? 5.798   22.361  -3.120  1.00 46.15 ? 602 GOL C O3   1 
HETATM 1185 H H11  . GOL D 4 .  ? 8.270   23.228  -1.694  1.00 55.02 ? 602 GOL C H11  1 
HETATM 1186 H H12  . GOL D 4 .  ? 8.021   24.296  -3.080  1.00 55.02 ? 602 GOL C H12  1 
HETATM 1187 H HO1  . GOL D 4 .  ? 10.189  24.420  -2.334  1.00 54.21 ? 602 GOL C HO1  1 
HETATM 1188 H H2   . GOL D 4 .  ? 8.193   21.311  -2.968  1.00 47.05 ? 602 GOL C H2   1 
HETATM 1189 H HO2  . GOL D 4 .  ? 8.859   21.305  -5.188  1.00 47.37 ? 602 GOL C HO2  1 
HETATM 1190 H H31  . GOL D 4 .  ? 6.680   23.278  -4.731  1.00 48.41 ? 602 GOL C H31  1 
HETATM 1191 H H32  . GOL D 4 .  ? 6.544   21.522  -4.839  1.00 48.41 ? 602 GOL C H32  1 
HETATM 1192 H HO3  . GOL D 4 .  ? 6.071   23.004  -2.433  1.00 55.30 ? 602 GOL C HO3  1 
HETATM 1193 O O    . HOH E 5 .  ? 8.665   19.065  -4.296  1.00 8.93  ? 701 HOH C O    1 
HETATM 1194 O O    . HOH E 5 .  ? 3.780   15.428  6.728   1.00 11.09 ? 702 HOH C O    1 
HETATM 1195 O O    . HOH E 5 .  ? 3.136   -19.155 5.913   1.00 14.34 ? 703 HOH C O    1 
HETATM 1196 O O    . HOH E 5 .  ? 3.564   18.164  6.955   1.00 13.38 ? 704 HOH C O    1 
HETATM 1197 O O    . HOH E 5 .  ? 4.851   19.313  9.081   1.00 12.83 ? 705 HOH C O    1 
HETATM 1198 O O    . HOH E 5 .  ? 4.166   -17.380 2.610   1.00 13.79 ? 706 HOH C O    1 
HETATM 1199 O O    . HOH E 5 .  ? 5.968   -2.033  -4.398  0.50 10.96 ? 707 HOH C O    1 
HETATM 1200 O O    . HOH E 5 .  ? 5.130   -19.673 3.935   1.00 15.25 ? 708 HOH C O    1 
HETATM 1201 O O    . HOH E 5 .  ? 4.723   27.063  10.195  1.00 13.53 ? 709 HOH C O    1 
HETATM 1202 O O    . HOH E 5 .  ? 6.734   20.893  8.039   1.00 15.49 ? 710 HOH C O    1 
HETATM 1203 O O    . HOH E 5 .  ? 12.614  28.258  1.565   1.00 17.71 ? 711 HOH C O    1 
HETATM 1204 O O    . HOH E 5 .  ? 9.076   14.741  9.008   1.00 15.10 ? 712 HOH C O    1 
HETATM 1205 O O    . HOH E 5 .  ? 5.588   -25.580 0.140   1.00 24.13 ? 713 HOH C O    1 
HETATM 1206 O O    . HOH E 5 .  ? 7.193   24.689  9.009   1.00 23.57 ? 714 HOH C O    1 
HETATM 1207 O O    . HOH E 5 .  ? 4.235   9.296   8.693   1.00 23.67 ? 715 HOH C O    1 
HETATM 1208 O O    . HOH E 5 .  ? 6.842   13.228  8.378   1.00 16.78 ? 716 HOH C O    1 
HETATM 1209 O O    . HOH E 5 .  ? 3.904   4.601   6.943   1.00 19.54 ? 717 HOH C O    1 
HETATM 1210 O O    . HOH E 5 .  ? 9.678   -23.194 3.793   1.00 24.62 ? 718 HOH C O    1 
HETATM 1211 O O    . HOH E 5 .  ? 9.675   -24.130 1.403   1.00 26.47 ? 719 HOH C O    1 
HETATM 1212 O O    . HOH E 5 .  ? 4.597   14.537  9.127   1.00 21.04 ? 720 HOH C O    1 
HETATM 1213 O O    . HOH E 5 .  ? 6.635   10.111  7.999   1.00 26.29 ? 721 HOH C O    1 
HETATM 1214 O O    . HOH E 5 .  ? 1.043   -28.021 -4.766  1.00 38.44 ? 722 HOH C O    1 
HETATM 1215 O O    . HOH E 5 .  ? 8.455   16.810  10.474  1.00 25.99 ? 723 HOH C O    1 
HETATM 1216 O O    . HOH E 5 .  ? 0.096   13.339  3.688   1.00 28.44 ? 724 HOH C O    1 
HETATM 1217 O O    . HOH E 5 .  ? 1.821   9.866   3.655   1.00 20.95 ? 725 HOH C O    1 
HETATM 1218 O O    . HOH E 5 .  ? 5.768   17.237  10.734  1.00 25.14 ? 726 HOH C O    1 
HETATM 1219 O O    . HOH E 5 .  ? -2.466  -15.998 4.349   1.00 36.15 ? 727 HOH C O    1 
HETATM 1220 O O    . HOH E 5 .  ? -0.150  -11.972 3.001   1.00 21.73 ? 728 HOH C O    1 
HETATM 1221 O O    . HOH E 5 .  ? -2.542  -13.533 3.752   1.00 27.43 ? 729 HOH C O    1 
HETATM 1222 O O    . HOH E 5 .  ? 2.883   7.344   7.047   1.00 28.15 ? 730 HOH C O    1 
HETATM 1223 O O    . HOH E 5 .  ? 3.638   20.727  -0.732  1.00 40.44 ? 731 HOH C O    1 
HETATM 1224 O O    . HOH E 5 .  ? 0.455   15.285  -0.665  1.00 38.02 ? 732 HOH C O    1 
HETATM 1225 O O    . HOH E 5 .  ? 9.293   19.587  9.638   1.00 32.46 ? 733 HOH C O    1 
HETATM 1226 O O    . HOH E 5 .  ? 1.495   3.275   7.357   1.00 35.76 ? 734 HOH C O    1 
HETATM 1227 O O    . HOH E 5 .  ? 3.634   -26.445 -5.129  1.00 32.27 ? 735 HOH C O    1 
HETATM 1228 O O    . HOH E 5 .  ? 7.001   27.591  11.540  1.00 29.71 ? 736 HOH C O    1 
HETATM 1229 O O    . HOH E 5 .  ? -0.872  -9.482  3.899   1.00 37.48 ? 737 HOH C O    1 
HETATM 1230 O O    . HOH E 5 .  ? 10.551  12.855  10.274  1.00 35.91 ? 738 HOH C O    1 
HETATM 1231 O O    . HOH E 5 .  ? 3.045   11.764  9.585   1.00 44.31 ? 739 HOH C O    1 
HETATM 1232 O O    . HOH E 5 .  ? 4.506   17.244  13.102  1.00 43.73 ? 740 HOH C O    1 
HETATM 1233 O O    . HOH E 5 .  ? 1.108   17.023  -2.728  1.00 37.91 ? 741 HOH C O    1 
HETATM 1234 O O    . HOH E 5 .  ? 8.519   6.763   11.396  1.00 34.11 ? 742 HOH C O    1 
HETATM 1235 O O    . HOH E 5 .  ? 3.776   -1.794  9.066   1.00 33.16 ? 743 HOH C O    1 
HETATM 1236 O O    . HOH E 5 .  ? 3.877   -3.530  7.537   1.00 40.54 ? 744 HOH C O    1 
HETATM 1237 O O    . HOH E 5 .  ? 2.962   -24.759 -6.871  1.00 38.46 ? 745 HOH C O    1 
HETATM 1238 O O    . HOH E 5 .  ? 2.740   -10.724 -6.679  0.50 22.38 ? 746 HOH C O    1 
HETATM 1239 O O    . HOH E 5 .  ? 10.069  5.086   10.954  1.00 34.47 ? 747 HOH C O    1 
HETATM 1240 O O    . HOH E 5 .  ? 16.650  26.730  3.148   0.50 40.95 ? 748 HOH C O    1 
HETATM 1241 O O    . HOH E 5 .  ? 15.094  28.183  5.710   1.00 45.08 ? 749 HOH C O    1 
HETATM 1242 O O    . HOH E 5 .  ? 8.205   22.288  9.760   1.00 37.45 ? 750 HOH C O    1 
HETATM 1243 O O    . HOH E 5 .  ? 14.653  28.111  3.157   1.00 40.95 ? 751 HOH C O    1 
HETATM 1244 O O    . HOH E 5 .  ? 3.966   -7.122  5.878   1.00 27.83 ? 752 HOH C O    1 
HETATM 1245 O O    . HOH E 5 .  ? 4.790   7.580   11.246  1.00 38.02 ? 753 HOH C O    1 
HETATM 1246 O O    . HOH E 5 .  ? 10.571  32.265  0.842   1.00 39.93 ? 754 HOH C O    1 
HETATM 1247 O O    . HOH E 5 .  ? 14.859  27.382  10.678  1.00 49.29 ? 755 HOH C O    1 
HETATM 1248 O O    . HOH E 5 .  ? 7.694   30.746  0.322   1.00 46.94 ? 756 HOH C O    1 
HETATM 1249 O O    . HOH E 5 .  ? 9.436   26.546  -1.823  1.00 37.95 ? 757 HOH C O    1 
HETATM 1250 O O    . HOH E 5 .  ? -2.648  -11.727 2.026   1.00 39.82 ? 758 HOH C O    1 
HETATM 1251 O O    . HOH E 5 .  ? 0.703   1.297   5.583   1.00 36.84 ? 759 HOH C O    1 
HETATM 1252 O O    . HOH E 5 .  ? -1.544  -1.968  2.128   1.00 43.24 ? 760 HOH C O    1 
HETATM 1253 O O    . HOH E 5 .  ? 6.186   8.443   12.606  1.00 42.33 ? 761 HOH C O    1 
HETATM 1254 O O    . HOH E 5 .  ? 5.243   -8.391  7.525   1.00 50.88 ? 762 HOH C O    1 
HETATM 1255 O O    . HOH F 5 .  ? -4.874  13.699  -1.666  1.00 21.45 ? 701 HOH D O    1 
HETATM 1256 O O    . HOH F 5 .  ? 2.599   13.891  -5.372  1.00 18.78 ? 702 HOH D O    1 
HETATM 1257 O O    . HOH F 5 .  ? -2.792  14.438  -3.815  1.00 23.62 ? 703 HOH D O    1 
HETATM 1258 O O    . HOH F 5 .  ? -10.499 -9.123  3.312   1.00 29.62 ? 704 HOH D O    1 
HETATM 1259 O O    . HOH F 5 .  ? -8.852  -3.060  -11.918 1.00 32.12 ? 705 HOH D O    1 
HETATM 1260 O O    . HOH F 5 .  ? -9.763  -6.749  4.591   1.00 39.55 ? 706 HOH D O    1 
HETATM 1261 O O    . HOH F 5 .  ? -10.969 1.777   0.842   1.00 39.15 ? 707 HOH D O    1 
HETATM 1262 O O    . HOH F 5 .  ? -3.894  -1.619  3.224   1.00 38.72 ? 708 HOH D O    1 
HETATM 1263 O O    . HOH F 5 .  ? -9.843  3.145   2.432   1.00 39.84 ? 709 HOH D O    1 
HETATM 1264 O O    . HOH F 5 .  ? -8.216  10.960  -7.555  1.00 44.41 ? 710 HOH D O    1 
HETATM 1265 O O    . HOH F 5 .  ? -8.516  7.870   1.184   1.00 28.99 ? 711 HOH D O    1 
HETATM 1266 O O    . HOH F 5 .  ? -10.892 9.259   -3.069  1.00 36.13 ? 712 HOH D O    1 
HETATM 1267 O O    . HOH F 5 .  ? -2.848  -10.002 5.717   1.00 36.03 ? 713 HOH D O    1 
HETATM 1268 O O    . HOH F 5 .  ? -8.626  9.212   -9.684  1.00 38.68 ? 714 HOH D O    1 
HETATM 1269 O O    . HOH F 5 .  ? -0.997  -3.562  0.656   1.00 32.72 ? 715 HOH D O    1 
HETATM 1270 O O    . HOH F 5 .  ? -2.073  11.831  4.150   1.00 38.63 ? 716 HOH D O    1 
HETATM 1271 O O    . HOH F 5 .  ? -13.094 -8.894  -0.403  1.00 42.10 ? 717 HOH D O    1 
HETATM 1272 O O    . HOH F 5 .  ? -2.747  10.463  2.120   1.00 41.53 ? 718 HOH D O    1 
HETATM 1273 O O    . HOH F 5 .  ? 1.269   16.221  -5.056  1.00 43.51 ? 719 HOH D O    1 
HETATM 1274 O O    . HOH F 5 .  ? -5.493  16.316  1.134   1.00 42.91 ? 720 HOH D O    1 
HETATM 1275 O O    . HOH F 5 .  ? -8.620  -0.729  -5.651  1.00 31.75 ? 721 HOH D O    1 
HETATM 1276 O O    . HOH F 5 .  ? -3.911  14.159  1.060   1.00 43.11 ? 722 HOH D O    1 
HETATM 1277 O O    . HOH F 5 .  ? -0.932  11.541  -11.865 1.00 42.14 ? 723 HOH D O    1 
HETATM 1278 O O    . HOH F 5 .  ? -11.114 8.465   -0.482  1.00 47.65 ? 724 HOH D O    1 
HETATM 1279 O O    . HOH F 5 .  ? -1.974  14.799  -12.741 1.00 50.92 ? 725 HOH D O    1 
# 
